data_9OIO
#
_entry.id   9OIO
#
_cell.length_a   92.904
_cell.length_b   92.904
_cell.length_c   359.384
_cell.angle_alpha   90.000
_cell.angle_beta   90.000
_cell.angle_gamma   90.000
#
_symmetry.space_group_name_H-M   'P 41 2 2'
#
loop_
_entity.id
_entity.type
_entity.pdbx_description
1 polymer Elongin-B
2 polymer Elongin-C
3 polymer 'von Hippel-Lindau disease tumor suppressor'
4 polymer 'von Hippel-Lindau disease tumor suppressor'
5 non-polymer 1-[(2-fluorophenyl)methyl]-4-(propan-2-yl)piperazine
6 non-polymer 'DIMETHYL SULFOXIDE'
7 non-polymer 1-[6-[oxidanyl(oxidanylidene)-$l^{4}-azanyl]-2,3-dihydroindol-1-yl]ethanone
8 water water
#
loop_
_entity_poly.entity_id
_entity_poly.type
_entity_poly.pdbx_seq_one_letter_code
_entity_poly.pdbx_strand_id
1 'polypeptide(L)'
;MDVFLMIRRHKTTIFTDAKESSTVFELKRIVEGILKRPPDEQRLYKDDQLLDDGKTLGECGFTSQTARPQAPATVGLAFR
ADDTFEALCIEPFSSPPELPDVMK
;
A,D,G,J
2 'polypeptide(L)'
;MGMYVKLISSDGHEFIVKREHALTSGTIKAMLSGPGQFAENETNEVNFREIPSHVLSKVCMYFTYKVRYTNSSTEIPEFP
IAPEIALELLMAANFLDC
;
B,E,H,K
3 'polypeptide(L)'
;MGSSHHHHHHSSGLVPRGSHMEAGRPRPVLRSVNSREPSQVIF(CAS)NRSPRVVLPVWLNFDGEPQPYPTLPPGTGRRI
HSYRGHLWLFRDAGTHDGLLVNQTELFVPSLNVDGQPIFANITLPVYTLKERCLQVVRSLVKPENYRRLDIVRSLYEDLE
DHPNVQKDLERLTQERIAHQRMGD
;
C,F,L
4 'polypeptide(L)'
;MGSSHHHHHHSSGLVPRGSHMEAGRPRPVLRSVNSREPSQVIFCNRSPRVVLPVWLNFDGEPQPYPTLPPGTGRRIHSYR
GHLWLFRDAGTHDGLLVNQTELFVPSLNVDGQPIFANITLPVYTLKERCLQVVRSLVKPENYRRLDIVRSLYEDLEDHPN
VQKDLERLTQERIAHQRMGD
;
I
#
# COMPACT_ATOMS: atom_id res chain seq x y z
N MET A 1 -24.27 33.97 -3.93
CA MET A 1 -23.15 33.30 -3.26
C MET A 1 -22.37 34.23 -2.32
N ASP A 2 -22.25 33.79 -1.07
CA ASP A 2 -21.56 34.55 -0.05
C ASP A 2 -20.06 34.29 -0.16
N VAL A 3 -19.28 35.36 -0.09
CA VAL A 3 -17.84 35.24 0.01
C VAL A 3 -17.42 35.86 1.34
N PHE A 4 -16.36 35.33 1.93
CA PHE A 4 -15.97 35.68 3.28
C PHE A 4 -14.58 36.31 3.25
N LEU A 5 -14.48 37.50 3.85
CA LEU A 5 -13.37 38.39 3.61
C LEU A 5 -12.77 38.84 4.93
N MET A 6 -11.47 39.12 4.88
CA MET A 6 -10.79 39.94 5.85
C MET A 6 -10.39 41.19 5.12
N ILE A 7 -10.93 42.33 5.52
CA ILE A 7 -10.50 43.60 4.94
C ILE A 7 -9.44 44.18 5.86
N ARG A 8 -8.24 44.44 5.30
CA ARG A 8 -7.07 44.68 6.13
C ARG A 8 -6.35 45.96 5.73
N ARG A 9 -6.05 46.77 6.73
CA ARG A 9 -5.23 47.95 6.57
C ARG A 9 -4.47 48.13 7.87
N HIS A 10 -3.15 48.29 7.79
CA HIS A 10 -2.28 48.59 8.94
C HIS A 10 -2.46 47.48 9.97
N LYS A 11 -2.99 47.77 11.17
CA LYS A 11 -3.27 46.77 12.19
C LYS A 11 -4.78 46.55 12.36
N THR A 12 -5.55 46.86 11.33
CA THR A 12 -7.01 46.69 11.33
C THR A 12 -7.37 45.55 10.42
N THR A 13 -8.31 44.73 10.87
CA THR A 13 -8.84 43.61 10.10
C THR A 13 -10.34 43.57 10.32
N ILE A 14 -11.10 43.70 9.24
CA ILE A 14 -12.55 43.58 9.27
C ILE A 14 -12.93 42.21 8.74
N PHE A 15 -13.61 41.42 9.56
CA PHE A 15 -14.21 40.18 9.06
C PHE A 15 -15.60 40.54 8.57
N THR A 16 -15.87 40.29 7.30
CA THR A 16 -17.22 40.48 6.81
C THR A 16 -17.43 39.57 5.60
N ASP A 17 -18.70 39.41 5.25
CA ASP A 17 -19.11 38.63 4.09
C ASP A 17 -19.80 39.55 3.09
N ALA A 18 -19.93 39.07 1.86
CA ALA A 18 -20.59 39.85 0.82
C ALA A 18 -21.01 38.92 -0.29
N LYS A 19 -21.88 39.39 -1.14
CA LYS A 19 -22.23 38.53 -2.27
C LYS A 19 -21.12 38.56 -3.30
N GLU A 20 -20.92 37.42 -3.97
CA GLU A 20 -19.99 37.36 -5.08
C GLU A 20 -20.38 38.35 -6.17
N SER A 21 -21.66 38.59 -6.37
CA SER A 21 -22.11 39.52 -7.41
C SER A 21 -22.05 40.99 -6.98
N SER A 22 -21.81 41.28 -5.70
CA SER A 22 -21.68 42.67 -5.28
C SER A 22 -20.37 43.27 -5.80
N THR A 23 -20.30 44.60 -5.80
CA THR A 23 -19.21 45.30 -6.45
C THR A 23 -18.16 45.74 -5.43
N VAL A 24 -16.94 45.96 -5.94
CA VAL A 24 -15.89 46.57 -5.13
C VAL A 24 -16.38 47.86 -4.48
N PHE A 25 -17.16 48.66 -5.22
CA PHE A 25 -17.68 49.88 -4.63
C PHE A 25 -18.65 49.56 -3.48
N GLU A 26 -19.55 48.58 -3.67
CA GLU A 26 -20.46 48.25 -2.58
C GLU A 26 -19.71 47.74 -1.35
N LEU A 27 -18.55 47.09 -1.55
CA LEU A 27 -17.73 46.74 -0.40
C LEU A 27 -17.16 47.98 0.26
N LYS A 28 -16.84 49.01 -0.53
CA LYS A 28 -16.35 50.25 0.07
C LYS A 28 -17.41 50.91 0.92
N ARG A 29 -18.68 50.77 0.54
CA ARG A 29 -19.77 51.27 1.36
C ARG A 29 -19.83 50.51 2.68
N ILE A 30 -19.60 49.19 2.62
CA ILE A 30 -19.47 48.41 3.84
C ILE A 30 -18.35 48.97 4.71
N VAL A 31 -17.17 49.17 4.10
CA VAL A 31 -16.04 49.73 4.86
C VAL A 31 -16.42 51.08 5.43
N GLU A 32 -17.11 51.90 4.64
CA GLU A 32 -17.46 53.24 5.11
C GLU A 32 -18.38 53.16 6.32
N GLY A 33 -19.35 52.24 6.29
CA GLY A 33 -20.22 52.11 7.45
C GLY A 33 -19.48 51.74 8.72
N ILE A 34 -18.31 51.11 8.60
CA ILE A 34 -17.60 50.57 9.75
C ILE A 34 -16.48 51.51 10.20
N LEU A 35 -15.65 51.96 9.27
CA LEU A 35 -14.50 52.79 9.61
C LEU A 35 -14.73 54.27 9.35
N LYS A 36 -15.90 54.65 8.82
CA LYS A 36 -16.32 56.05 8.64
C LYS A 36 -15.36 56.84 7.76
N ARG A 37 -14.94 56.24 6.66
CA ARG A 37 -14.19 56.91 5.62
C ARG A 37 -14.96 56.63 4.33
N PRO A 38 -15.23 57.65 3.53
CA PRO A 38 -16.11 57.47 2.36
C PRO A 38 -15.38 56.70 1.27
N PRO A 39 -16.13 56.10 0.34
CA PRO A 39 -15.48 55.31 -0.73
C PRO A 39 -14.38 56.02 -1.50
N ASP A 40 -14.55 57.32 -1.80
CA ASP A 40 -13.55 58.05 -2.57
C ASP A 40 -12.23 58.20 -1.83
N GLU A 41 -12.22 57.91 -0.53
CA GLU A 41 -11.01 57.94 0.28
C GLU A 41 -10.44 56.54 0.54
N GLN A 42 -10.91 55.53 -0.20
CA GLN A 42 -10.49 54.16 -0.04
C GLN A 42 -9.97 53.59 -1.35
N ARG A 43 -8.92 52.79 -1.27
CA ARG A 43 -8.51 51.92 -2.37
C ARG A 43 -8.53 50.49 -1.84
N LEU A 44 -9.17 49.60 -2.58
CA LEU A 44 -9.24 48.19 -2.22
C LEU A 44 -8.34 47.38 -3.15
N TYR A 45 -7.63 46.41 -2.58
CA TYR A 45 -6.64 45.59 -3.26
C TYR A 45 -6.89 44.11 -3.02
N LYS A 46 -6.61 43.32 -4.04
CA LYS A 46 -6.34 41.89 -3.86
C LYS A 46 -4.87 41.71 -4.20
N ASP A 47 -4.07 41.29 -3.22
CA ASP A 47 -2.60 41.23 -3.38
C ASP A 47 -2.13 42.66 -3.60
N ASP A 48 -1.30 42.93 -4.61
CA ASP A 48 -0.78 44.26 -4.93
C ASP A 48 -1.66 44.99 -5.93
N GLN A 49 -2.74 44.36 -6.36
CA GLN A 49 -3.56 44.77 -7.48
C GLN A 49 -4.71 45.65 -7.00
N LEU A 50 -4.73 46.90 -7.45
CA LEU A 50 -5.86 47.78 -7.22
C LEU A 50 -7.11 47.25 -7.89
N LEU A 51 -8.25 47.42 -7.23
CA LEU A 51 -9.50 46.87 -7.71
C LEU A 51 -10.43 47.96 -8.23
N ASP A 52 -11.06 47.66 -9.36
CA ASP A 52 -11.98 48.57 -10.04
C ASP A 52 -13.32 48.59 -9.32
N ASP A 53 -13.80 49.79 -8.99
CA ASP A 53 -15.06 49.95 -8.25
C ASP A 53 -16.22 49.18 -8.87
N GLY A 54 -16.29 49.13 -10.20
CA GLY A 54 -17.44 48.55 -10.87
C GLY A 54 -17.36 47.06 -11.01
N LYS A 55 -16.23 46.48 -10.67
CA LYS A 55 -16.05 45.04 -10.79
C LYS A 55 -16.76 44.31 -9.64
N THR A 56 -17.32 43.16 -9.94
CA THR A 56 -17.85 42.37 -8.86
C THR A 56 -16.73 41.62 -8.13
N LEU A 57 -17.04 41.22 -6.91
CA LEU A 57 -16.04 40.51 -6.11
C LEU A 57 -15.60 39.23 -6.82
N GLY A 58 -16.53 38.55 -7.48
CA GLY A 58 -16.15 37.35 -8.24
C GLY A 58 -15.16 37.64 -9.35
N GLU A 59 -15.41 38.68 -10.14
CA GLU A 59 -14.44 39.11 -11.15
C GLU A 59 -13.12 39.55 -10.51
N CYS A 60 -13.13 39.95 -9.25
CA CYS A 60 -11.90 40.28 -8.56
C CYS A 60 -11.26 39.07 -7.90
N GLY A 61 -11.78 37.88 -8.15
CA GLY A 61 -11.18 36.68 -7.66
C GLY A 61 -11.67 36.18 -6.32
N PHE A 62 -12.76 36.75 -5.76
CA PHE A 62 -13.37 36.28 -4.51
C PHE A 62 -14.54 35.37 -4.82
N THR A 63 -14.36 34.07 -4.59
CA THR A 63 -15.33 33.03 -4.92
C THR A 63 -15.56 32.10 -3.73
N SER A 64 -16.60 31.27 -3.84
CA SER A 64 -16.80 30.26 -2.80
C SER A 64 -15.57 29.39 -2.64
N GLN A 65 -14.71 29.30 -3.65
CA GLN A 65 -13.51 28.47 -3.53
C GLN A 65 -12.39 29.16 -2.77
N THR A 66 -12.28 30.48 -2.91
CA THR A 66 -11.15 31.24 -2.36
C THR A 66 -11.51 32.10 -1.16
N ALA A 67 -12.79 32.25 -0.82
CA ALA A 67 -13.21 33.17 0.23
C ALA A 67 -14.22 32.45 1.11
N ARG A 68 -13.71 31.54 1.95
CA ARG A 68 -14.45 30.56 2.75
C ARG A 68 -14.55 31.05 4.18
N PRO A 69 -15.60 30.66 4.90
CA PRO A 69 -15.78 31.15 6.28
C PRO A 69 -14.57 30.89 7.16
N GLN A 70 -14.04 29.67 7.12
CA GLN A 70 -12.88 29.30 7.92
C GLN A 70 -11.55 29.71 7.29
N ALA A 71 -11.58 30.26 6.06
CA ALA A 71 -10.36 30.67 5.35
C ALA A 71 -10.71 31.86 4.46
N PRO A 72 -10.93 33.02 5.05
CA PRO A 72 -11.40 34.16 4.26
C PRO A 72 -10.31 34.71 3.37
N ALA A 73 -10.73 35.30 2.25
CA ALA A 73 -9.81 36.00 1.36
C ALA A 73 -9.52 37.39 1.90
N THR A 74 -8.29 37.86 1.67
CA THR A 74 -7.85 39.14 2.18
C THR A 74 -8.07 40.24 1.15
N VAL A 75 -8.70 41.32 1.58
CA VAL A 75 -8.83 42.53 0.77
C VAL A 75 -7.97 43.57 1.44
N GLY A 76 -6.99 44.09 0.71
CA GLY A 76 -6.19 45.20 1.22
C GLY A 76 -6.95 46.51 1.09
N LEU A 77 -6.79 47.36 2.08
CA LEU A 77 -7.44 48.66 2.12
C LEU A 77 -6.39 49.74 2.36
N ALA A 78 -6.48 50.83 1.59
CA ALA A 78 -5.61 51.98 1.75
C ALA A 78 -6.47 53.23 1.73
N PHE A 79 -6.16 54.15 2.63
CA PHE A 79 -6.91 55.38 2.82
C PHE A 79 -6.21 56.55 2.13
N ARG A 80 -7.00 57.56 1.76
CA ARG A 80 -6.48 58.78 1.17
C ARG A 80 -6.21 59.82 2.25
N ALA A 81 -4.99 60.34 2.28
CA ALA A 81 -4.61 61.37 3.23
C ALA A 81 -5.28 62.70 2.89
N ASP A 82 -4.52 63.61 2.29
CA ASP A 82 -5.02 64.91 1.84
C ASP A 82 -4.83 64.93 0.32
N ASP A 83 -5.78 64.32 -0.39
CA ASP A 83 -5.78 64.16 -1.84
C ASP A 83 -4.66 63.24 -2.34
N THR A 84 -3.93 62.60 -1.42
CA THR A 84 -2.86 61.65 -1.74
C THR A 84 -3.17 60.31 -1.07
N PHE A 85 -3.21 59.23 -1.86
CA PHE A 85 -3.43 57.90 -1.27
C PHE A 85 -2.15 57.35 -0.66
N GLU A 86 -2.26 56.86 0.58
CA GLU A 86 -1.16 56.16 1.23
C GLU A 86 -0.82 54.90 0.45
N ALA A 87 0.40 54.40 0.66
CA ALA A 87 0.72 53.09 0.11
C ALA A 87 0.01 51.99 0.90
N LEU A 88 -0.30 50.91 0.20
CA LEU A 88 -0.97 49.80 0.86
C LEU A 88 -0.02 49.19 1.86
N CYS A 89 -0.34 49.29 3.15
CA CYS A 89 0.46 48.64 4.18
C CYS A 89 -0.45 47.80 5.04
N ILE A 90 -0.14 46.51 5.16
CA ILE A 90 -0.88 45.59 6.01
C ILE A 90 0.11 45.01 7.00
N GLU A 91 -0.13 45.24 8.28
CA GLU A 91 0.83 44.73 9.23
C GLU A 91 0.61 43.24 9.43
N PRO A 92 1.65 42.40 9.35
CA PRO A 92 1.43 40.97 9.56
C PRO A 92 0.98 40.64 10.97
N PHE A 93 0.29 39.51 11.11
CA PHE A 93 0.02 39.00 12.43
C PHE A 93 1.31 38.52 13.08
N SER A 94 1.26 38.37 14.39
CA SER A 94 2.41 37.86 15.13
C SER A 94 2.74 36.43 14.71
N SER A 95 3.95 35.99 15.07
CA SER A 95 4.40 34.65 14.76
C SER A 95 4.22 33.71 15.94
N PRO A 96 3.83 32.48 15.68
CA PRO A 96 3.71 31.49 16.75
C PRO A 96 5.09 31.08 17.21
N PRO A 97 5.22 30.58 18.44
CA PRO A 97 6.52 30.01 18.84
C PRO A 97 6.84 28.82 17.96
N GLU A 98 8.12 28.42 17.98
CA GLU A 98 8.52 27.23 17.24
C GLU A 98 7.80 26.02 17.81
N LEU A 99 7.48 25.06 16.94
CA LEU A 99 6.75 23.86 17.36
C LEU A 99 7.49 23.14 18.47
N PRO A 100 6.81 22.78 19.57
CA PRO A 100 7.46 21.92 20.57
C PRO A 100 7.96 20.63 19.93
N ASP A 101 9.05 20.09 20.49
CA ASP A 101 9.61 18.85 19.95
C ASP A 101 8.57 17.76 19.97
N VAL A 102 7.77 17.70 21.03
CA VAL A 102 6.74 16.69 21.28
C VAL A 102 5.59 16.74 20.28
N MET A 103 5.67 17.61 19.29
CA MET A 103 4.60 17.69 18.29
C MET A 103 5.12 17.36 16.89
N MET B 3 -24.07 45.60 12.84
CA MET B 3 -23.43 46.11 14.04
C MET B 3 -22.22 45.28 14.35
N TYR B 4 -21.12 45.98 14.59
CA TYR B 4 -19.83 45.37 14.76
C TYR B 4 -19.25 45.67 16.14
N VAL B 5 -18.26 44.86 16.51
CA VAL B 5 -17.46 45.11 17.69
C VAL B 5 -16.00 44.92 17.32
N LYS B 6 -15.14 45.43 18.18
CA LYS B 6 -13.71 45.42 17.95
C LYS B 6 -13.04 44.60 19.02
N LEU B 7 -12.33 43.57 18.60
CA LEU B 7 -11.52 42.76 19.47
C LEU B 7 -10.06 43.10 19.17
N ILE B 8 -9.31 43.42 20.22
CA ILE B 8 -7.93 43.87 20.06
C ILE B 8 -7.02 42.81 20.67
N SER B 9 -6.02 42.41 19.89
CA SER B 9 -5.14 41.34 20.29
C SER B 9 -4.08 41.87 21.24
N SER B 10 -3.32 40.94 21.81
CA SER B 10 -2.28 41.34 22.76
C SER B 10 -1.26 42.27 22.12
N ASP B 11 -0.98 42.08 20.83
CA ASP B 11 -0.04 42.91 20.09
C ASP B 11 -0.72 44.08 19.38
N GLY B 12 -1.95 44.43 19.74
CA GLY B 12 -2.52 45.67 19.23
C GLY B 12 -3.26 45.57 17.90
N HIS B 13 -3.32 44.41 17.26
CA HIS B 13 -4.14 44.28 16.06
C HIS B 13 -5.61 44.41 16.43
N GLU B 14 -6.37 45.10 15.59
CA GLU B 14 -7.80 45.33 15.82
C GLU B 14 -8.62 44.51 14.84
N PHE B 15 -9.45 43.64 15.37
CA PHE B 15 -10.29 42.77 14.58
C PHE B 15 -11.72 43.24 14.75
N ILE B 16 -12.34 43.60 13.63
CA ILE B 16 -13.70 44.13 13.63
C ILE B 16 -14.60 43.04 13.07
N VAL B 17 -15.49 42.52 13.91
CA VAL B 17 -16.33 41.40 13.53
C VAL B 17 -17.74 41.76 13.98
N LYS B 18 -18.71 41.14 13.31
CA LYS B 18 -20.11 41.31 13.69
C LYS B 18 -20.31 40.91 15.14
N ARG B 19 -21.06 41.74 15.87
CA ARG B 19 -21.36 41.43 17.27
C ARG B 19 -21.91 40.03 17.44
N GLU B 20 -22.89 39.65 16.59
CA GLU B 20 -23.50 38.32 16.66
C GLU B 20 -22.46 37.21 16.52
N HIS B 21 -21.44 37.42 15.67
CA HIS B 21 -20.37 36.44 15.57
C HIS B 21 -19.53 36.41 16.84
N ALA B 22 -19.25 37.58 17.42
CA ALA B 22 -18.42 37.62 18.62
C ALA B 22 -19.11 36.93 19.80
N LEU B 23 -20.45 37.00 19.85
CA LEU B 23 -21.24 36.41 20.92
C LEU B 23 -21.18 34.89 20.95
N THR B 24 -20.66 34.25 19.91
CA THR B 24 -20.30 32.84 20.01
C THR B 24 -19.53 32.55 21.29
N SER B 25 -18.66 33.47 21.70
CA SER B 25 -17.92 33.32 22.95
C SER B 25 -18.74 33.90 24.10
N GLY B 26 -19.07 33.04 25.07
CA GLY B 26 -19.74 33.54 26.25
C GLY B 26 -18.88 34.50 27.03
N THR B 27 -17.56 34.25 27.05
CA THR B 27 -16.64 35.20 27.67
C THR B 27 -16.75 36.57 27.01
N ILE B 28 -16.72 36.60 25.67
CA ILE B 28 -16.80 37.88 24.98
C ILE B 28 -18.15 38.53 25.25
N LYS B 29 -19.23 37.73 25.32
CA LYS B 29 -20.53 38.31 25.62
C LYS B 29 -20.50 39.06 26.96
N ALA B 30 -19.86 38.48 27.98
CA ALA B 30 -19.80 39.14 29.29
C ALA B 30 -18.89 40.37 29.26
N MET B 31 -17.77 40.31 28.54
CA MET B 31 -16.89 41.46 28.42
C MET B 31 -17.58 42.62 27.72
N LEU B 32 -18.46 42.32 26.77
CA LEU B 32 -19.21 43.37 26.09
C LEU B 32 -20.41 43.87 26.90
N SER B 33 -20.92 43.06 27.82
CA SER B 33 -22.06 43.47 28.65
C SER B 33 -21.61 43.68 30.10
N ASN B 44 -18.41 49.33 21.34
CA ASN B 44 -17.93 48.27 22.23
C ASN B 44 -16.66 47.65 21.68
N GLU B 45 -15.62 47.75 22.48
CA GLU B 45 -14.32 47.15 22.23
C GLU B 45 -13.94 46.20 23.35
N VAL B 46 -13.11 45.22 23.00
CA VAL B 46 -12.58 44.26 23.95
C VAL B 46 -11.09 44.15 23.71
N ASN B 47 -10.30 44.21 24.79
CA ASN B 47 -8.84 44.06 24.69
C ASN B 47 -8.44 42.71 25.28
N PHE B 48 -7.68 41.95 24.53
CA PHE B 48 -7.23 40.63 24.97
C PHE B 48 -5.73 40.72 25.19
N ARG B 49 -5.34 40.94 26.45
CA ARG B 49 -3.94 41.13 26.80
C ARG B 49 -3.12 39.87 26.59
N GLU B 50 -3.78 38.73 26.49
CA GLU B 50 -3.09 37.45 26.44
C GLU B 50 -3.29 36.70 25.12
N ILE B 51 -4.12 37.21 24.20
CA ILE B 51 -4.35 36.53 22.93
C ILE B 51 -3.62 37.30 21.84
N PRO B 52 -2.53 36.77 21.29
CA PRO B 52 -1.86 37.46 20.18
C PRO B 52 -2.72 37.38 18.90
N SER B 53 -2.33 38.19 17.92
CA SER B 53 -3.18 38.38 16.74
C SER B 53 -3.24 37.15 15.86
N HIS B 54 -2.18 36.34 15.80
CA HIS B 54 -2.24 35.13 15.00
C HIS B 54 -3.20 34.10 15.59
N VAL B 55 -3.52 34.23 16.87
CA VAL B 55 -4.53 33.39 17.50
C VAL B 55 -5.93 33.99 17.34
N LEU B 56 -6.02 35.29 17.65
CA LEU B 56 -7.30 35.99 17.63
C LEU B 56 -7.88 36.03 16.23
N SER B 57 -7.03 36.09 15.20
CA SER B 57 -7.51 36.02 13.82
C SER B 57 -8.17 34.67 13.54
N LYS B 58 -7.58 33.57 14.04
CA LYS B 58 -8.19 32.24 13.86
C LYS B 58 -9.50 32.13 14.64
N VAL B 59 -9.53 32.64 15.88
CA VAL B 59 -10.77 32.72 16.65
C VAL B 59 -11.87 33.40 15.84
N CYS B 60 -11.53 34.53 15.19
CA CYS B 60 -12.53 35.24 14.37
C CYS B 60 -12.98 34.39 13.17
N MET B 61 -12.05 33.73 12.50
CA MET B 61 -12.44 32.79 11.46
C MET B 61 -13.36 31.73 12.05
N TYR B 62 -13.08 31.28 13.27
CA TYR B 62 -13.92 30.26 13.87
C TYR B 62 -15.35 30.78 14.08
N PHE B 63 -15.48 32.02 14.56
CA PHE B 63 -16.82 32.59 14.71
C PHE B 63 -17.54 32.56 13.38
N THR B 64 -16.90 33.08 12.32
CA THR B 64 -17.52 33.06 11.00
C THR B 64 -17.94 31.64 10.64
N TYR B 65 -17.01 30.71 10.78
CA TYR B 65 -17.25 29.31 10.45
C TYR B 65 -18.42 28.76 11.25
N LYS B 66 -18.41 29.02 12.55
CA LYS B 66 -19.46 28.48 13.42
C LYS B 66 -20.83 29.02 13.01
N VAL B 67 -20.91 30.34 12.81
CA VAL B 67 -22.20 30.95 12.46
C VAL B 67 -22.66 30.48 11.09
N ARG B 68 -21.74 30.28 10.16
CA ARG B 68 -22.14 29.84 8.83
C ARG B 68 -22.65 28.41 8.84
N TYR B 69 -21.99 27.52 9.59
CA TYR B 69 -22.25 26.08 9.44
C TYR B 69 -23.11 25.48 10.54
N THR B 70 -23.33 26.19 11.63
CA THR B 70 -24.29 25.73 12.63
C THR B 70 -25.68 25.67 12.04
N ASN B 71 -26.34 24.52 12.21
CA ASN B 71 -27.70 24.27 11.72
C ASN B 71 -27.78 24.20 10.20
N SER B 72 -26.68 23.90 9.52
CA SER B 72 -26.70 23.78 8.06
C SER B 72 -26.60 22.31 7.68
N SER B 73 -27.39 21.90 6.70
CA SER B 73 -27.40 20.51 6.23
C SER B 73 -26.39 20.25 5.14
N THR B 74 -25.77 21.29 4.58
CA THR B 74 -24.65 21.08 3.67
C THR B 74 -23.58 20.25 4.37
N GLU B 75 -22.75 19.58 3.57
CA GLU B 75 -21.53 19.01 4.13
C GLU B 75 -20.76 20.15 4.80
N ILE B 76 -20.29 19.90 6.00
CA ILE B 76 -19.54 20.89 6.76
C ILE B 76 -18.06 20.63 6.56
N PRO B 77 -17.27 21.62 6.18
CA PRO B 77 -15.84 21.40 6.02
C PRO B 77 -15.19 21.39 7.39
N GLU B 78 -14.01 20.78 7.43
CA GLU B 78 -13.21 20.76 8.65
C GLU B 78 -12.75 22.18 8.98
N PHE B 79 -12.78 22.54 10.25
CA PHE B 79 -12.12 23.78 10.64
C PHE B 79 -10.63 23.53 10.73
N PRO B 80 -9.79 24.18 9.92
CA PRO B 80 -8.37 23.84 9.87
C PRO B 80 -7.54 24.60 10.88
N ILE B 81 -6.59 23.91 11.48
CA ILE B 81 -5.74 24.44 12.54
C ILE B 81 -4.32 24.00 12.29
N ALA B 82 -3.45 24.95 12.03
CA ALA B 82 -2.05 24.64 11.86
C ALA B 82 -1.46 24.17 13.20
N PRO B 83 -0.63 23.11 13.18
CA PRO B 83 0.00 22.62 14.42
C PRO B 83 0.69 23.71 15.25
N GLU B 84 1.27 24.69 14.57
CA GLU B 84 2.11 25.71 15.19
C GLU B 84 1.30 26.62 16.11
N ILE B 85 0.02 26.80 15.81
CA ILE B 85 -0.88 27.63 16.60
C ILE B 85 -1.85 26.81 17.43
N ALA B 86 -1.77 25.48 17.39
CA ALA B 86 -2.75 24.63 18.07
C ALA B 86 -2.79 24.91 19.56
N LEU B 87 -1.63 25.00 20.21
CA LEU B 87 -1.59 25.16 21.66
C LEU B 87 -2.17 26.50 22.09
N GLU B 88 -1.73 27.59 21.46
CA GLU B 88 -2.26 28.89 21.86
C GLU B 88 -3.74 28.98 21.53
N LEU B 89 -4.13 28.48 20.36
CA LEU B 89 -5.55 28.49 20.03
C LEU B 89 -6.33 27.68 21.07
N LEU B 90 -5.75 26.57 21.54
CA LEU B 90 -6.40 25.79 22.58
C LEU B 90 -6.62 26.63 23.83
N MET B 91 -5.59 27.35 24.26
CA MET B 91 -5.74 28.14 25.47
C MET B 91 -6.70 29.31 25.25
N ALA B 92 -6.64 29.96 24.08
CA ALA B 92 -7.58 31.02 23.82
C ALA B 92 -9.00 30.48 23.80
N ALA B 93 -9.22 29.36 23.10
CA ALA B 93 -10.54 28.76 23.04
C ALA B 93 -11.02 28.34 24.43
N ASN B 94 -10.10 27.83 25.25
CA ASN B 94 -10.48 27.47 26.61
C ASN B 94 -10.94 28.68 27.40
N PHE B 95 -10.22 29.80 27.27
CA PHE B 95 -10.60 31.02 28.00
C PHE B 95 -11.91 31.60 27.48
N LEU B 96 -12.10 31.58 26.16
CA LEU B 96 -13.26 32.20 25.51
C LEU B 96 -14.53 31.37 25.63
N ASP B 97 -14.44 30.12 26.08
CA ASP B 97 -15.60 29.24 26.19
C ASP B 97 -16.34 29.16 24.86
N CYS B 98 -15.61 28.73 23.84
CA CYS B 98 -16.24 28.58 22.56
C CYS B 98 -15.59 27.43 21.81
N VAL C 29 -30.92 0.75 27.87
CA VAL C 29 -31.79 1.92 27.65
C VAL C 29 -31.67 2.43 26.20
N LEU C 30 -30.45 2.68 25.72
CA LEU C 30 -30.21 2.97 24.30
C LEU C 30 -29.84 1.68 23.58
N ARG C 31 -30.83 1.06 22.94
CA ARG C 31 -30.60 -0.22 22.27
C ARG C 31 -31.42 -0.29 20.99
N SER C 32 -31.01 -1.18 20.09
CA SER C 32 -31.84 -1.47 18.92
C SER C 32 -33.04 -2.29 19.34
N VAL C 33 -34.19 -1.99 18.72
CA VAL C 33 -35.37 -2.83 18.87
C VAL C 33 -35.28 -3.98 17.88
N ASN C 34 -35.57 -5.20 18.35
CA ASN C 34 -35.48 -6.43 17.54
C ASN C 34 -36.76 -6.58 16.71
N SER C 35 -36.89 -5.70 15.72
CA SER C 35 -38.10 -5.68 14.88
C SER C 35 -38.08 -6.76 13.82
N ARG C 36 -36.89 -7.13 13.35
CA ARG C 36 -36.70 -8.10 12.28
C ARG C 36 -37.38 -7.67 10.97
N GLU C 37 -37.73 -6.38 10.85
CA GLU C 37 -38.30 -5.84 9.62
C GLU C 37 -37.15 -5.19 8.87
N PRO C 38 -36.67 -5.78 7.78
CA PRO C 38 -35.48 -5.23 7.12
C PRO C 38 -35.68 -3.77 6.75
N SER C 39 -34.57 -3.03 6.76
CA SER C 39 -34.57 -1.63 6.34
C SER C 39 -33.26 -1.41 5.62
N GLN C 40 -33.37 -1.06 4.35
CA GLN C 40 -32.21 -0.84 3.51
C GLN C 40 -31.66 0.54 3.82
N VAL C 41 -30.35 0.64 4.00
CA VAL C 41 -29.75 1.90 4.42
C VAL C 41 -28.52 2.15 3.57
N ILE C 42 -28.31 3.42 3.23
CA ILE C 42 -27.05 3.89 2.64
C ILE C 42 -26.33 4.74 3.66
N PHE C 43 -25.11 4.33 4.00
CA PHE C 43 -24.23 5.17 4.77
C PHE C 43 -23.46 6.04 3.75
N ASN C 45 -20.59 8.88 3.76
CA ASN C 45 -19.65 9.60 4.60
C ASN C 45 -19.29 10.95 3.96
N ARG C 46 -20.08 11.99 4.24
CA ARG C 46 -19.80 13.35 3.78
C ARG C 46 -18.96 14.12 4.81
N SER C 47 -17.85 13.51 5.17
CA SER C 47 -16.90 14.02 6.14
C SER C 47 -15.53 13.68 5.61
N PRO C 48 -14.50 14.39 6.04
CA PRO C 48 -13.13 14.00 5.69
C PRO C 48 -12.54 12.93 6.60
N ARG C 49 -13.32 12.40 7.55
CA ARG C 49 -12.82 11.42 8.52
C ARG C 49 -13.09 10.01 8.03
N VAL C 50 -12.26 9.07 8.45
CA VAL C 50 -12.64 7.66 8.34
C VAL C 50 -13.74 7.39 9.35
N VAL C 51 -14.87 6.90 8.88
CA VAL C 51 -16.04 6.77 9.73
C VAL C 51 -16.17 5.33 10.20
N LEU C 52 -16.40 5.17 11.49
CA LEU C 52 -16.70 3.89 12.11
C LEU C 52 -18.18 3.86 12.42
N PRO C 53 -18.99 3.12 11.67
CA PRO C 53 -20.38 2.97 12.07
C PRO C 53 -20.45 2.09 13.30
N VAL C 54 -21.39 2.41 14.18
CA VAL C 54 -21.56 1.68 15.44
C VAL C 54 -23.03 1.33 15.59
N TRP C 55 -23.32 0.03 15.66
CA TRP C 55 -24.66 -0.46 15.91
C TRP C 55 -24.83 -0.73 17.41
N LEU C 56 -25.87 -0.17 18.00
CA LEU C 56 -26.19 -0.51 19.38
C LEU C 56 -27.02 -1.79 19.35
N ASN C 57 -26.47 -2.87 19.89
CA ASN C 57 -27.17 -4.14 19.75
C ASN C 57 -28.34 -4.18 20.73
N PHE C 58 -28.98 -5.34 20.83
CA PHE C 58 -30.23 -5.43 21.57
C PHE C 58 -30.02 -5.29 23.07
N ASP C 59 -28.81 -5.53 23.55
CA ASP C 59 -28.44 -5.23 24.93
C ASP C 59 -27.90 -3.82 25.10
N GLY C 60 -27.88 -3.01 24.04
CA GLY C 60 -27.25 -1.70 24.17
C GLY C 60 -25.75 -1.70 24.01
N GLU C 61 -25.13 -2.83 23.66
CA GLU C 61 -23.68 -2.86 23.50
C GLU C 61 -23.29 -2.31 22.13
N PRO C 62 -22.35 -1.37 22.06
CA PRO C 62 -21.93 -0.85 20.76
C PRO C 62 -21.12 -1.89 19.99
N GLN C 63 -21.49 -2.09 18.75
CA GLN C 63 -20.81 -3.02 17.86
C GLN C 63 -20.21 -2.26 16.69
N PRO C 64 -18.89 -2.27 16.52
CA PRO C 64 -18.29 -1.59 15.38
C PRO C 64 -18.55 -2.33 14.08
N TYR C 65 -18.79 -1.57 13.02
CA TYR C 65 -18.93 -2.10 11.68
C TYR C 65 -17.77 -1.63 10.84
N PRO C 66 -17.56 -2.22 9.66
CA PRO C 66 -16.40 -1.83 8.84
C PRO C 66 -16.42 -0.35 8.58
N THR C 67 -15.24 0.24 8.53
CA THR C 67 -15.11 1.67 8.40
C THR C 67 -15.38 2.11 6.96
N LEU C 68 -15.90 3.34 6.83
CA LEU C 68 -16.08 3.98 5.54
C LEU C 68 -14.99 5.00 5.32
N PRO C 69 -14.19 4.88 4.27
CA PRO C 69 -13.23 5.94 3.94
C PRO C 69 -13.95 7.26 3.67
N PRO C 70 -13.24 8.38 3.78
CA PRO C 70 -13.87 9.70 3.58
C PRO C 70 -14.54 9.81 2.22
N GLY C 71 -15.73 10.39 2.20
CA GLY C 71 -16.40 10.63 0.93
C GLY C 71 -16.99 9.40 0.26
N THR C 72 -16.91 8.23 0.88
CA THR C 72 -17.44 7.01 0.28
C THR C 72 -18.81 6.66 0.85
N GLY C 73 -19.51 5.79 0.12
CA GLY C 73 -20.81 5.31 0.50
C GLY C 73 -20.76 3.81 0.72
N ARG C 74 -21.81 3.31 1.36
CA ARG C 74 -21.90 1.87 1.56
C ARG C 74 -23.36 1.52 1.77
N ARG C 75 -23.82 0.56 0.99
CA ARG C 75 -25.15 0.00 1.15
C ARG C 75 -25.11 -0.97 2.32
N ILE C 76 -26.09 -0.86 3.20
CA ILE C 76 -26.12 -1.69 4.40
C ILE C 76 -27.51 -2.26 4.55
N HIS C 77 -27.58 -3.53 4.96
CA HIS C 77 -28.84 -4.14 5.32
C HIS C 77 -28.97 -4.03 6.81
N SER C 78 -29.97 -3.29 7.26
CA SER C 78 -30.23 -3.11 8.68
C SER C 78 -31.70 -3.43 8.91
N TYR C 79 -32.24 -2.92 10.00
CA TYR C 79 -33.59 -3.28 10.37
C TYR C 79 -34.25 -2.07 11.01
N ARG C 80 -35.56 -2.02 10.89
CA ARG C 80 -36.34 -0.92 11.47
C ARG C 80 -36.12 -0.87 12.97
N GLY C 81 -35.98 0.34 13.51
CA GLY C 81 -35.79 0.48 14.93
C GLY C 81 -34.40 0.12 15.41
N HIS C 82 -33.48 -0.20 14.51
CA HIS C 82 -32.12 -0.37 14.97
C HIS C 82 -31.45 0.98 15.20
N LEU C 83 -30.39 0.96 16.00
CA LEU C 83 -29.77 2.18 16.50
C LEU C 83 -28.35 2.24 16.02
N TRP C 84 -27.99 3.37 15.39
CA TRP C 84 -26.65 3.60 14.91
C TRP C 84 -26.14 4.96 15.37
N LEU C 85 -24.84 5.03 15.53
CA LEU C 85 -24.13 6.28 15.73
C LEU C 85 -22.81 6.12 15.00
N PHE C 86 -22.12 7.24 14.80
CA PHE C 86 -20.95 7.25 13.94
C PHE C 86 -19.85 8.08 14.57
N ARG C 87 -18.63 7.56 14.45
CA ARG C 87 -17.44 8.14 15.04
C ARG C 87 -16.33 8.13 14.00
N ASP C 88 -15.41 9.09 14.12
CA ASP C 88 -14.11 8.97 13.49
C ASP C 88 -13.44 7.68 13.96
N ALA C 89 -13.05 6.83 13.01
CA ALA C 89 -12.55 5.50 13.37
C ALA C 89 -11.21 5.58 14.07
N GLY C 90 -10.42 6.61 13.81
CA GLY C 90 -9.11 6.71 14.43
C GLY C 90 -9.13 7.32 15.82
N THR C 91 -9.99 8.33 16.03
CA THR C 91 -9.96 9.13 17.23
C THR C 91 -11.23 9.04 18.07
N HIS C 92 -12.29 8.45 17.56
CA HIS C 92 -13.62 8.35 18.16
C HIS C 92 -14.33 9.67 18.36
N ASP C 93 -13.86 10.76 17.75
CA ASP C 93 -14.65 11.99 17.71
C ASP C 93 -16.07 11.68 17.22
N GLY C 94 -17.04 12.37 17.81
CA GLY C 94 -18.42 12.20 17.38
C GLY C 94 -18.71 12.79 16.02
N LEU C 95 -19.60 12.14 15.29
CA LEU C 95 -20.04 12.69 14.01
C LEU C 95 -21.55 12.76 14.05
N LEU C 96 -22.10 13.57 13.17
CA LEU C 96 -23.53 13.66 13.06
C LEU C 96 -23.94 12.75 11.92
N VAL C 97 -25.15 12.21 12.05
CA VAL C 97 -25.77 11.46 10.99
C VAL C 97 -27.14 12.07 10.81
N ASN C 98 -27.42 12.58 9.61
CA ASN C 98 -28.64 13.32 9.35
C ASN C 98 -28.85 14.42 10.38
N GLN C 99 -27.75 15.11 10.72
CA GLN C 99 -27.69 16.25 11.63
C GLN C 99 -28.05 15.93 13.08
N THR C 100 -28.22 14.66 13.45
CA THR C 100 -28.41 14.37 14.86
C THR C 100 -27.42 13.30 15.31
N GLU C 101 -27.60 12.83 16.54
CA GLU C 101 -26.61 11.97 17.18
C GLU C 101 -26.75 10.53 16.75
N LEU C 102 -27.98 10.03 16.70
CA LEU C 102 -28.30 8.63 16.46
C LEU C 102 -29.10 8.49 15.17
N PHE C 103 -28.84 7.41 14.44
CA PHE C 103 -29.58 7.10 13.21
C PHE C 103 -30.38 5.83 13.43
N VAL C 104 -31.66 5.91 13.13
CA VAL C 104 -32.59 4.79 13.28
C VAL C 104 -33.21 4.50 11.92
N PRO C 105 -32.86 3.39 11.26
CA PRO C 105 -33.53 3.06 10.00
C PRO C 105 -35.03 2.98 10.23
N SER C 106 -35.77 3.62 9.34
CA SER C 106 -37.22 3.64 9.40
C SER C 106 -37.78 2.82 8.24
N LEU C 107 -39.07 2.98 7.97
CA LEU C 107 -39.67 2.32 6.82
C LEU C 107 -39.08 2.84 5.52
N ASN C 108 -38.71 1.92 4.64
CA ASN C 108 -38.35 2.30 3.29
C ASN C 108 -39.63 2.65 2.55
N VAL C 109 -39.78 3.91 2.17
CA VAL C 109 -40.97 4.36 1.45
C VAL C 109 -40.70 4.16 -0.03
N ASP C 110 -41.65 3.49 -0.71
CA ASP C 110 -41.51 3.09 -2.10
C ASP C 110 -40.25 2.25 -2.33
N GLY C 111 -39.87 1.48 -1.31
CA GLY C 111 -38.71 0.60 -1.36
C GLY C 111 -37.37 1.29 -1.56
N GLN C 112 -37.33 2.61 -1.40
CA GLN C 112 -36.06 3.31 -1.58
C GLN C 112 -35.25 3.22 -0.30
N PRO C 113 -33.94 2.98 -0.40
CA PRO C 113 -33.11 2.93 0.81
C PRO C 113 -33.09 4.27 1.52
N ILE C 114 -33.02 4.20 2.84
CA ILE C 114 -32.86 5.39 3.67
C ILE C 114 -31.39 5.76 3.72
N PHE C 115 -31.13 7.05 3.54
CA PHE C 115 -29.79 7.61 3.60
C PHE C 115 -29.40 7.99 5.02
N ALA C 116 -28.18 7.60 5.41
CA ALA C 116 -27.55 8.04 6.65
C ALA C 116 -26.39 8.94 6.23
N ASN C 117 -26.65 10.25 6.17
CA ASN C 117 -25.63 11.21 5.73
C ASN C 117 -24.78 11.59 6.93
N ILE C 118 -23.53 11.14 6.92
CA ILE C 118 -22.62 11.32 8.04
C ILE C 118 -21.79 12.57 7.79
N THR C 119 -21.85 13.52 8.72
CA THR C 119 -21.11 14.78 8.59
C THR C 119 -20.35 15.14 9.85
N LEU C 120 -19.31 15.94 9.67
CA LEU C 120 -18.72 16.63 10.79
C LEU C 120 -19.79 17.47 11.47
N PRO C 121 -19.85 17.47 12.80
CA PRO C 121 -20.53 18.56 13.50
C PRO C 121 -19.66 19.80 13.43
N VAL C 122 -20.23 20.93 13.82
CA VAL C 122 -19.44 22.11 14.18
C VAL C 122 -18.88 21.87 15.59
N TYR C 123 -17.65 21.37 15.68
CA TYR C 123 -17.07 21.22 17.00
C TYR C 123 -16.92 22.59 17.65
N THR C 124 -16.95 22.62 18.99
CA THR C 124 -16.49 23.82 19.67
C THR C 124 -15.04 24.06 19.24
N LEU C 125 -14.60 25.32 19.31
CA LEU C 125 -13.21 25.56 19.00
C LEU C 125 -12.30 24.84 19.98
N LYS C 126 -12.70 24.71 21.25
CA LYS C 126 -11.85 24.02 22.23
C LYS C 126 -11.68 22.55 21.85
N GLU C 127 -12.79 21.84 21.63
CA GLU C 127 -12.71 20.43 21.24
C GLU C 127 -11.92 20.26 19.95
N ARG C 128 -12.09 21.19 19.00
CA ARG C 128 -11.38 21.05 17.73
C ARG C 128 -9.88 21.17 17.96
N CYS C 129 -9.47 22.09 18.83
CA CYS C 129 -8.07 22.20 19.24
C CYS C 129 -7.60 20.94 19.97
N LEU C 130 -8.40 20.43 20.91
CA LEU C 130 -8.04 19.18 21.55
C LEU C 130 -7.80 18.09 20.53
N GLN C 131 -8.64 18.03 19.49
CA GLN C 131 -8.45 17.02 18.45
C GLN C 131 -7.09 17.16 17.78
N VAL C 132 -6.74 18.39 17.39
CA VAL C 132 -5.48 18.60 16.69
C VAL C 132 -4.31 18.29 17.59
N VAL C 133 -4.37 18.72 18.85
CA VAL C 133 -3.25 18.47 19.76
C VAL C 133 -3.10 16.97 20.01
N ARG C 134 -4.20 16.29 20.36
CA ARG C 134 -4.14 14.84 20.52
C ARG C 134 -3.58 14.15 19.29
N SER C 135 -3.93 14.64 18.09
CA SER C 135 -3.47 14.00 16.87
C SER C 135 -2.00 14.27 16.59
N LEU C 136 -1.38 15.20 17.31
CA LEU C 136 0.02 15.51 17.08
C LEU C 136 0.92 15.07 18.22
N VAL C 137 0.38 14.88 19.41
CA VAL C 137 1.15 14.51 20.60
C VAL C 137 0.69 13.13 21.04
N LYS C 138 1.62 12.19 21.09
CA LYS C 138 1.28 10.90 21.67
C LYS C 138 0.98 11.08 23.15
N PRO C 139 -0.02 10.38 23.69
CA PRO C 139 -0.54 10.71 25.02
C PRO C 139 0.49 10.65 26.13
N GLU C 140 1.65 10.05 25.89
CA GLU C 140 2.72 10.01 26.87
CA GLU C 140 2.73 10.00 26.87
C GLU C 140 3.49 11.32 26.97
N ASN C 141 3.15 12.32 26.15
CA ASN C 141 3.81 13.62 26.22
C ASN C 141 2.85 14.78 26.53
N TYR C 142 1.58 14.49 26.84
CA TYR C 142 0.63 15.55 27.18
C TYR C 142 1.17 16.42 28.32
N ARG C 143 1.73 15.78 29.34
CA ARG C 143 2.28 16.52 30.47
C ARG C 143 3.51 17.33 30.07
N ARG C 144 4.25 16.90 29.02
CA ARG C 144 5.40 17.65 28.51
C ARG C 144 4.99 18.87 27.68
N LEU C 145 3.73 19.24 27.64
CA LEU C 145 3.27 20.43 26.92
C LEU C 145 3.01 21.53 27.93
N ASP C 146 3.39 22.75 27.58
CA ASP C 146 3.28 23.88 28.50
C ASP C 146 1.88 24.49 28.40
N ILE C 147 0.95 23.97 29.20
CA ILE C 147 -0.42 24.42 29.23
C ILE C 147 -0.92 24.30 30.67
N VAL C 148 -2.08 24.91 30.95
CA VAL C 148 -2.65 24.79 32.29
C VAL C 148 -2.96 23.32 32.58
N ARG C 149 -3.04 22.98 33.87
CA ARG C 149 -3.23 21.58 34.24
C ARG C 149 -4.58 21.05 33.78
N SER C 150 -5.60 21.90 33.81
CA SER C 150 -6.92 21.50 33.37
C SER C 150 -6.95 21.12 31.90
N LEU C 151 -6.08 21.72 31.05
CA LEU C 151 -6.01 21.32 29.65
C LEU C 151 -5.37 19.95 29.49
N TYR C 152 -4.36 19.69 30.33
CA TYR C 152 -3.73 18.38 30.39
C TYR C 152 -4.79 17.29 30.59
N GLU C 153 -5.68 17.47 31.56
CA GLU C 153 -6.77 16.52 31.77
C GLU C 153 -7.77 16.49 30.62
N ASP C 154 -8.07 17.64 30.02
CA ASP C 154 -8.99 17.67 28.88
C ASP C 154 -8.45 16.86 27.72
N LEU C 155 -7.15 16.97 27.44
CA LEU C 155 -6.51 16.19 26.38
C LEU C 155 -6.71 14.71 26.59
N GLU C 156 -6.61 14.27 27.84
CA GLU C 156 -6.67 12.86 28.19
C GLU C 156 -8.08 12.32 28.20
N ASP C 157 -9.08 13.18 28.38
CA ASP C 157 -10.48 12.76 28.33
C ASP C 157 -10.91 12.58 26.87
N HIS C 158 -10.27 11.57 26.24
CA HIS C 158 -10.56 11.18 24.86
C HIS C 158 -12.05 10.88 24.68
N PRO C 159 -12.63 11.28 23.56
CA PRO C 159 -14.01 10.88 23.27
C PRO C 159 -14.10 9.37 23.14
N ASN C 160 -15.21 8.82 23.59
CA ASN C 160 -15.39 7.38 23.60
C ASN C 160 -16.89 7.13 23.65
N VAL C 161 -17.33 6.08 22.96
CA VAL C 161 -18.76 5.89 22.74
C VAL C 161 -19.47 5.53 24.05
N GLN C 162 -18.83 4.76 24.94
CA GLN C 162 -19.48 4.45 26.21
C GLN C 162 -19.82 5.71 26.99
N LYS C 163 -18.88 6.63 27.11
CA LYS C 163 -19.15 7.89 27.80
C LYS C 163 -20.29 8.65 27.12
N ASP C 164 -20.23 8.75 25.79
CA ASP C 164 -21.29 9.42 25.05
C ASP C 164 -22.64 8.73 25.26
N LEU C 165 -22.65 7.39 25.34
CA LEU C 165 -23.90 6.66 25.52
C LEU C 165 -24.51 6.95 26.88
N GLU C 166 -23.69 7.09 27.91
CA GLU C 166 -24.21 7.49 29.22
C GLU C 166 -24.73 8.92 29.19
N ARG C 167 -24.07 9.79 28.41
CA ARG C 167 -24.53 11.16 28.26
C ARG C 167 -25.92 11.21 27.64
N LEU C 168 -26.09 10.57 26.47
CA LEU C 168 -27.40 10.52 25.85
C LEU C 168 -28.42 9.88 26.79
N THR C 169 -27.98 8.93 27.61
CA THR C 169 -28.83 8.29 28.62
C THR C 169 -29.17 9.22 29.79
N MET D 1 17.74 12.87 3.50
CA MET D 1 18.73 12.13 4.27
C MET D 1 19.50 13.03 5.22
N ASP D 2 19.66 12.58 6.46
CA ASP D 2 20.35 13.37 7.46
C ASP D 2 21.85 13.20 7.35
N VAL D 3 22.58 14.30 7.38
CA VAL D 3 24.01 14.25 7.54
C VAL D 3 24.31 14.91 8.87
N PHE D 4 25.37 14.47 9.52
CA PHE D 4 25.67 14.89 10.88
C PHE D 4 27.03 15.54 10.87
N LEU D 5 27.11 16.75 11.42
CA LEU D 5 28.23 17.61 11.17
C LEU D 5 28.82 18.15 12.47
N MET D 6 30.12 18.46 12.40
CA MET D 6 30.80 19.36 13.32
C MET D 6 31.21 20.62 12.55
N ILE D 7 30.63 21.75 12.91
CA ILE D 7 31.04 23.02 12.33
C ILE D 7 32.07 23.62 13.26
N ARG D 8 33.27 23.86 12.74
CA ARG D 8 34.41 24.13 13.60
C ARG D 8 35.13 25.42 13.19
N ARG D 9 35.39 26.29 14.17
CA ARG D 9 36.18 27.49 14.05
C ARG D 9 36.91 27.69 15.37
N HIS D 10 38.24 27.85 15.29
CA HIS D 10 39.07 28.14 16.46
C HIS D 10 38.90 27.07 17.51
N LYS D 11 38.32 27.42 18.65
CA LYS D 11 37.99 26.48 19.72
C LYS D 11 36.49 26.24 19.84
N THR D 12 35.73 26.49 18.78
CA THR D 12 34.30 26.31 18.79
C THR D 12 33.94 25.12 17.91
N THR D 13 33.01 24.29 18.38
CA THR D 13 32.54 23.15 17.60
C THR D 13 31.04 23.04 17.79
N ILE D 14 30.29 23.16 16.69
CA ILE D 14 28.83 23.00 16.72
C ILE D 14 28.48 21.63 16.19
N PHE D 15 27.81 20.83 17.02
CA PHE D 15 27.25 19.58 16.55
C PHE D 15 25.86 19.89 16.05
N THR D 16 25.61 19.60 14.78
CA THR D 16 24.28 19.75 14.26
C THR D 16 24.10 18.77 13.13
N ASP D 17 22.85 18.57 12.74
CA ASP D 17 22.51 17.75 11.59
C ASP D 17 21.88 18.64 10.54
N ALA D 18 21.80 18.11 9.33
CA ALA D 18 21.18 18.83 8.23
C ALA D 18 20.80 17.82 7.15
N LYS D 19 19.94 18.26 6.25
CA LYS D 19 19.60 17.41 5.13
C LYS D 19 20.77 17.38 4.15
N GLU D 20 20.95 16.21 3.52
CA GLU D 20 21.95 16.09 2.47
C GLU D 20 21.65 17.04 1.31
N SER D 21 20.37 17.26 1.01
CA SER D 21 19.92 18.17 -0.05
C SER D 21 19.85 19.63 0.38
N SER D 22 20.05 19.93 1.66
CA SER D 22 20.06 21.31 2.08
C SER D 22 21.29 22.01 1.52
N THR D 23 21.25 23.34 1.48
CA THR D 23 22.31 24.07 0.81
C THR D 23 23.32 24.55 1.84
N VAL D 24 24.52 24.85 1.34
CA VAL D 24 25.56 25.47 2.16
C VAL D 24 25.04 26.76 2.80
N PHE D 25 24.20 27.50 2.07
CA PHE D 25 23.65 28.73 2.61
C PHE D 25 22.69 28.45 3.76
N GLU D 26 21.82 27.44 3.61
CA GLU D 26 20.96 27.05 4.72
C GLU D 26 21.78 26.61 5.92
N LEU D 27 22.95 26.01 5.68
CA LEU D 27 23.86 25.69 6.77
C LEU D 27 24.46 26.95 7.38
N LYS D 28 24.70 27.96 6.55
CA LYS D 28 25.17 29.23 7.08
C LYS D 28 24.11 29.90 7.96
N ARG D 29 22.82 29.72 7.62
CA ARG D 29 21.74 30.23 8.45
C ARG D 29 21.61 29.48 9.78
N ILE D 30 21.82 28.16 9.78
CA ILE D 30 21.85 27.43 11.06
C ILE D 30 22.95 28.00 11.94
N VAL D 31 24.14 28.20 11.37
CA VAL D 31 25.25 28.80 12.12
C VAL D 31 24.87 30.17 12.68
N GLU D 32 24.11 30.95 11.89
CA GLU D 32 23.73 32.31 12.29
C GLU D 32 22.84 32.30 13.53
N GLY D 33 21.89 31.36 13.60
CA GLY D 33 21.05 31.23 14.79
C GLY D 33 21.81 30.91 16.06
N ILE D 34 22.99 30.32 15.92
CA ILE D 34 23.76 29.85 17.07
C ILE D 34 24.84 30.85 17.44
N LEU D 35 25.63 31.28 16.46
CA LEU D 35 26.77 32.14 16.70
C LEU D 35 26.50 33.63 16.42
N LYS D 36 25.29 34.00 15.98
CA LYS D 36 24.90 35.40 15.80
C LYS D 36 25.81 36.15 14.82
N ARG D 37 26.14 35.51 13.70
CA ARG D 37 26.86 36.16 12.62
C ARG D 37 26.10 35.84 11.33
N PRO D 38 25.81 36.84 10.49
CA PRO D 38 24.96 36.60 9.30
C PRO D 38 25.70 35.78 8.25
N PRO D 39 24.97 35.15 7.33
CA PRO D 39 25.63 34.29 6.33
C PRO D 39 26.77 34.97 5.59
N ASP D 40 26.62 36.24 5.23
CA ASP D 40 27.63 36.97 4.49
C ASP D 40 28.92 37.18 5.28
N GLU D 41 28.90 36.89 6.58
CA GLU D 41 30.10 37.00 7.39
C GLU D 41 30.73 35.65 7.67
N GLN D 42 30.29 34.61 6.95
CA GLN D 42 30.75 33.24 7.12
C GLN D 42 31.31 32.70 5.81
N ARG D 43 32.38 31.93 5.93
CA ARG D 43 32.84 31.08 4.84
C ARG D 43 32.86 29.65 5.37
N LEU D 44 32.25 28.72 4.62
CA LEU D 44 32.23 27.32 5.02
C LEU D 44 33.21 26.53 4.17
N TYR D 45 33.93 25.62 4.83
CA TYR D 45 35.00 24.86 4.19
C TYR D 45 34.78 23.38 4.41
N LYS D 46 35.14 22.57 3.42
CA LYS D 46 35.40 21.16 3.60
C LYS D 46 36.89 20.97 3.34
N ASP D 47 37.65 20.64 4.38
CA ASP D 47 39.12 20.63 4.32
C ASP D 47 39.54 22.05 3.94
N ASP D 48 40.37 22.24 2.92
CA ASP D 48 40.81 23.59 2.57
C ASP D 48 39.89 24.28 1.57
N GLN D 49 38.85 23.62 1.09
CA GLN D 49 38.07 24.13 -0.03
C GLN D 49 36.89 24.97 0.43
N LEU D 50 36.82 26.22 -0.06
CA LEU D 50 35.63 27.04 0.16
C LEU D 50 34.42 26.40 -0.49
N LEU D 51 33.26 26.54 0.15
CA LEU D 51 32.04 25.91 -0.32
C LEU D 51 31.06 26.93 -0.88
N ASP D 52 30.50 26.66 -2.07
CA ASP D 52 29.55 27.59 -2.68
C ASP D 52 28.18 27.47 -2.03
N ASP D 53 27.64 28.63 -1.65
CA ASP D 53 26.35 28.74 -0.99
C ASP D 53 25.27 27.97 -1.74
N GLY D 54 25.36 27.94 -3.06
CA GLY D 54 24.27 27.30 -3.77
C GLY D 54 24.36 25.80 -3.88
N LYS D 55 25.49 25.20 -3.54
CA LYS D 55 25.67 23.75 -3.64
C LYS D 55 24.97 23.04 -2.48
N THR D 56 24.47 21.84 -2.74
CA THR D 56 23.91 21.06 -1.65
C THR D 56 25.03 20.42 -0.81
N LEU D 57 24.69 20.05 0.44
CA LEU D 57 25.68 19.42 1.31
C LEU D 57 26.19 18.15 0.68
N GLY D 58 25.30 17.39 0.02
CA GLY D 58 25.72 16.19 -0.70
C GLY D 58 26.71 16.50 -1.81
N GLU D 59 26.43 17.55 -2.61
CA GLU D 59 27.37 17.95 -3.66
C GLU D 59 28.72 18.38 -3.09
N CYS D 60 28.75 18.85 -1.85
CA CYS D 60 30.00 19.22 -1.22
C CYS D 60 30.66 18.05 -0.49
N GLY D 61 30.13 16.83 -0.63
CA GLY D 61 30.77 15.68 -0.04
C GLY D 61 30.31 15.29 1.35
N PHE D 62 29.22 15.89 1.84
CA PHE D 62 28.61 15.50 3.10
C PHE D 62 27.47 14.56 2.78
N THR D 63 27.68 13.27 3.05
CA THR D 63 26.71 12.25 2.73
C THR D 63 26.48 11.39 3.95
N SER D 64 25.37 10.65 3.92
CA SER D 64 25.08 9.73 5.00
C SER D 64 26.22 8.75 5.23
N GLN D 65 27.06 8.50 4.24
CA GLN D 65 28.15 7.55 4.47
C GLN D 65 29.32 8.21 5.19
N THR D 66 29.52 9.50 5.00
CA THR D 66 30.68 10.18 5.52
C THR D 66 30.38 11.15 6.65
N ALA D 67 29.12 11.39 6.96
CA ALA D 67 28.71 12.38 7.94
C ALA D 67 27.66 11.70 8.84
N ARG D 68 28.14 10.84 9.72
CA ARG D 68 27.36 9.92 10.52
C ARG D 68 27.24 10.42 11.97
N PRO D 69 26.18 10.03 12.68
CA PRO D 69 26.00 10.51 14.06
C PRO D 69 27.20 10.25 14.96
N GLN D 70 27.74 9.04 14.91
CA GLN D 70 28.90 8.66 15.73
C GLN D 70 30.21 9.09 15.11
N ALA D 71 30.21 9.62 13.89
CA ALA D 71 31.43 10.03 13.20
C ALA D 71 31.10 11.17 12.27
N PRO D 72 30.81 12.35 12.82
CA PRO D 72 30.34 13.46 11.98
C PRO D 72 31.46 14.01 11.11
N ALA D 73 31.07 14.56 9.97
CA ALA D 73 31.98 15.26 9.07
C ALA D 73 32.23 16.67 9.59
N THR D 74 33.44 17.16 9.37
CA THR D 74 33.83 18.47 9.86
C THR D 74 33.59 19.53 8.79
N VAL D 75 32.95 20.62 9.20
CA VAL D 75 32.84 21.83 8.38
C VAL D 75 33.64 22.93 9.04
N GLY D 76 34.64 23.44 8.33
CA GLY D 76 35.38 24.60 8.81
C GLY D 76 34.56 25.86 8.58
N LEU D 77 34.67 26.77 9.53
CA LEU D 77 33.97 28.05 9.44
C LEU D 77 35.01 29.14 9.68
N ALA D 78 34.94 30.22 8.90
CA ALA D 78 35.83 31.36 9.07
C ALA D 78 35.02 32.64 9.10
N PHE D 79 35.38 33.53 10.02
CA PHE D 79 34.64 34.79 10.18
C PHE D 79 35.41 35.97 9.58
N PHE D 85 37.61 38.72 5.95
CA PHE D 85 37.55 37.34 6.38
C PHE D 85 38.89 36.84 6.90
N GLU D 86 38.88 36.24 8.10
CA GLU D 86 40.05 35.60 8.65
C GLU D 86 40.45 34.38 7.82
N ALA D 87 41.71 33.97 7.97
CA ALA D 87 42.12 32.68 7.44
C ALA D 87 41.53 31.58 8.31
N LEU D 88 41.23 30.44 7.69
CA LEU D 88 40.60 29.33 8.40
C LEU D 88 41.56 28.72 9.43
N CYS D 89 41.18 28.83 10.70
CA CYS D 89 41.90 28.22 11.82
C CYS D 89 40.94 27.35 12.61
N ILE D 90 41.31 26.09 12.79
CA ILE D 90 40.59 25.17 13.64
C ILE D 90 41.59 24.58 14.61
N GLU D 91 41.41 24.87 15.87
CA GLU D 91 42.31 24.37 16.87
C GLU D 91 42.03 22.88 17.09
N PRO D 92 43.07 22.03 17.06
CA PRO D 92 42.84 20.61 17.34
C PRO D 92 42.36 20.37 18.77
N PHE D 93 41.66 19.27 18.93
CA PHE D 93 41.37 18.79 20.26
C PHE D 93 42.66 18.28 20.91
N SER D 94 42.61 18.15 22.22
CA SER D 94 43.77 17.67 22.97
C SER D 94 44.11 16.24 22.54
N SER D 95 45.31 15.82 22.92
CA SER D 95 45.70 14.46 22.59
C SER D 95 45.60 13.53 23.81
N PRO D 96 45.21 12.28 23.60
CA PRO D 96 45.11 11.33 24.71
C PRO D 96 46.50 10.90 25.17
N PRO D 97 46.63 10.40 26.40
CA PRO D 97 47.91 9.84 26.84
C PRO D 97 48.29 8.64 26.00
N GLU D 98 49.56 8.24 26.12
CA GLU D 98 50.00 7.03 25.45
C GLU D 98 49.24 5.85 26.03
N LEU D 99 48.92 4.90 25.17
CA LEU D 99 48.17 3.73 25.60
C LEU D 99 48.88 2.99 26.74
N PRO D 100 48.22 2.72 27.88
CA PRO D 100 48.85 1.88 28.91
C PRO D 100 49.34 0.55 28.34
N ASP D 101 50.43 0.05 28.92
CA ASP D 101 51.01 -1.18 28.44
C ASP D 101 49.99 -2.32 28.48
N VAL D 102 49.16 -2.36 29.51
CA VAL D 102 48.16 -3.41 29.65
C VAL D 102 47.11 -3.33 28.55
N MET D 103 47.23 -2.36 27.64
CA MET D 103 46.28 -2.26 26.53
C MET D 103 46.99 -2.34 25.17
N MET E 3 17.35 26.12 23.34
CA MET E 3 17.53 25.36 22.10
C MET E 3 18.89 24.65 22.08
N TYR E 4 19.97 25.42 22.12
CA TYR E 4 21.31 24.86 22.19
C TYR E 4 21.94 25.22 23.53
N VAL E 5 22.95 24.46 23.91
CA VAL E 5 23.75 24.70 25.10
C VAL E 5 25.22 24.57 24.72
N LYS E 6 26.06 25.02 25.64
CA LYS E 6 27.50 25.03 25.41
C LYS E 6 28.17 24.18 26.47
N LEU E 7 28.89 23.15 26.06
CA LEU E 7 29.68 22.34 26.96
C LEU E 7 31.15 22.67 26.70
N ILE E 8 31.87 23.05 27.74
CA ILE E 8 33.23 23.54 27.59
C ILE E 8 34.18 22.56 28.26
N SER E 9 35.21 22.13 27.52
CA SER E 9 36.12 21.12 28.01
C SER E 9 37.15 21.72 28.94
N SER E 10 37.95 20.84 29.56
CA SER E 10 38.98 21.29 30.49
C SER E 10 40.01 22.21 29.83
N ASP E 11 40.31 21.99 28.55
CA ASP E 11 41.23 22.84 27.80
C ASP E 11 40.52 23.95 27.01
N GLY E 12 39.27 24.26 27.32
CA GLY E 12 38.68 25.45 26.75
C GLY E 12 37.96 25.31 25.42
N HIS E 13 37.93 24.14 24.80
CA HIS E 13 37.10 23.98 23.61
C HIS E 13 35.65 24.11 23.99
N GLU E 14 34.88 24.75 23.12
CA GLU E 14 33.46 24.98 23.36
C GLU E 14 32.66 24.15 22.37
N PHE E 15 31.81 23.27 22.90
CA PHE E 15 31.00 22.37 22.10
C PHE E 15 29.55 22.80 22.23
N ILE E 16 28.93 23.14 21.12
CA ILE E 16 27.56 23.63 21.10
C ILE E 16 26.69 22.51 20.52
N VAL E 17 25.78 21.99 21.36
CA VAL E 17 24.98 20.81 21.05
C VAL E 17 23.54 21.13 21.39
N LYS E 18 22.62 20.43 20.72
CA LYS E 18 21.21 20.57 21.06
C LYS E 18 21.00 20.24 22.53
N ARG E 19 20.19 21.06 23.20
CA ARG E 19 19.87 20.82 24.61
C ARG E 19 19.33 19.41 24.81
N GLU E 20 18.40 18.97 23.94
CA GLU E 20 17.85 17.62 24.02
C GLU E 20 18.97 16.58 23.98
N HIS E 21 20.02 16.83 23.20
CA HIS E 21 21.14 15.89 23.18
C HIS E 21 21.92 15.95 24.49
N ALA E 22 22.15 17.14 25.02
CA ALA E 22 22.94 17.25 26.24
C ALA E 22 22.22 16.57 27.41
N LEU E 23 20.88 16.58 27.39
CA LEU E 23 20.08 16.03 28.47
C LEU E 23 20.15 14.50 28.55
N THR E 24 20.73 13.83 27.55
CA THR E 24 21.08 12.41 27.69
C THR E 24 21.81 12.16 29.02
N SER E 25 22.69 13.08 29.40
CA SER E 25 23.42 12.97 30.66
C SER E 25 22.57 13.53 31.79
N GLY E 26 22.30 12.70 32.81
CA GLY E 26 21.58 13.19 33.97
C GLY E 26 22.37 14.25 34.73
N THR E 27 23.70 14.05 34.82
CA THR E 27 24.58 15.02 35.44
C THR E 27 24.46 16.37 34.78
N ILE E 28 24.55 16.39 33.45
CA ILE E 28 24.48 17.65 32.72
C ILE E 28 23.11 18.29 32.90
N LYS E 29 22.05 17.49 32.93
CA LYS E 29 20.71 18.04 33.15
C LYS E 29 20.63 18.78 34.47
N ALA E 30 21.27 18.23 35.51
CA ALA E 30 21.29 18.91 36.81
C ALA E 30 22.15 20.17 36.76
N MET E 31 23.28 20.12 36.04
CA MET E 31 24.14 21.29 35.89
C MET E 31 23.44 22.41 35.11
N LEU E 32 22.58 22.07 34.16
CA LEU E 32 21.86 23.09 33.41
C LEU E 32 20.71 23.71 34.19
N SER E 33 20.15 23.03 35.18
CA SER E 33 19.11 23.63 36.00
C SER E 33 19.64 23.73 37.43
N GLY E 34 20.16 24.89 37.81
CA GLY E 34 20.75 25.06 39.12
C GLY E 34 21.88 24.08 39.42
N THR E 43 24.46 30.91 31.81
CA THR E 43 23.22 30.30 32.30
C THR E 43 23.19 28.81 32.00
N ASN E 44 23.29 28.52 30.70
CA ASN E 44 23.18 27.17 30.19
C ASN E 44 24.38 26.84 29.34
N GLU E 45 25.55 27.11 29.93
CA GLU E 45 26.84 26.57 29.55
C GLU E 45 27.30 25.70 30.70
N VAL E 46 28.13 24.71 30.42
CA VAL E 46 28.68 23.86 31.47
C VAL E 46 30.17 23.77 31.26
N ASN E 47 30.92 23.85 32.35
CA ASN E 47 32.38 23.73 32.32
C ASN E 47 32.81 22.44 32.98
N PHE E 48 33.64 21.68 32.29
CA PHE E 48 34.11 20.39 32.76
C PHE E 48 35.59 20.52 33.03
N ARG E 49 35.94 20.80 34.29
CA ARG E 49 37.33 21.03 34.65
C ARG E 49 38.17 19.78 34.49
N GLU E 50 37.55 18.63 34.26
CA GLU E 50 38.23 17.35 34.22
C GLU E 50 38.09 16.60 32.91
N ILE E 51 37.22 17.06 32.00
CA ILE E 51 36.97 16.38 30.73
C ILE E 51 37.69 17.16 29.63
N PRO E 52 38.78 16.64 29.08
CA PRO E 52 39.46 17.30 27.95
C PRO E 52 38.61 17.28 26.69
N SER E 53 39.07 18.05 25.70
CA SER E 53 38.28 18.25 24.49
C SER E 53 38.22 17.01 23.60
N HIS E 54 39.25 16.17 23.59
CA HIS E 54 39.17 14.96 22.78
C HIS E 54 38.21 13.92 23.36
N VAL E 55 37.90 13.99 24.64
CA VAL E 55 36.89 13.12 25.24
C VAL E 55 35.51 13.74 25.09
N LEU E 56 35.41 15.03 25.41
CA LEU E 56 34.11 15.70 25.38
C LEU E 56 33.54 15.69 23.98
N SER E 57 34.40 15.75 22.96
CA SER E 57 33.93 15.66 21.58
C SER E 57 33.31 14.30 21.31
N LYS E 58 33.91 13.24 21.84
CA LYS E 58 33.35 11.90 21.70
C LYS E 58 32.03 11.79 22.44
N VAL E 59 31.99 12.33 23.66
CA VAL E 59 30.74 12.36 24.42
C VAL E 59 29.64 12.99 23.59
N CYS E 60 29.94 14.15 22.96
CA CYS E 60 28.93 14.81 22.14
C CYS E 60 28.54 13.94 20.95
N MET E 61 29.52 13.31 20.31
CA MET E 61 29.20 12.35 19.25
C MET E 61 28.30 11.24 19.78
N TYR E 62 28.56 10.77 21.00
CA TYR E 62 27.69 9.75 21.57
C TYR E 62 26.26 10.27 21.75
N PHE E 63 26.11 11.52 22.22
CA PHE E 63 24.78 12.11 22.34
C PHE E 63 24.05 12.11 21.00
N THR E 64 24.72 12.57 19.95
CA THR E 64 24.09 12.53 18.62
C THR E 64 23.67 11.10 18.29
N TYR E 65 24.60 10.16 18.43
CA TYR E 65 24.35 8.76 18.11
C TYR E 65 23.17 8.20 18.93
N LYS E 66 23.17 8.48 20.24
CA LYS E 66 22.10 8.00 21.09
C LYS E 66 20.74 8.53 20.65
N VAL E 67 20.64 9.85 20.42
CA VAL E 67 19.35 10.43 20.04
C VAL E 67 18.93 9.93 18.66
N ARG E 68 19.89 9.71 17.76
CA ARG E 68 19.54 9.23 16.44
C ARG E 68 19.05 7.77 16.47
N TYR E 69 19.70 6.91 17.26
CA TYR E 69 19.48 5.48 17.11
C TYR E 69 18.63 4.85 18.22
N THR E 70 18.31 5.59 19.27
CA THR E 70 17.37 5.09 20.28
C THR E 70 15.97 5.04 19.67
N ASN E 71 15.30 3.91 19.85
CA ASN E 71 13.98 3.64 19.27
C ASN E 71 14.02 3.60 17.74
N SER E 72 15.12 3.13 17.17
CA SER E 72 15.26 3.02 15.73
C SER E 72 14.96 1.60 15.30
N SER E 73 14.12 1.46 14.27
CA SER E 73 13.92 0.16 13.64
C SER E 73 15.03 -0.16 12.65
N THR E 74 15.84 0.83 12.30
CA THR E 74 16.95 0.63 11.38
C THR E 74 18.03 -0.21 12.04
N GLU E 75 18.92 -0.75 11.21
CA GLU E 75 20.14 -1.31 11.76
C GLU E 75 20.88 -0.19 12.47
N ILE E 76 21.57 -0.56 13.54
CA ILE E 76 22.28 0.38 14.40
C ILE E 76 23.76 0.07 14.29
N PRO E 77 24.61 1.04 13.95
CA PRO E 77 26.04 0.78 13.86
C PRO E 77 26.71 0.78 15.23
N GLU E 78 27.87 0.16 15.28
CA GLU E 78 28.65 0.15 16.51
C GLU E 78 29.12 1.56 16.82
N PHE E 79 29.06 1.92 18.10
CA PHE E 79 29.68 3.17 18.52
C PHE E 79 31.18 2.97 18.66
N PRO E 80 32.01 3.65 17.86
CA PRO E 80 33.44 3.35 17.85
C PRO E 80 34.18 4.14 18.91
N ILE E 81 35.13 3.46 19.56
CA ILE E 81 35.94 4.04 20.63
C ILE E 81 37.39 3.64 20.38
N ALA E 82 38.21 4.62 20.06
CA ALA E 82 39.63 4.32 19.92
C ALA E 82 40.19 3.89 21.26
N PRO E 83 41.03 2.86 21.29
CA PRO E 83 41.67 2.44 22.55
C PRO E 83 42.35 3.56 23.31
N GLU E 84 42.94 4.53 22.61
CA GLU E 84 43.73 5.58 23.25
C GLU E 84 42.87 6.44 24.17
N ILE E 85 41.57 6.57 23.88
CA ILE E 85 40.64 7.37 24.67
C ILE E 85 39.68 6.51 25.47
N ALA E 86 39.80 5.18 25.39
CA ALA E 86 38.83 4.31 26.03
C ALA E 86 38.74 4.58 27.53
N LEU E 87 39.88 4.64 28.22
CA LEU E 87 39.86 4.82 29.67
C LEU E 87 39.28 6.18 30.07
N GLU E 88 39.72 7.25 29.44
CA GLU E 88 39.21 8.54 29.84
C GLU E 88 37.72 8.66 29.55
N LEU E 89 37.32 8.25 28.35
CA LEU E 89 35.90 8.29 27.97
C LEU E 89 35.08 7.51 28.97
N LEU E 90 35.65 6.39 29.44
CA LEU E 90 34.99 5.58 30.47
C LEU E 90 34.70 6.41 31.69
N MET E 91 35.71 7.15 32.16
CA MET E 91 35.56 7.96 33.35
C MET E 91 34.63 9.13 33.11
N ALA E 92 34.69 9.73 31.93
CA ALA E 92 33.72 10.80 31.62
C ALA E 92 32.32 10.23 31.60
N ALA E 93 32.13 9.10 30.91
CA ALA E 93 30.82 8.48 30.83
C ALA E 93 30.32 8.12 32.22
N ASN E 94 31.23 7.62 33.07
CA ASN E 94 30.88 7.26 34.43
C ASN E 94 30.38 8.46 35.19
N PHE E 95 31.08 9.59 35.07
CA PHE E 95 30.69 10.80 35.80
C PHE E 95 29.36 11.34 35.29
N LEU E 96 29.19 11.38 33.97
CA LEU E 96 28.03 11.99 33.33
C LEU E 96 26.78 11.12 33.38
N ASP E 97 26.90 9.86 33.80
CA ASP E 97 25.78 8.91 33.85
C ASP E 97 25.06 8.85 32.50
N CYS E 98 25.80 8.43 31.48
CA CYS E 98 25.22 8.31 30.16
C CYS E 98 25.75 7.07 29.41
N VAL F 29 10.29 -19.37 35.98
CA VAL F 29 9.59 -18.10 35.86
C VAL F 29 9.59 -17.57 34.43
N LEU F 30 10.79 -17.44 33.86
CA LEU F 30 11.01 -17.14 32.43
C LEU F 30 11.35 -18.43 31.70
N ARG F 31 10.36 -19.02 31.01
CA ARG F 31 10.57 -20.31 30.34
C ARG F 31 9.80 -20.34 29.04
N SER F 32 10.16 -21.26 28.14
CA SER F 32 9.34 -21.51 26.97
C SER F 32 8.08 -22.30 27.32
N VAL F 33 6.97 -21.91 26.74
CA VAL F 33 5.75 -22.70 26.88
C VAL F 33 5.81 -23.86 25.91
N ASN F 34 5.50 -25.06 26.39
CA ASN F 34 5.53 -26.25 25.54
C ASN F 34 4.25 -26.27 24.71
N SER F 35 4.18 -25.40 23.69
CA SER F 35 2.95 -25.24 22.91
C SER F 35 2.74 -26.32 21.86
N ARG F 36 3.82 -26.89 21.31
CA ARG F 36 3.78 -27.82 20.18
C ARG F 36 3.13 -27.22 18.92
N GLU F 37 3.03 -25.91 18.86
CA GLU F 37 2.53 -25.26 17.67
C GLU F 37 3.72 -24.69 16.90
N PRO F 38 4.09 -25.30 15.77
CA PRO F 38 5.30 -24.88 15.06
C PRO F 38 5.22 -23.42 14.59
N SER F 39 6.38 -22.78 14.58
CA SER F 39 6.51 -21.41 14.07
C SER F 39 7.87 -21.29 13.40
N GLN F 40 7.87 -21.01 12.09
CA GLN F 40 9.11 -20.85 11.35
C GLN F 40 9.66 -19.46 11.61
N VAL F 41 10.97 -19.39 11.85
CA VAL F 41 11.62 -18.15 12.23
C VAL F 41 12.87 -17.97 11.39
N ILE F 42 13.17 -16.72 11.03
CA ILE F 42 14.46 -16.36 10.45
C ILE F 42 15.21 -15.48 11.44
N PHE F 43 16.36 -15.95 11.88
CA PHE F 43 17.27 -15.13 12.67
C PHE F 43 18.06 -14.30 11.69
N ASN F 45 21.02 -11.57 11.67
CA ASN F 45 21.98 -10.86 12.47
C ASN F 45 22.33 -9.50 11.84
N ARG F 46 21.52 -8.48 12.15
CA ARG F 46 21.75 -7.10 11.70
C ARG F 46 22.62 -6.34 12.66
N SER F 47 23.75 -6.95 12.99
CA SER F 47 24.70 -6.41 13.95
C SER F 47 26.08 -6.81 13.47
N PRO F 48 27.12 -6.08 13.91
CA PRO F 48 28.49 -6.49 13.59
C PRO F 48 29.08 -7.52 14.54
N ARG F 49 28.28 -8.06 15.47
CA ARG F 49 28.76 -9.03 16.46
C ARG F 49 28.48 -10.44 15.97
N VAL F 50 29.32 -11.37 16.40
CA VAL F 50 28.93 -12.78 16.31
C VAL F 50 27.83 -13.02 17.32
N VAL F 51 26.67 -13.48 16.85
CA VAL F 51 25.48 -13.57 17.69
C VAL F 51 25.29 -15.02 18.16
N LEU F 52 25.08 -15.18 19.47
CA LEU F 52 24.74 -16.45 20.07
C LEU F 52 23.25 -16.45 20.39
N PRO F 53 22.42 -17.18 19.64
CA PRO F 53 21.02 -17.32 20.03
C PRO F 53 20.91 -18.20 21.25
N VAL F 54 19.98 -17.86 22.13
CA VAL F 54 19.78 -18.57 23.37
C VAL F 54 18.31 -18.88 23.52
N TRP F 55 17.96 -20.15 23.56
CA TRP F 55 16.59 -20.59 23.81
C TRP F 55 16.43 -20.90 25.29
N LEU F 56 15.41 -20.34 25.90
CA LEU F 56 15.07 -20.70 27.26
C LEU F 56 14.20 -21.96 27.21
N ASN F 57 14.70 -23.08 27.73
CA ASN F 57 13.97 -24.33 27.61
C ASN F 57 12.78 -24.34 28.57
N PHE F 58 12.11 -25.49 28.65
CA PHE F 58 10.87 -25.54 29.40
C PHE F 58 11.09 -25.38 30.90
N ASP F 59 12.30 -25.68 31.37
CA ASP F 59 12.71 -25.42 32.74
C ASP F 59 13.28 -24.02 32.96
N GLY F 60 13.32 -23.17 31.93
CA GLY F 60 13.96 -21.88 32.07
C GLY F 60 15.46 -21.87 31.90
N GLU F 61 16.10 -23.01 31.55
CA GLU F 61 17.56 -23.02 31.39
C GLU F 61 17.96 -22.49 30.02
N PRO F 62 18.88 -21.54 29.94
CA PRO F 62 19.29 -21.04 28.63
C PRO F 62 19.99 -22.13 27.85
N GLN F 63 19.55 -22.35 26.62
CA GLN F 63 20.18 -23.32 25.74
C GLN F 63 20.87 -22.57 24.63
N PRO F 64 22.18 -22.65 24.51
CA PRO F 64 22.87 -21.96 23.41
C PRO F 64 22.68 -22.70 22.10
N TYR F 65 22.49 -21.94 21.04
CA TYR F 65 22.36 -22.46 19.69
C TYR F 65 23.55 -22.01 18.85
N PRO F 66 23.75 -22.60 17.67
CA PRO F 66 24.92 -22.25 16.86
C PRO F 66 24.94 -20.76 16.54
N THR F 67 26.14 -20.19 16.53
CA THR F 67 26.27 -18.76 16.40
C THR F 67 26.03 -18.33 14.95
N LEU F 68 25.59 -17.07 14.80
CA LEU F 68 25.40 -16.42 13.51
C LEU F 68 26.51 -15.41 13.28
N PRO F 69 27.30 -15.55 12.23
CA PRO F 69 28.30 -14.51 11.90
C PRO F 69 27.61 -13.20 11.59
N PRO F 70 28.33 -12.09 11.70
CA PRO F 70 27.72 -10.78 11.41
C PRO F 70 27.11 -10.73 10.02
N GLY F 71 25.91 -10.13 9.93
CA GLY F 71 25.22 -9.90 8.68
C GLY F 71 24.56 -11.11 8.06
N THR F 72 24.63 -12.28 8.70
CA THR F 72 24.05 -13.49 8.15
C THR F 72 22.69 -13.81 8.77
N GLY F 73 21.96 -14.69 8.09
CA GLY F 73 20.68 -15.16 8.53
C GLY F 73 20.67 -16.68 8.71
N ARG F 74 19.61 -17.17 9.32
CA ARG F 74 19.44 -18.60 9.46
C ARG F 74 17.97 -18.90 9.65
N ARG F 75 17.45 -19.85 8.88
CA ARG F 75 16.11 -20.39 9.10
C ARG F 75 16.16 -21.31 10.30
N ILE F 76 15.21 -21.15 11.21
CA ILE F 76 15.18 -22.02 12.39
C ILE F 76 13.73 -22.47 12.60
N HIS F 77 13.56 -23.71 13.03
CA HIS F 77 12.24 -24.26 13.34
C HIS F 77 12.01 -24.08 14.84
N SER F 78 11.04 -23.25 15.21
CA SER F 78 10.76 -23.02 16.62
C SER F 78 9.27 -23.25 16.84
N TYR F 79 8.75 -22.71 17.93
CA TYR F 79 7.38 -22.99 18.31
C TYR F 79 6.78 -21.76 18.97
N ARG F 80 5.46 -21.61 18.83
CA ARG F 80 4.80 -20.45 19.43
C ARG F 80 5.00 -20.48 20.93
N GLY F 81 5.22 -19.31 21.51
CA GLY F 81 5.44 -19.19 22.94
C GLY F 81 6.81 -19.62 23.41
N HIS F 82 7.70 -20.01 22.52
CA HIS F 82 9.07 -20.26 22.94
C HIS F 82 9.80 -18.93 23.14
N LEU F 83 10.89 -19.00 23.89
CA LEU F 83 11.55 -17.82 24.42
C LEU F 83 13.00 -17.82 23.97
N TRP F 84 13.42 -16.75 23.30
CA TRP F 84 14.77 -16.59 22.80
C TRP F 84 15.36 -15.26 23.25
N LEU F 85 16.69 -15.25 23.39
CA LEU F 85 17.44 -14.03 23.55
C LEU F 85 18.74 -14.23 22.80
N PHE F 86 19.46 -13.14 22.59
CA PHE F 86 20.60 -13.16 21.70
C PHE F 86 21.71 -12.35 22.34
N ARG F 87 22.92 -12.86 22.23
CA ARG F 87 24.08 -12.27 22.87
C ARG F 87 25.22 -12.24 21.87
N ASP F 88 26.11 -11.27 22.07
CA ASP F 88 27.42 -11.38 21.46
C ASP F 88 28.04 -12.70 21.89
N ALA F 89 28.43 -13.52 20.92
CA ALA F 89 28.87 -14.87 21.24
C ALA F 89 30.21 -14.85 21.98
N GLY F 90 31.03 -13.83 21.76
CA GLY F 90 32.32 -13.79 22.41
C GLY F 90 32.29 -13.18 23.81
N THR F 91 31.49 -12.13 23.99
CA THR F 91 31.55 -11.36 25.23
C THR F 91 30.27 -11.42 26.04
N HIS F 92 29.20 -11.99 25.50
CA HIS F 92 27.88 -12.09 26.12
C HIS F 92 27.17 -10.74 26.29
N ASP F 93 27.67 -9.66 25.66
CA ASP F 93 26.93 -8.41 25.61
C ASP F 93 25.49 -8.67 25.16
N GLY F 94 24.56 -7.93 25.75
CA GLY F 94 23.17 -8.05 25.36
C GLY F 94 22.94 -7.48 23.97
N LEU F 95 22.04 -8.12 23.26
CA LEU F 95 21.61 -7.66 21.96
C LEU F 95 20.10 -7.57 21.96
N LEU F 96 19.59 -6.76 21.04
CA LEU F 96 18.16 -6.59 20.89
C LEU F 96 17.69 -7.48 19.77
N VAL F 97 16.45 -7.94 19.89
CA VAL F 97 15.81 -8.71 18.83
C VAL F 97 14.44 -8.08 18.61
N ASN F 98 14.23 -7.59 17.39
CA ASN F 98 13.05 -6.78 17.06
C ASN F 98 12.89 -5.67 18.09
N GLN F 99 14.02 -5.04 18.44
CA GLN F 99 14.15 -3.91 19.35
C GLN F 99 13.83 -4.21 20.80
N THR F 100 13.66 -5.48 21.20
CA THR F 100 13.47 -5.75 22.62
C THR F 100 14.45 -6.84 23.07
N GLU F 101 14.31 -7.25 24.34
CA GLU F 101 15.25 -8.19 24.95
C GLU F 101 14.95 -9.62 24.54
N LEU F 102 13.67 -9.97 24.49
CA LEU F 102 13.26 -11.34 24.32
C LEU F 102 12.44 -11.46 23.04
N PHE F 103 12.59 -12.58 22.37
CA PHE F 103 11.85 -12.91 21.17
C PHE F 103 10.97 -14.13 21.39
N VAL F 104 9.70 -14.00 21.05
CA VAL F 104 8.74 -15.08 21.17
C VAL F 104 8.16 -15.31 19.78
N PRO F 105 8.45 -16.44 19.12
CA PRO F 105 7.88 -16.71 17.80
C PRO F 105 6.36 -16.59 17.85
N SER F 106 5.80 -15.89 16.88
CA SER F 106 4.37 -15.73 16.85
C SER F 106 3.78 -16.57 15.72
N LEU F 107 2.51 -16.31 15.43
CA LEU F 107 1.84 -17.00 14.33
C LEU F 107 2.47 -16.64 12.99
N ASN F 108 2.75 -17.67 12.17
CA ASN F 108 3.13 -17.45 10.78
C ASN F 108 1.86 -17.13 9.98
N VAL F 109 1.73 -15.89 9.55
CA VAL F 109 0.56 -15.47 8.78
C VAL F 109 0.88 -15.66 7.29
N ASP F 110 -0.06 -16.28 6.58
CA ASP F 110 0.12 -16.66 5.18
C ASP F 110 1.35 -17.54 5.03
N GLY F 111 1.63 -18.35 6.05
CA GLY F 111 2.74 -19.27 6.07
C GLY F 111 4.09 -18.58 5.97
N GLN F 112 4.12 -17.25 6.20
CA GLN F 112 5.37 -16.51 6.15
C GLN F 112 6.11 -16.66 7.48
N PRO F 113 7.42 -16.91 7.44
CA PRO F 113 8.19 -16.98 8.69
C PRO F 113 8.25 -15.65 9.42
N ILE F 114 8.39 -15.73 10.75
CA ILE F 114 8.60 -14.56 11.58
C ILE F 114 10.07 -14.16 11.47
N PHE F 115 10.34 -12.87 11.33
CA PHE F 115 11.72 -12.42 11.30
C PHE F 115 12.16 -12.08 12.72
N ALA F 116 13.34 -12.56 13.11
CA ALA F 116 13.97 -12.17 14.39
C ALA F 116 15.17 -11.30 14.02
N ASN F 117 14.96 -9.98 14.02
CA ASN F 117 16.01 -9.06 13.59
C ASN F 117 16.86 -8.67 14.79
N ILE F 118 18.10 -9.15 14.78
CA ILE F 118 19.02 -8.99 15.89
C ILE F 118 19.87 -7.77 15.63
N THR F 119 19.83 -6.79 16.53
CA THR F 119 20.57 -5.54 16.37
C THR F 119 21.32 -5.21 17.64
N LEU F 120 22.36 -4.42 17.49
CA LEU F 120 22.95 -3.77 18.65
C LEU F 120 21.88 -2.92 19.33
N PRO F 121 21.80 -2.94 20.65
CA PRO F 121 21.11 -1.86 21.36
C PRO F 121 21.95 -0.59 21.29
N VAL F 122 21.35 0.52 21.67
CA VAL F 122 22.18 1.69 21.99
C VAL F 122 22.69 1.45 23.42
N TYR F 123 23.90 0.92 23.54
CA TYR F 123 24.48 0.79 24.87
C TYR F 123 24.63 2.17 25.50
N THR F 124 24.63 2.23 26.83
CA THR F 124 25.13 3.44 27.47
C THR F 124 26.58 3.63 27.06
N LEU F 125 27.02 4.90 27.05
CA LEU F 125 28.41 5.17 26.75
C LEU F 125 29.31 4.48 27.76
N LYS F 126 28.86 4.37 29.01
CA LYS F 126 29.64 3.68 30.02
C LYS F 126 29.79 2.20 29.67
N GLU F 127 28.67 1.52 29.42
CA GLU F 127 28.77 0.11 29.07
C GLU F 127 29.61 -0.07 27.81
N ARG F 128 29.46 0.84 26.84
CA ARG F 128 30.23 0.72 25.61
C ARG F 128 31.73 0.87 25.89
N CYS F 129 32.12 1.80 26.78
CA CYS F 129 33.53 1.91 27.18
C CYS F 129 34.00 0.66 27.91
N LEU F 130 33.19 0.15 28.84
CA LEU F 130 33.53 -1.09 29.51
C LEU F 130 33.73 -2.23 28.51
N GLN F 131 32.88 -2.32 27.50
CA GLN F 131 33.06 -3.35 26.47
C GLN F 131 34.42 -3.19 25.82
N VAL F 132 34.77 -1.96 25.43
CA VAL F 132 36.04 -1.73 24.73
C VAL F 132 37.23 -2.04 25.65
N VAL F 133 37.17 -1.62 26.91
CA VAL F 133 38.29 -1.87 27.82
C VAL F 133 38.45 -3.37 28.06
N ARG F 134 37.34 -4.06 28.36
CA ARG F 134 37.37 -5.52 28.48
C ARG F 134 37.96 -6.17 27.24
N SER F 135 37.68 -5.61 26.06
CA SER F 135 38.18 -6.21 24.82
C SER F 135 39.67 -5.98 24.59
N LEU F 136 40.30 -5.05 25.33
CA LEU F 136 41.73 -4.78 25.20
C LEU F 136 42.57 -5.18 26.38
N VAL F 137 41.97 -5.37 27.56
CA VAL F 137 42.71 -5.66 28.78
C VAL F 137 42.36 -7.06 29.23
N LYS F 138 43.38 -7.91 29.38
CA LYS F 138 43.16 -9.23 29.93
C LYS F 138 42.66 -9.10 31.35
N PRO F 139 41.67 -9.89 31.76
CA PRO F 139 41.01 -9.64 33.05
C PRO F 139 41.94 -9.69 34.23
N GLU F 140 43.05 -10.44 34.12
CA GLU F 140 44.06 -10.45 35.17
C GLU F 140 44.83 -9.13 35.28
N ASN F 141 44.68 -8.24 34.31
CA ASN F 141 45.31 -6.92 34.30
C ASN F 141 44.34 -5.79 34.57
N TYR F 142 43.08 -6.06 34.91
CA TYR F 142 42.22 -4.91 35.17
C TYR F 142 42.87 -4.03 36.21
N ARG F 143 43.26 -4.63 37.34
CA ARG F 143 43.75 -3.88 38.49
C ARG F 143 44.99 -3.03 38.19
N ARG F 144 45.72 -3.34 37.11
CA ARG F 144 46.85 -2.53 36.66
C ARG F 144 46.44 -1.27 35.84
N LEU F 145 45.16 -0.86 35.82
CA LEU F 145 44.69 0.30 35.05
C LEU F 145 44.43 1.51 35.97
N ASP F 146 44.76 2.71 35.48
CA ASP F 146 44.67 3.92 36.30
C ASP F 146 43.25 4.48 36.26
N ILE F 147 42.38 3.92 37.11
CA ILE F 147 40.98 4.35 37.21
C ILE F 147 40.50 4.11 38.64
N VAL F 148 39.33 4.69 38.96
CA VAL F 148 38.74 4.54 40.30
C VAL F 148 38.37 3.07 40.57
N ARG F 149 38.25 2.74 41.86
CA ARG F 149 37.99 1.36 42.28
C ARG F 149 36.63 0.87 41.86
N SER F 150 35.63 1.76 41.86
CA SER F 150 34.28 1.37 41.46
C SER F 150 34.24 0.95 39.99
N LEU F 151 35.12 1.51 39.15
CA LEU F 151 35.21 1.08 37.75
C LEU F 151 35.85 -0.30 37.62
N TYR F 152 36.84 -0.62 38.49
CA TYR F 152 37.40 -1.97 38.52
C TYR F 152 36.30 -3.00 38.65
N GLU F 153 35.42 -2.79 39.63
CA GLU F 153 34.32 -3.70 39.85
C GLU F 153 33.38 -3.75 38.67
N ASP F 154 33.17 -2.60 37.99
CA ASP F 154 32.33 -2.56 36.79
C ASP F 154 32.94 -3.33 35.63
N LEU F 155 34.26 -3.20 35.43
CA LEU F 155 34.91 -4.01 34.39
C LEU F 155 34.72 -5.49 34.65
N GLU F 156 34.78 -5.91 35.93
CA GLU F 156 34.69 -7.33 36.26
C GLU F 156 33.28 -7.86 36.18
N ASP F 157 32.26 -7.01 36.31
CA ASP F 157 30.86 -7.46 36.24
C ASP F 157 30.49 -7.72 34.78
N HIS F 158 31.13 -8.75 34.22
CA HIS F 158 30.92 -9.16 32.83
C HIS F 158 29.45 -9.43 32.54
N PRO F 159 28.98 -9.11 31.33
CA PRO F 159 27.61 -9.48 30.95
C PRO F 159 27.41 -10.97 31.08
N ASN F 160 26.21 -11.34 31.49
CA ASN F 160 25.92 -12.69 31.94
C ASN F 160 24.43 -12.94 31.75
N VAL F 161 24.10 -14.13 31.23
CA VAL F 161 22.72 -14.42 30.85
C VAL F 161 21.83 -14.59 32.08
N GLN F 162 22.29 -15.33 33.08
CA GLN F 162 21.51 -15.51 34.31
C GLN F 162 21.28 -14.17 35.02
N LYS F 163 22.31 -13.32 35.10
CA LYS F 163 22.13 -12.02 35.73
C LYS F 163 21.00 -11.27 35.04
N ASP F 164 21.04 -11.27 33.72
CA ASP F 164 20.00 -10.64 32.91
C ASP F 164 18.65 -11.30 33.18
N LEU F 165 18.63 -12.63 33.30
CA LEU F 165 17.39 -13.36 33.51
C LEU F 165 16.78 -13.07 34.87
N GLU F 166 17.62 -12.97 35.91
CA GLU F 166 17.13 -12.58 37.22
C GLU F 166 16.61 -11.15 37.20
N ARG F 167 17.22 -10.28 36.41
CA ARG F 167 16.70 -8.92 36.22
C ARG F 167 15.34 -8.95 35.55
N LEU F 168 15.25 -9.60 34.38
CA LEU F 168 13.97 -9.70 33.67
C LEU F 168 12.92 -10.38 34.54
N THR F 169 13.33 -11.29 35.43
CA THR F 169 12.38 -11.92 36.33
C THR F 169 11.88 -10.93 37.38
N GLN F 170 12.80 -10.20 38.02
CA GLN F 170 12.42 -9.32 39.13
C GLN F 170 11.45 -8.24 38.68
N GLU F 171 11.36 -7.96 37.39
CA GLU F 171 10.41 -7.00 36.85
C GLU F 171 9.34 -7.74 36.05
N ARG F 172 8.53 -8.52 36.77
CA ARG F 172 7.39 -9.20 36.17
C ARG F 172 6.43 -9.66 37.26
N MET G 1 9.49 -19.30 -28.17
CA MET G 1 9.21 -17.88 -28.39
C MET G 1 9.80 -17.01 -27.27
N ASP G 2 9.63 -17.39 -26.01
CA ASP G 2 10.24 -16.63 -24.92
C ASP G 2 11.71 -17.02 -24.82
N VAL G 3 12.56 -16.02 -24.71
CA VAL G 3 13.98 -16.21 -24.47
C VAL G 3 14.30 -15.59 -23.11
N PHE G 4 15.27 -16.16 -22.43
CA PHE G 4 15.57 -15.80 -21.05
C PHE G 4 17.00 -15.31 -20.99
N LEU G 5 17.18 -14.13 -20.42
CA LEU G 5 18.40 -13.38 -20.61
C LEU G 5 18.97 -12.97 -19.27
N MET G 6 20.28 -12.85 -19.27
CA MET G 6 21.01 -12.08 -18.28
C MET G 6 21.58 -10.87 -19.00
N ILE G 7 21.12 -9.68 -18.61
CA ILE G 7 21.68 -8.45 -19.12
C ILE G 7 22.71 -7.99 -18.10
N ARG G 8 23.97 -7.89 -18.53
CA ARG G 8 25.07 -7.81 -17.56
C ARG G 8 25.99 -6.63 -17.86
N ARG G 9 26.32 -5.88 -16.80
CA ARG G 9 27.29 -4.80 -16.89
C ARG G 9 28.03 -4.75 -15.56
N HIS G 10 29.35 -4.84 -15.62
CA HIS G 10 30.21 -4.74 -14.44
C HIS G 10 29.82 -5.81 -13.42
N LYS G 11 29.31 -5.38 -12.27
CA LYS G 11 28.78 -6.27 -11.25
C LYS G 11 27.26 -6.21 -11.19
N THR G 12 26.62 -5.84 -12.28
CA THR G 12 25.16 -5.79 -12.36
C THR G 12 24.69 -6.87 -13.32
N THR G 13 23.63 -7.57 -12.92
CA THR G 13 23.00 -8.58 -13.76
C THR G 13 21.51 -8.47 -13.63
N ILE G 14 20.85 -8.18 -14.75
CA ILE G 14 19.40 -8.15 -14.82
C ILE G 14 18.96 -9.48 -15.41
N PHE G 15 18.13 -10.23 -14.67
CA PHE G 15 17.46 -11.40 -15.21
C PHE G 15 16.15 -10.93 -15.80
N THR G 16 15.94 -11.20 -17.09
CA THR G 16 14.66 -10.85 -17.65
C THR G 16 14.38 -11.74 -18.85
N ASP G 17 13.13 -11.72 -19.28
CA ASP G 17 12.68 -12.50 -20.43
C ASP G 17 12.09 -11.58 -21.48
N ALA G 18 11.98 -12.11 -22.70
CA ALA G 18 11.43 -11.40 -23.84
C ALA G 18 11.07 -12.44 -24.90
N LYS G 19 10.29 -12.01 -25.88
CA LYS G 19 9.98 -12.85 -27.02
C LYS G 19 11.14 -12.85 -28.02
N GLU G 20 11.29 -13.97 -28.74
CA GLU G 20 12.29 -14.01 -29.80
C GLU G 20 12.07 -12.90 -30.81
N SER G 21 10.80 -12.51 -31.03
CA SER G 21 10.48 -11.50 -32.03
C SER G 21 10.66 -10.07 -31.54
N SER G 22 10.80 -9.85 -30.24
CA SER G 22 11.01 -8.50 -29.75
C SER G 22 12.38 -7.99 -30.17
N THR G 23 12.55 -6.67 -30.15
CA THR G 23 13.74 -6.07 -30.74
C THR G 23 14.77 -5.71 -29.67
N VAL G 24 16.01 -5.57 -30.13
CA VAL G 24 17.08 -5.04 -29.30
C VAL G 24 16.68 -3.71 -28.68
N PHE G 25 15.99 -2.87 -29.44
CA PHE G 25 15.57 -1.58 -28.90
C PHE G 25 14.56 -1.76 -27.77
N GLU G 26 13.57 -2.63 -27.97
CA GLU G 26 12.62 -2.94 -26.91
C GLU G 26 13.30 -3.55 -25.70
N LEU G 27 14.40 -4.28 -25.92
CA LEU G 27 15.19 -4.76 -24.79
C LEU G 27 15.85 -3.60 -24.05
N LYS G 28 16.29 -2.57 -24.79
CA LYS G 28 16.83 -1.38 -24.17
C LYS G 28 15.76 -0.63 -23.39
N ARG G 29 14.50 -0.72 -23.83
CA ARG G 29 13.40 -0.13 -23.10
C ARG G 29 13.24 -0.79 -21.72
N ILE G 30 13.41 -2.11 -21.66
CA ILE G 30 13.37 -2.82 -20.39
C ILE G 30 14.53 -2.39 -19.48
N VAL G 31 15.75 -2.36 -20.03
CA VAL G 31 16.91 -1.90 -19.25
C VAL G 31 16.67 -0.49 -18.72
N GLU G 32 16.05 0.35 -19.55
CA GLU G 32 15.78 1.72 -19.14
C GLU G 32 14.83 1.78 -17.95
N GLY G 33 13.78 0.95 -17.98
CA GLY G 33 12.85 0.90 -16.85
C GLY G 33 13.51 0.45 -15.56
N ILE G 34 14.60 -0.30 -15.67
CA ILE G 34 15.26 -0.88 -14.51
C ILE G 34 16.43 -0.04 -14.04
N LEU G 35 17.31 0.34 -14.96
CA LEU G 35 18.52 1.06 -14.61
C LEU G 35 18.39 2.56 -14.85
N LYS G 36 17.24 3.02 -15.32
CA LYS G 36 16.94 4.45 -15.43
C LYS G 36 17.94 5.11 -16.38
N ARG G 37 18.23 4.46 -17.50
CA ARG G 37 19.09 5.03 -18.53
C ARG G 37 18.41 4.86 -19.88
N PRO G 38 18.33 5.91 -20.70
CA PRO G 38 17.56 5.82 -21.94
C PRO G 38 18.27 4.95 -22.97
N PRO G 39 17.51 4.40 -23.94
CA PRO G 39 18.15 3.57 -24.98
C PRO G 39 19.34 4.19 -25.70
N ASP G 40 19.35 5.51 -25.96
CA ASP G 40 20.48 6.10 -26.68
C ASP G 40 21.76 6.12 -25.83
N GLU G 41 21.68 5.87 -24.53
CA GLU G 41 22.84 5.78 -23.66
C GLU G 41 23.23 4.33 -23.36
N GLN G 42 22.62 3.37 -24.06
CA GLN G 42 22.89 1.96 -23.85
C GLN G 42 23.40 1.34 -25.15
N ARG G 43 24.40 0.48 -25.03
CA ARG G 43 24.77 -0.43 -26.09
C ARG G 43 24.67 -1.86 -25.56
N LEU G 44 23.98 -2.71 -26.33
CA LEU G 44 23.79 -4.10 -25.98
C LEU G 44 24.65 -4.99 -26.88
N TYR G 45 25.23 -6.04 -26.29
CA TYR G 45 26.17 -6.89 -27.00
C TYR G 45 25.76 -8.36 -26.90
N LYS G 46 26.05 -9.12 -27.95
CA LYS G 46 26.15 -10.57 -27.85
C LYS G 46 27.62 -10.89 -28.01
N ASP G 47 28.25 -11.33 -26.92
CA ASP G 47 29.71 -11.46 -26.88
C ASP G 47 30.26 -10.08 -27.22
N ASP G 48 31.16 -9.97 -28.19
CA ASP G 48 31.81 -8.72 -28.59
C ASP G 48 31.02 -7.95 -29.63
N GLN G 49 29.92 -8.48 -30.10
CA GLN G 49 29.23 -7.86 -31.22
C GLN G 49 28.16 -6.89 -30.73
N LEU G 50 28.33 -5.63 -31.10
CA LEU G 50 27.30 -4.63 -30.88
C LEU G 50 26.05 -5.03 -31.64
N LEU G 51 24.89 -4.82 -31.04
CA LEU G 51 23.63 -5.28 -31.61
C LEU G 51 22.82 -4.09 -32.09
N ASP G 52 22.24 -4.24 -33.27
CA ASP G 52 21.40 -3.23 -33.88
C ASP G 52 20.01 -3.16 -33.25
N ASP G 53 19.57 -1.93 -32.91
CA ASP G 53 18.28 -1.70 -32.26
C ASP G 53 17.11 -2.38 -32.95
N GLY G 54 17.12 -2.44 -34.29
CA GLY G 54 16.04 -2.98 -35.09
C GLY G 54 16.05 -4.47 -35.28
N LYS G 55 17.14 -5.13 -34.90
CA LYS G 55 17.23 -6.58 -34.99
C LYS G 55 16.38 -7.21 -33.91
N THR G 56 15.73 -8.32 -34.24
CA THR G 56 15.01 -9.06 -33.21
C THR G 56 15.98 -9.95 -32.45
N LEU G 57 15.59 -10.33 -31.24
CA LEU G 57 16.45 -11.14 -30.39
C LEU G 57 16.77 -12.47 -31.07
N GLY G 58 15.80 -13.05 -31.77
CA GLY G 58 16.06 -14.29 -32.49
C GLY G 58 17.14 -14.11 -33.54
N GLU G 59 17.04 -13.04 -34.32
CA GLU G 59 18.05 -12.77 -35.34
C GLU G 59 19.43 -12.54 -34.74
N CYS G 60 19.51 -12.13 -33.49
CA CYS G 60 20.78 -11.96 -32.83
C CYS G 60 21.28 -13.23 -32.18
N GLY G 61 20.60 -14.36 -32.37
CA GLY G 61 21.08 -15.61 -31.85
C GLY G 61 20.55 -15.95 -30.47
N PHE G 62 19.57 -15.19 -29.97
CA PHE G 62 18.91 -15.51 -28.71
C PHE G 62 17.67 -16.33 -29.06
N THR G 63 17.74 -17.62 -28.78
CA THR G 63 16.70 -18.54 -29.19
C THR G 63 16.16 -19.27 -27.97
N SER G 64 14.98 -19.86 -28.13
CA SER G 64 14.44 -20.67 -27.05
C SER G 64 15.42 -21.78 -26.66
N GLN G 65 16.30 -22.17 -27.58
CA GLN G 65 17.29 -23.21 -27.31
C GLN G 65 18.53 -22.69 -26.62
N THR G 66 18.94 -21.45 -26.85
CA THR G 66 20.17 -20.93 -26.27
C THR G 66 19.94 -19.94 -25.14
N ALA G 67 18.69 -19.55 -24.88
CA ALA G 67 18.39 -18.51 -23.89
C ALA G 67 17.29 -19.09 -22.99
N ARG G 68 17.69 -20.06 -22.10
CA ARG G 68 16.67 -20.83 -21.42
C ARG G 68 16.55 -20.40 -19.95
N PRO G 69 15.39 -20.63 -19.34
CA PRO G 69 15.21 -20.21 -17.94
C PRO G 69 16.29 -20.73 -17.01
N GLN G 70 16.67 -22.00 -17.15
CA GLN G 70 17.71 -22.60 -16.33
C GLN G 70 19.12 -22.29 -16.83
N ALA G 71 19.24 -21.69 -18.01
CA ALA G 71 20.55 -21.35 -18.58
C ALA G 71 20.37 -20.13 -19.48
N PRO G 72 20.17 -18.94 -18.89
CA PRO G 72 19.84 -17.76 -19.69
C PRO G 72 21.02 -17.28 -20.50
N ALA G 73 20.73 -16.67 -21.65
CA ALA G 73 21.76 -16.10 -22.50
C ALA G 73 22.18 -14.75 -21.98
N THR G 74 23.46 -14.43 -22.12
CA THR G 74 24.01 -13.18 -21.61
C THR G 74 23.98 -12.11 -22.68
N VAL G 75 23.44 -10.95 -22.31
CA VAL G 75 23.54 -9.73 -23.10
C VAL G 75 24.48 -8.78 -22.37
N GLY G 76 25.56 -8.37 -23.04
CA GLY G 76 26.43 -7.35 -22.49
C GLY G 76 25.80 -5.97 -22.65
N LEU G 77 25.97 -5.14 -21.62
CA LEU G 77 25.44 -3.80 -21.59
C LEU G 77 26.55 -2.81 -21.28
N ALA G 78 26.60 -1.70 -22.03
CA ALA G 78 27.52 -0.59 -21.81
C ALA G 78 26.77 0.72 -21.86
N PHE G 79 27.07 1.60 -20.91
CA PHE G 79 26.38 2.86 -20.76
C PHE G 79 27.19 4.00 -21.37
N ARG G 80 26.50 5.05 -21.80
CA ARG G 80 27.17 6.29 -22.19
C ARG G 80 27.55 7.07 -20.94
N ALA G 81 28.85 7.27 -20.73
CA ALA G 81 29.36 7.98 -19.56
C ALA G 81 29.93 9.31 -20.06
N ASP G 82 29.16 10.38 -19.89
CA ASP G 82 29.55 11.73 -20.30
C ASP G 82 29.73 11.75 -21.82
N ASP G 83 30.89 12.13 -22.35
CA ASP G 83 31.09 12.21 -23.80
C ASP G 83 30.79 10.89 -24.48
N THR G 84 31.58 9.87 -24.21
CA THR G 84 31.57 8.63 -24.97
C THR G 84 31.00 7.48 -24.15
N PHE G 85 30.72 6.39 -24.87
CA PHE G 85 30.30 5.14 -24.25
C PHE G 85 31.48 4.50 -23.52
N GLU G 86 31.21 3.99 -22.32
CA GLU G 86 32.19 3.16 -21.62
C GLU G 86 32.45 1.87 -22.41
N ALA G 87 33.59 1.24 -22.16
CA ALA G 87 33.84 -0.08 -22.72
C ALA G 87 32.98 -1.13 -22.03
N LEU G 88 32.65 -2.19 -22.77
CA LEU G 88 31.90 -3.32 -22.23
C LEU G 88 32.80 -4.07 -21.25
N CYS G 89 32.46 -4.02 -19.96
CA CYS G 89 33.18 -4.81 -18.96
C CYS G 89 32.14 -5.54 -18.14
N ILE G 90 32.31 -6.85 -18.00
CA ILE G 90 31.43 -7.67 -17.21
C ILE G 90 32.29 -8.37 -16.17
N GLU G 91 32.02 -8.16 -14.90
CA GLU G 91 32.80 -8.86 -13.88
C GLU G 91 32.33 -10.31 -13.85
N PRO G 92 33.24 -11.28 -13.92
CA PRO G 92 32.80 -12.67 -13.82
C PRO G 92 32.29 -12.93 -12.42
N PHE G 93 31.44 -13.95 -12.28
CA PHE G 93 31.04 -14.36 -10.95
C PHE G 93 32.24 -14.96 -10.21
N SER G 94 32.08 -15.10 -8.90
CA SER G 94 33.16 -15.63 -8.10
C SER G 94 33.50 -17.06 -8.53
N SER G 95 34.65 -17.49 -8.15
CA SER G 95 34.93 -18.84 -8.61
C SER G 95 34.67 -19.83 -7.48
N PRO G 96 34.19 -21.02 -7.81
CA PRO G 96 33.86 -22.00 -6.78
C PRO G 96 35.12 -22.56 -6.14
N PRO G 97 35.04 -23.03 -4.90
CA PRO G 97 36.18 -23.72 -4.28
C PRO G 97 36.51 -24.98 -5.06
N GLU G 98 37.67 -25.54 -4.76
CA GLU G 98 38.03 -26.79 -5.39
C GLU G 98 37.04 -27.88 -4.96
N LEU G 99 36.78 -28.81 -5.88
CA LEU G 99 35.89 -29.91 -5.57
C LEU G 99 36.39 -30.65 -4.34
N PRO G 100 35.54 -30.87 -3.33
CA PRO G 100 35.96 -31.71 -2.22
C PRO G 100 36.40 -33.08 -2.74
N ASP G 101 37.38 -33.68 -2.05
CA ASP G 101 37.91 -34.97 -2.51
C ASP G 101 36.79 -36.00 -2.62
N VAL G 102 35.86 -36.00 -1.66
CA VAL G 102 34.75 -36.94 -1.59
C VAL G 102 33.77 -36.76 -2.75
N MET G 103 34.08 -35.86 -3.69
CA MET G 103 33.23 -35.60 -4.86
C MET G 103 33.93 -35.82 -6.21
N MET H 3 8.42 -3.86 -9.34
CA MET H 3 8.38 -4.92 -10.35
C MET H 3 9.66 -5.76 -10.24
N TYR H 4 10.79 -5.12 -9.99
CA TYR H 4 12.06 -5.83 -9.86
C TYR H 4 12.57 -5.64 -8.43
N VAL H 5 13.48 -6.52 -8.00
CA VAL H 5 14.12 -6.42 -6.70
C VAL H 5 15.60 -6.65 -6.92
N LYS H 6 16.41 -6.29 -5.94
CA LYS H 6 17.85 -6.42 -6.08
C LYS H 6 18.41 -7.38 -5.04
N LEU H 7 19.04 -8.45 -5.52
CA LEU H 7 19.72 -9.43 -4.68
C LEU H 7 21.21 -9.25 -4.87
N ILE H 8 21.93 -9.05 -3.77
CA ILE H 8 23.34 -8.71 -3.79
C ILE H 8 24.11 -9.85 -3.15
N SER H 9 25.11 -10.36 -3.85
CA SER H 9 25.84 -11.53 -3.36
C SER H 9 26.93 -11.10 -2.37
N SER H 10 27.53 -12.08 -1.72
CA SER H 10 28.54 -11.73 -0.72
C SER H 10 29.71 -10.99 -1.33
N ASP H 11 30.06 -11.31 -2.59
CA ASP H 11 31.16 -10.65 -3.27
C ASP H 11 30.69 -9.44 -4.06
N GLY H 12 29.49 -8.92 -3.78
CA GLY H 12 29.08 -7.63 -4.29
C GLY H 12 28.37 -7.59 -5.64
N HIS H 13 28.19 -8.74 -6.31
CA HIS H 13 27.38 -8.73 -7.53
C HIS H 13 25.93 -8.40 -7.19
N GLU H 14 25.30 -7.63 -8.06
CA GLU H 14 23.91 -7.20 -7.89
C GLU H 14 23.04 -7.89 -8.92
N PHE H 15 22.07 -8.63 -8.46
CA PHE H 15 21.18 -9.39 -9.33
C PHE H 15 19.80 -8.78 -9.27
N ILE H 16 19.31 -8.33 -10.42
CA ILE H 16 18.01 -7.67 -10.50
C ILE H 16 17.07 -8.67 -11.15
N VAL H 17 16.04 -9.08 -10.41
CA VAL H 17 15.13 -10.15 -10.80
C VAL H 17 13.69 -9.68 -10.61
N LYS H 18 12.78 -10.28 -11.37
CA LYS H 18 11.37 -9.96 -11.23
C LYS H 18 10.91 -10.24 -9.81
N ARG H 19 10.15 -9.30 -9.24
CA ARG H 19 9.66 -9.48 -7.89
C ARG H 19 8.88 -10.78 -7.78
N GLU H 20 8.02 -11.05 -8.76
CA GLU H 20 7.26 -12.29 -8.75
C GLU H 20 8.17 -13.51 -8.67
N HIS H 21 9.32 -13.46 -9.36
CA HIS H 21 10.26 -14.57 -9.38
C HIS H 21 11.00 -14.72 -8.04
N ALA H 22 11.36 -13.60 -7.40
CA ALA H 22 12.08 -13.65 -6.15
C ALA H 22 11.22 -14.26 -5.05
N LEU H 23 9.91 -14.06 -5.13
CA LEU H 23 9.00 -14.58 -4.11
C LEU H 23 8.96 -16.09 -4.10
N THR H 24 9.51 -16.74 -5.13
CA THR H 24 9.77 -18.18 -5.11
C THR H 24 10.48 -18.58 -3.83
N SER H 25 11.38 -17.72 -3.34
CA SER H 25 12.05 -17.94 -2.06
C SER H 25 11.14 -17.46 -0.94
N GLY H 26 10.74 -18.37 -0.06
CA GLY H 26 9.89 -17.97 1.05
C GLY H 26 10.58 -17.00 1.98
N THR H 27 11.88 -17.18 2.17
CA THR H 27 12.68 -16.23 2.94
C THR H 27 12.61 -14.84 2.32
N ILE H 28 12.81 -14.74 1.01
CA ILE H 28 12.76 -13.44 0.34
C ILE H 28 11.34 -12.87 0.39
N LYS H 29 10.33 -13.71 0.20
CA LYS H 29 8.94 -13.22 0.22
C LYS H 29 8.63 -12.56 1.55
N ALA H 30 9.10 -13.15 2.65
CA ALA H 30 8.92 -12.52 3.94
C ALA H 30 9.80 -11.28 4.09
N MET H 31 11.02 -11.28 3.52
CA MET H 31 11.86 -10.08 3.60
C MET H 31 11.24 -8.90 2.85
N LEU H 32 10.61 -9.16 1.71
CA LEU H 32 10.01 -8.10 0.91
C LEU H 32 8.65 -7.69 1.45
N SER H 33 8.04 -8.53 2.29
CA SER H 33 6.77 -8.25 2.94
C SER H 33 6.95 -8.00 4.45
N GLY H 34 8.12 -7.54 4.86
CA GLY H 34 8.39 -7.28 6.26
C GLY H 34 9.75 -6.67 6.53
N THR H 43 13.68 -3.24 2.51
CA THR H 43 13.33 -2.41 1.36
C THR H 43 13.04 -3.28 0.12
N ASN H 44 13.49 -2.83 -1.05
CA ASN H 44 13.46 -3.65 -2.25
C ASN H 44 14.83 -4.18 -2.64
N GLU H 45 15.82 -4.06 -1.75
CA GLU H 45 17.10 -4.72 -1.94
C GLU H 45 17.32 -5.70 -0.79
N VAL H 46 18.02 -6.78 -1.10
CA VAL H 46 18.37 -7.81 -0.13
C VAL H 46 19.85 -8.12 -0.27
N ASN H 47 20.54 -8.15 0.88
CA ASN H 47 21.97 -8.41 0.91
C ASN H 47 22.21 -9.79 1.48
N PHE H 48 22.94 -10.63 0.75
CA PHE H 48 23.22 -11.99 1.19
C PHE H 48 24.70 -12.05 1.45
N ARG H 49 25.08 -11.80 2.70
CA ARG H 49 26.48 -11.72 3.02
C ARG H 49 27.18 -13.08 2.98
N GLU H 50 26.45 -14.17 2.84
CA GLU H 50 27.06 -15.49 2.82
C GLU H 50 26.93 -16.23 1.49
N ILE H 51 26.19 -15.70 0.53
CA ILE H 51 25.96 -16.41 -0.73
C ILE H 51 26.85 -15.74 -1.78
N PRO H 52 27.91 -16.39 -2.24
CA PRO H 52 28.74 -15.81 -3.31
C PRO H 52 27.96 -15.75 -4.61
N SER H 53 28.51 -14.99 -5.58
CA SER H 53 27.78 -14.70 -6.82
C SER H 53 27.59 -15.92 -7.70
N HIS H 54 28.52 -16.88 -7.67
CA HIS H 54 28.35 -18.10 -8.45
C HIS H 54 27.25 -19.01 -7.89
N VAL H 55 26.83 -18.78 -6.66
CA VAL H 55 25.65 -19.46 -6.14
C VAL H 55 24.39 -18.64 -6.41
N LEU H 56 24.40 -17.34 -6.07
CA LEU H 56 23.20 -16.52 -6.16
C LEU H 56 22.71 -16.38 -7.61
N SER H 57 23.63 -16.33 -8.58
CA SER H 57 23.21 -16.31 -9.97
C SER H 57 22.47 -17.58 -10.33
N LYS H 58 22.94 -18.72 -9.82
CA LYS H 58 22.22 -19.97 -10.06
C LYS H 58 20.86 -19.97 -9.37
N VAL H 59 20.81 -19.46 -8.14
CA VAL H 59 19.53 -19.31 -7.45
C VAL H 59 18.55 -18.53 -8.32
N CYS H 60 19.01 -17.40 -8.90
CA CYS H 60 18.15 -16.58 -9.74
C CYS H 60 17.68 -17.35 -10.96
N MET H 61 18.59 -18.12 -11.57
CA MET H 61 18.20 -18.96 -12.70
C MET H 61 17.13 -19.94 -12.27
N TYR H 62 17.23 -20.48 -11.05
CA TYR H 62 16.22 -21.39 -10.54
C TYR H 62 14.86 -20.72 -10.38
N PHE H 63 14.84 -19.45 -9.95
CA PHE H 63 13.58 -18.70 -9.88
C PHE H 63 12.92 -18.65 -11.24
N THR H 64 13.68 -18.24 -12.26
CA THR H 64 13.15 -18.20 -13.62
C THR H 64 12.55 -19.55 -13.99
N TYR H 65 13.34 -20.60 -13.76
CA TYR H 65 12.96 -21.96 -14.12
C TYR H 65 11.68 -22.39 -13.43
N LYS H 66 11.60 -22.18 -12.11
CA LYS H 66 10.45 -22.61 -11.35
C LYS H 66 9.19 -21.89 -11.82
N VAL H 67 9.25 -20.57 -11.96
CA VAL H 67 8.08 -19.82 -12.38
C VAL H 67 7.66 -20.17 -13.80
N ARG H 68 8.62 -20.43 -14.69
CA ARG H 68 8.26 -20.79 -16.05
C ARG H 68 7.62 -22.19 -16.11
N TYR H 69 8.13 -23.15 -15.35
CA TYR H 69 7.76 -24.55 -15.56
C TYR H 69 6.79 -25.08 -14.52
N THR H 70 6.50 -24.35 -13.45
CA THR H 70 5.55 -24.79 -12.44
C THR H 70 4.15 -24.73 -13.00
N ASN H 71 3.36 -25.80 -12.77
CA ASN H 71 2.00 -25.90 -13.27
C ASN H 71 1.96 -25.72 -14.78
N SER H 72 2.76 -26.53 -15.48
CA SER H 72 2.90 -26.44 -16.92
C SER H 72 2.80 -27.84 -17.51
N SER H 73 2.07 -27.97 -18.62
CA SER H 73 2.00 -29.25 -19.32
C SER H 73 3.22 -29.52 -20.18
N THR H 74 3.99 -28.48 -20.52
CA THR H 74 5.21 -28.64 -21.31
C THR H 74 6.16 -29.64 -20.65
N GLU H 75 6.92 -30.36 -21.48
CA GLU H 75 7.99 -31.18 -20.95
C GLU H 75 8.96 -30.30 -20.17
N ILE H 76 9.33 -30.74 -18.98
CA ILE H 76 10.13 -29.94 -18.06
C ILE H 76 11.57 -30.40 -18.16
N PRO H 77 12.52 -29.52 -18.48
CA PRO H 77 13.93 -29.93 -18.54
C PRO H 77 14.57 -29.99 -17.16
N GLU H 78 15.71 -30.68 -17.10
CA GLU H 78 16.46 -30.79 -15.86
C GLU H 78 17.04 -29.43 -15.47
N PHE H 79 17.00 -29.12 -14.18
CA PHE H 79 17.74 -27.96 -13.69
C PHE H 79 19.20 -28.34 -13.52
N PRO H 80 20.13 -27.72 -14.25
CA PRO H 80 21.53 -28.16 -14.20
C PRO H 80 22.28 -27.51 -13.05
N ILE H 81 23.11 -28.30 -12.38
CA ILE H 81 23.90 -27.87 -11.23
C ILE H 81 25.28 -28.50 -11.32
N ALA H 82 26.31 -27.68 -11.56
CA ALA H 82 27.69 -28.14 -11.65
C ALA H 82 28.17 -28.66 -10.30
N PRO H 83 28.95 -29.75 -10.29
CA PRO H 83 29.42 -30.30 -9.01
C PRO H 83 30.09 -29.28 -8.09
N GLU H 84 30.85 -28.34 -8.65
CA GLU H 84 31.65 -27.44 -7.83
C GLU H 84 30.79 -26.49 -7.01
N ILE H 85 29.57 -26.19 -7.46
CA ILE H 85 28.71 -25.29 -6.71
C ILE H 85 27.62 -26.03 -5.94
N ALA H 86 27.57 -27.36 -6.06
CA ALA H 86 26.47 -28.12 -5.49
C ALA H 86 26.33 -27.90 -3.99
N LEU H 87 27.44 -27.98 -3.26
CA LEU H 87 27.38 -27.88 -1.79
C LEU H 87 26.88 -26.51 -1.35
N GLU H 88 27.45 -25.44 -1.91
CA GLU H 88 27.05 -24.11 -1.50
C GLU H 88 25.63 -23.80 -1.94
N LEU H 89 25.26 -24.22 -3.15
CA LEU H 89 23.90 -24.03 -3.63
C LEU H 89 22.90 -24.71 -2.71
N LEU H 90 23.24 -25.90 -2.19
CA LEU H 90 22.41 -26.59 -1.21
C LEU H 90 22.21 -25.74 0.05
N MET H 91 23.30 -25.15 0.57
CA MET H 91 23.18 -24.32 1.76
C MET H 91 22.40 -23.04 1.47
N ALA H 92 22.64 -22.44 0.31
CA ALA H 92 21.82 -21.31 -0.09
C ALA H 92 20.36 -21.72 -0.21
N ALA H 93 20.09 -22.84 -0.90
CA ALA H 93 18.71 -23.29 -1.05
C ALA H 93 18.07 -23.54 0.30
N ASN H 94 18.86 -24.08 1.24
CA ASN H 94 18.31 -24.34 2.57
C ASN H 94 17.86 -23.07 3.22
N PHE H 95 18.68 -22.02 3.18
CA PHE H 95 18.30 -20.78 3.82
C PHE H 95 17.15 -20.09 3.09
N LEU H 96 17.15 -20.11 1.75
CA LEU H 96 16.18 -19.33 0.98
C LEU H 96 14.77 -19.92 0.98
N ASP H 97 14.59 -21.15 1.46
CA ASP H 97 13.29 -21.86 1.44
C ASP H 97 12.72 -21.90 0.02
N CYS H 98 13.45 -22.56 -0.86
CA CYS H 98 12.97 -22.75 -2.22
C CYS H 98 13.53 -24.03 -2.82
N VAL I 29 -4.24 -49.53 2.19
CA VAL I 29 -5.02 -48.34 1.79
C VAL I 29 -4.67 -47.85 0.37
N LEU I 30 -3.39 -47.59 0.09
CA LEU I 30 -2.96 -47.27 -1.27
C LEU I 30 -2.54 -48.57 -1.94
N ARG I 31 -3.47 -49.17 -2.69
CA ARG I 31 -3.25 -50.44 -3.35
C ARG I 31 -4.00 -50.47 -4.67
N SER I 32 -3.59 -51.39 -5.54
CA SER I 32 -4.34 -51.64 -6.74
C SER I 32 -5.62 -52.39 -6.39
N VAL I 33 -6.71 -52.03 -7.05
CA VAL I 33 -7.94 -52.78 -6.96
C VAL I 33 -7.86 -53.96 -7.91
N ASN I 34 -8.28 -55.14 -7.47
CA ASN I 34 -8.26 -56.31 -8.35
C ASN I 34 -9.52 -56.29 -9.21
N SER I 35 -9.52 -55.38 -10.17
CA SER I 35 -10.68 -55.24 -11.05
C SER I 35 -10.73 -56.33 -12.09
N ARG I 36 -9.57 -56.85 -12.50
CA ARG I 36 -9.47 -57.78 -13.62
C ARG I 36 -10.05 -57.18 -14.90
N GLU I 37 -10.18 -55.85 -14.97
CA GLU I 37 -10.65 -55.17 -16.16
C GLU I 37 -9.45 -54.66 -16.93
N PRO I 38 -9.06 -55.29 -18.02
CA PRO I 38 -7.84 -54.86 -18.72
C PRO I 38 -7.99 -53.41 -19.15
N SER I 39 -6.87 -52.69 -19.12
CA SER I 39 -6.80 -51.31 -19.55
C SER I 39 -5.45 -51.12 -20.20
N GLN I 40 -5.47 -50.75 -21.48
CA GLN I 40 -4.27 -50.51 -22.25
C GLN I 40 -3.71 -49.15 -21.95
N VAL I 41 -2.41 -49.10 -21.69
CA VAL I 41 -1.77 -47.88 -21.22
C VAL I 41 -0.49 -47.68 -22.01
N ILE I 42 -0.17 -46.43 -22.30
CA ILE I 42 1.15 -46.07 -22.83
C ILE I 42 1.92 -45.35 -21.74
N PHE I 43 3.07 -45.93 -21.38
CA PHE I 43 4.07 -45.26 -20.56
C PHE I 43 4.92 -44.40 -21.48
N CYS I 44 4.86 -43.10 -21.30
CA CYS I 44 5.54 -42.15 -22.18
C CYS I 44 6.54 -41.34 -21.36
N ASN I 45 7.83 -41.67 -21.45
CA ASN I 45 8.85 -41.05 -20.61
C ASN I 45 9.26 -39.70 -21.21
N ARG I 46 8.54 -38.65 -20.81
CA ARG I 46 8.86 -37.27 -21.23
C ARG I 46 9.77 -36.62 -20.20
N SER I 47 10.83 -37.30 -19.82
CA SER I 47 11.75 -36.84 -18.80
C SER I 47 13.15 -37.29 -19.22
N PRO I 48 14.19 -36.62 -18.72
CA PRO I 48 15.56 -37.03 -19.03
C PRO I 48 16.10 -38.15 -18.14
N ARG I 49 15.25 -38.71 -17.28
CA ARG I 49 15.64 -39.77 -16.37
C ARG I 49 15.29 -41.12 -16.97
N VAL I 50 16.10 -42.13 -16.62
CA VAL I 50 15.68 -43.51 -16.80
C VAL I 50 14.55 -43.74 -15.79
N VAL I 51 13.38 -44.12 -16.28
CA VAL I 51 12.19 -44.18 -15.44
C VAL I 51 11.96 -45.62 -15.00
N LEU I 52 11.72 -45.80 -13.70
CA LEU I 52 11.31 -47.08 -13.16
C LEU I 52 9.81 -47.02 -12.90
N PRO I 53 8.99 -47.69 -13.71
CA PRO I 53 7.57 -47.81 -13.36
C PRO I 53 7.42 -48.75 -12.18
N VAL I 54 6.50 -48.41 -11.27
CA VAL I 54 6.28 -49.16 -10.04
C VAL I 54 4.78 -49.41 -9.92
N TRP I 55 4.40 -50.68 -9.93
CA TRP I 55 3.00 -51.05 -9.73
C TRP I 55 2.78 -51.38 -8.26
N LEU I 56 1.78 -50.76 -7.66
CA LEU I 56 1.41 -51.17 -6.31
C LEU I 56 0.51 -52.39 -6.41
N ASN I 57 0.95 -53.52 -5.86
CA ASN I 57 0.17 -54.73 -5.98
C ASN I 57 -1.00 -54.71 -5.00
N PHE I 58 -1.71 -55.84 -4.89
CA PHE I 58 -2.96 -55.90 -4.15
C PHE I 58 -2.76 -55.80 -2.65
N ASP I 59 -1.57 -56.14 -2.15
CA ASP I 59 -1.23 -55.87 -0.76
C ASP I 59 -0.63 -54.49 -0.58
N GLY I 60 -0.59 -53.68 -1.63
CA GLY I 60 0.08 -52.41 -1.52
C GLY I 60 1.57 -52.49 -1.67
N GLU I 61 2.10 -53.66 -2.02
CA GLU I 61 3.54 -53.79 -2.13
C GLU I 61 4.03 -53.25 -3.49
N PRO I 62 5.01 -52.35 -3.48
CA PRO I 62 5.50 -51.80 -4.75
C PRO I 62 6.24 -52.86 -5.54
N GLN I 63 5.89 -52.98 -6.82
CA GLN I 63 6.54 -53.93 -7.71
C GLN I 63 7.22 -53.22 -8.85
N PRO I 64 8.55 -53.37 -9.00
CA PRO I 64 9.25 -52.72 -10.12
C PRO I 64 8.93 -53.40 -11.44
N TYR I 65 8.76 -52.58 -12.46
CA TYR I 65 8.56 -53.06 -13.82
C TYR I 65 9.75 -52.61 -14.65
N PRO I 66 9.92 -53.12 -15.87
CA PRO I 66 11.13 -52.75 -16.64
C PRO I 66 11.23 -51.26 -16.87
N THR I 67 12.47 -50.77 -16.83
CA THR I 67 12.73 -49.35 -16.90
C THR I 67 12.55 -48.83 -18.32
N LEU I 68 12.17 -47.55 -18.42
CA LEU I 68 12.03 -46.86 -19.69
C LEU I 68 13.22 -45.93 -19.88
N PRO I 69 13.97 -46.04 -20.96
CA PRO I 69 15.01 -45.03 -21.23
C PRO I 69 14.39 -43.67 -21.47
N PRO I 70 15.16 -42.60 -21.27
CA PRO I 70 14.64 -41.25 -21.52
C PRO I 70 14.10 -41.11 -22.93
N GLY I 71 12.96 -40.43 -23.06
CA GLY I 71 12.40 -40.15 -24.36
C GLY I 71 11.71 -41.30 -25.04
N THR I 72 11.58 -42.46 -24.39
CA THR I 72 10.91 -43.60 -25.00
C THR I 72 9.47 -43.71 -24.51
N GLY I 73 8.68 -44.44 -25.29
CA GLY I 73 7.33 -44.77 -24.93
C GLY I 73 7.27 -46.29 -24.89
N ARG I 74 6.26 -46.85 -24.24
CA ARG I 74 6.10 -48.29 -24.21
C ARG I 74 4.66 -48.60 -23.88
N ARG I 75 4.03 -49.42 -24.71
CA ARG I 75 2.70 -49.94 -24.44
C ARG I 75 2.75 -51.05 -23.41
N ILE I 76 1.84 -51.02 -22.45
CA ILE I 76 1.80 -52.02 -21.39
C ILE I 76 0.35 -52.39 -21.18
N HIS I 77 0.10 -53.65 -20.84
CA HIS I 77 -1.25 -54.11 -20.49
C HIS I 77 -1.44 -54.00 -18.99
N SER I 78 -2.41 -53.19 -18.56
CA SER I 78 -2.67 -53.01 -17.15
C SER I 78 -4.16 -53.24 -16.90
N TYR I 79 -4.67 -52.69 -15.79
CA TYR I 79 -6.04 -52.98 -15.38
C TYR I 79 -6.66 -51.74 -14.74
N ARG I 80 -7.97 -51.64 -14.87
CA ARG I 80 -8.68 -50.52 -14.25
C ARG I 80 -8.48 -50.56 -12.73
N GLY I 81 -8.29 -49.40 -12.12
CA GLY I 81 -8.11 -49.31 -10.69
C GLY I 81 -6.75 -49.74 -10.16
N HIS I 82 -5.84 -50.17 -11.02
CA HIS I 82 -4.48 -50.46 -10.58
C HIS I 82 -3.73 -49.16 -10.34
N LEU I 83 -2.68 -49.23 -9.53
CA LEU I 83 -2.02 -48.05 -9.01
C LEU I 83 -0.57 -48.07 -9.45
N TRP I 84 -0.14 -46.99 -10.10
CA TRP I 84 1.22 -46.89 -10.60
C TRP I 84 1.87 -45.61 -10.11
N LEU I 85 3.17 -45.65 -10.00
CA LEU I 85 3.93 -44.44 -9.79
C LEU I 85 5.27 -44.64 -10.46
N PHE I 86 6.04 -43.54 -10.59
CA PHE I 86 7.23 -43.59 -11.41
C PHE I 86 8.39 -42.90 -10.72
N ARG I 87 9.57 -43.50 -10.84
CA ARG I 87 10.77 -43.05 -10.14
C ARG I 87 11.95 -43.04 -11.09
N ASP I 88 12.94 -42.19 -10.80
CA ASP I 88 14.24 -42.36 -11.41
C ASP I 88 14.79 -43.75 -11.03
N ALA I 89 15.12 -44.56 -12.03
CA ALA I 89 15.52 -45.93 -11.75
C ALA I 89 16.82 -45.99 -10.98
N GLY I 90 17.69 -44.99 -11.15
CA GLY I 90 18.95 -45.03 -10.43
C GLY I 90 18.86 -44.48 -9.01
N THR I 91 18.11 -43.41 -8.81
CA THR I 91 18.14 -42.66 -7.55
C THR I 91 16.83 -42.70 -6.78
N HIS I 92 15.75 -43.19 -7.38
CA HIS I 92 14.40 -43.25 -6.81
C HIS I 92 13.80 -41.88 -6.58
N ASP I 93 14.38 -40.81 -7.14
CA ASP I 93 13.71 -39.51 -7.15
C ASP I 93 12.29 -39.67 -7.66
N GLY I 94 11.36 -38.93 -7.05
CA GLY I 94 9.98 -38.98 -7.49
C GLY I 94 9.80 -38.31 -8.84
N LEU I 95 8.89 -38.87 -9.65
CA LEU I 95 8.53 -38.27 -10.93
C LEU I 95 7.03 -38.13 -10.97
N LEU I 96 6.57 -37.27 -11.84
CA LEU I 96 5.16 -37.03 -12.02
C LEU I 96 4.65 -37.85 -13.19
N VAL I 97 3.39 -38.27 -13.11
CA VAL I 97 2.71 -38.95 -14.19
C VAL I 97 1.38 -38.26 -14.42
N ASN I 98 1.21 -37.66 -15.61
CA ASN I 98 0.03 -36.83 -15.87
C ASN I 98 -0.18 -35.79 -14.75
N GLN I 99 0.89 -35.13 -14.35
CA GLN I 99 0.96 -34.02 -13.40
C GLN I 99 0.66 -34.41 -11.95
N THR I 100 0.49 -35.68 -11.60
CA THR I 100 0.33 -36.01 -10.19
C THR I 100 1.25 -37.17 -9.80
N GLU I 101 1.08 -37.67 -8.57
CA GLU I 101 1.99 -38.66 -8.05
C GLU I 101 1.63 -40.05 -8.56
N LEU I 102 0.34 -40.35 -8.66
CA LEU I 102 -0.12 -41.69 -8.92
C LEU I 102 -0.88 -41.76 -10.24
N PHE I 103 -0.73 -42.89 -10.94
CA PHE I 103 -1.44 -43.13 -12.18
C PHE I 103 -2.36 -44.32 -12.00
N VAL I 104 -3.64 -44.13 -12.32
CA VAL I 104 -4.64 -45.19 -12.21
C VAL I 104 -5.24 -45.44 -13.59
N PRO I 105 -4.91 -46.54 -14.26
CA PRO I 105 -5.53 -46.82 -15.57
C PRO I 105 -7.04 -46.76 -15.46
N SER I 106 -7.67 -46.13 -16.41
CA SER I 106 -9.12 -46.07 -16.44
C SER I 106 -9.63 -46.95 -17.58
N LEU I 107 -10.90 -46.78 -17.92
CA LEU I 107 -11.52 -47.48 -19.04
C LEU I 107 -10.96 -46.99 -20.38
N ASN I 108 -10.58 -47.92 -21.25
CA ASN I 108 -10.27 -47.57 -22.64
C ASN I 108 -11.55 -47.33 -23.42
N VAL I 109 -11.76 -46.11 -23.87
CA VAL I 109 -12.90 -45.77 -24.72
C VAL I 109 -12.45 -45.77 -26.19
N ASP I 110 -13.22 -46.45 -27.04
CA ASP I 110 -12.95 -46.54 -28.49
C ASP I 110 -11.55 -47.10 -28.78
N GLY I 111 -11.10 -48.04 -27.96
CA GLY I 111 -9.80 -48.66 -28.15
C GLY I 111 -8.60 -47.74 -27.99
N GLN I 112 -8.79 -46.58 -27.41
CA GLN I 112 -7.61 -45.75 -27.23
C GLN I 112 -6.88 -46.14 -25.95
N PRO I 113 -5.57 -46.31 -26.00
CA PRO I 113 -4.83 -46.52 -24.75
C PRO I 113 -4.82 -45.24 -23.93
N ILE I 114 -4.75 -45.39 -22.60
CA ILE I 114 -4.56 -44.25 -21.72
C ILE I 114 -3.08 -43.91 -21.73
N PHE I 115 -2.76 -42.63 -21.88
CA PHE I 115 -1.36 -42.22 -21.89
C PHE I 115 -0.91 -41.88 -20.47
N ALA I 116 0.23 -42.43 -20.07
CA ALA I 116 0.85 -42.08 -18.78
C ALA I 116 2.10 -41.27 -19.11
N ASN I 117 1.97 -39.94 -19.09
CA ASN I 117 3.07 -39.04 -19.43
C ASN I 117 3.93 -38.77 -18.18
N ILE I 118 5.15 -39.29 -18.20
CA ILE I 118 6.06 -39.20 -17.07
C ILE I 118 6.97 -38.00 -17.31
N THR I 119 6.97 -37.04 -16.39
CA THR I 119 7.78 -35.84 -16.53
C THR I 119 8.55 -35.58 -15.25
N LEU I 120 9.64 -34.83 -15.35
CA LEU I 120 10.23 -34.26 -14.15
C LEU I 120 9.21 -33.35 -13.48
N PRO I 121 9.10 -33.41 -12.16
CA PRO I 121 8.47 -32.31 -11.44
C PRO I 121 9.42 -31.14 -11.42
N VAL I 122 8.88 -30.00 -11.00
CA VAL I 122 9.74 -28.90 -10.63
C VAL I 122 10.21 -29.21 -9.23
N TYR I 123 11.37 -29.85 -9.09
CA TYR I 123 11.91 -30.06 -7.77
C TYR I 123 12.20 -28.71 -7.11
N THR I 124 12.09 -28.66 -5.78
CA THR I 124 12.69 -27.54 -5.08
C THR I 124 14.18 -27.49 -5.39
N LEU I 125 14.73 -26.29 -5.33
CA LEU I 125 16.16 -26.13 -5.53
C LEU I 125 16.92 -26.95 -4.50
N LYS I 126 16.38 -27.03 -3.28
CA LYS I 126 17.02 -27.82 -2.23
C LYS I 126 17.02 -29.29 -2.57
N GLU I 127 15.87 -29.83 -2.96
CA GLU I 127 15.83 -31.24 -3.33
C GLU I 127 16.77 -31.49 -4.51
N ARG I 128 16.83 -30.54 -5.45
CA ARG I 128 17.68 -30.74 -6.62
C ARG I 128 19.16 -30.73 -6.24
N CYS I 129 19.56 -29.86 -5.31
CA CYS I 129 20.95 -29.91 -4.84
C CYS I 129 21.23 -31.22 -4.13
N LEU I 130 20.33 -31.66 -3.24
CA LEU I 130 20.50 -32.95 -2.58
C LEU I 130 20.71 -34.07 -3.60
N GLN I 131 19.95 -34.07 -4.69
CA GLN I 131 20.11 -35.09 -5.73
C GLN I 131 21.51 -35.05 -6.33
N VAL I 132 21.97 -33.85 -6.68
CA VAL I 132 23.29 -33.74 -7.32
C VAL I 132 24.38 -34.20 -6.35
N VAL I 133 24.29 -33.77 -5.09
CA VAL I 133 25.31 -34.13 -4.10
C VAL I 133 25.29 -35.63 -3.83
N ARG I 134 24.09 -36.21 -3.61
CA ARG I 134 23.99 -37.68 -3.50
C ARG I 134 24.62 -38.39 -4.69
N SER I 135 24.44 -37.82 -5.89
CA SER I 135 24.97 -38.40 -7.10
C SER I 135 26.49 -38.26 -7.21
N LEU I 136 27.11 -37.42 -6.37
CA LEU I 136 28.55 -37.23 -6.39
C LEU I 136 29.25 -37.77 -5.14
N VAL I 137 28.54 -37.94 -4.04
CA VAL I 137 29.15 -38.41 -2.80
C VAL I 137 28.58 -39.78 -2.48
N LYS I 138 29.47 -40.76 -2.35
CA LYS I 138 29.06 -42.07 -1.86
C LYS I 138 28.62 -41.96 -0.40
N PRO I 139 27.55 -42.67 0.00
CA PRO I 139 26.92 -42.40 1.31
C PRO I 139 27.84 -42.58 2.51
N GLU I 140 28.96 -43.30 2.37
CA GLU I 140 29.96 -43.36 3.44
C GLU I 140 30.48 -41.97 3.77
N ASN I 141 30.83 -41.21 2.74
CA ASN I 141 31.57 -39.95 2.81
C ASN I 141 30.69 -38.72 2.99
N TYR I 142 29.37 -38.89 3.18
CA TYR I 142 28.55 -37.71 3.43
C TYR I 142 29.12 -36.94 4.61
N ARG I 143 29.57 -37.67 5.64
CA ARG I 143 30.07 -37.07 6.86
C ARG I 143 31.35 -36.27 6.64
N ARG I 144 32.14 -36.59 5.60
CA ARG I 144 33.31 -35.83 5.23
C ARG I 144 32.98 -34.55 4.49
N LEU I 145 31.73 -34.10 4.46
CA LEU I 145 31.35 -32.86 3.78
C LEU I 145 31.17 -31.75 4.80
N ASP I 146 31.65 -30.55 4.44
CA ASP I 146 31.58 -29.42 5.37
C ASP I 146 30.23 -28.74 5.23
N ILE I 147 29.24 -29.26 5.97
CA ILE I 147 27.89 -28.69 5.95
C ILE I 147 27.27 -28.86 7.32
N VAL I 148 26.19 -28.12 7.56
CA VAL I 148 25.50 -28.21 8.85
C VAL I 148 24.93 -29.62 9.03
N ARG I 149 24.68 -29.98 10.29
CA ARG I 149 24.25 -31.34 10.60
C ARG I 149 22.88 -31.65 10.00
N SER I 150 21.98 -30.66 9.96
CA SER I 150 20.65 -30.89 9.44
C SER I 150 20.68 -31.26 7.95
N LEU I 151 21.67 -30.74 7.20
CA LEU I 151 21.81 -31.09 5.80
C LEU I 151 22.27 -32.53 5.61
N TYR I 152 23.12 -33.02 6.52
CA TYR I 152 23.49 -34.43 6.55
C TYR I 152 22.27 -35.34 6.59
N GLU I 153 21.36 -35.09 7.54
CA GLU I 153 20.14 -35.89 7.65
C GLU I 153 19.32 -35.80 6.36
N ASP I 154 19.30 -34.63 5.72
CA ASP I 154 18.61 -34.49 4.44
C ASP I 154 19.30 -35.33 3.35
N LEU I 155 20.63 -35.30 3.31
CA LEU I 155 21.38 -36.09 2.33
C LEU I 155 21.05 -37.58 2.45
N GLU I 156 20.90 -38.06 3.68
CA GLU I 156 20.65 -39.48 3.92
C GLU I 156 19.21 -39.90 3.75
N ASP I 157 18.26 -38.98 3.88
CA ASP I 157 16.88 -39.36 3.67
C ASP I 157 16.66 -39.55 2.18
N HIS I 158 17.27 -40.61 1.63
CA HIS I 158 17.17 -40.88 0.20
C HIS I 158 15.72 -40.98 -0.21
N PRO I 159 15.37 -40.52 -1.41
CA PRO I 159 14.00 -40.70 -1.87
C PRO I 159 13.68 -42.18 -1.82
N ASN I 160 12.47 -42.49 -1.44
CA ASN I 160 12.23 -43.88 -1.10
C ASN I 160 10.75 -44.11 -1.36
N VAL I 161 10.46 -45.17 -2.11
CA VAL I 161 9.08 -45.37 -2.56
C VAL I 161 8.17 -45.71 -1.38
N GLN I 162 8.66 -46.55 -0.47
CA GLN I 162 7.88 -46.89 0.71
C GLN I 162 7.56 -45.63 1.52
N LYS I 163 8.56 -44.78 1.75
CA LYS I 163 8.35 -43.56 2.51
C LYS I 163 7.33 -42.63 1.85
N ASP I 164 7.43 -42.44 0.52
CA ASP I 164 6.44 -41.62 -0.19
C ASP I 164 5.02 -42.16 -0.06
N LEU I 165 4.84 -43.49 -0.09
CA LEU I 165 3.49 -44.02 0.11
C LEU I 165 3.00 -43.74 1.53
N GLU I 166 3.89 -43.82 2.52
CA GLU I 166 3.51 -43.47 3.89
C GLU I 166 3.14 -41.99 4.00
N ARG I 167 3.86 -41.13 3.27
CA ARG I 167 3.54 -39.69 3.26
C ARG I 167 2.17 -39.42 2.64
N LEU I 168 1.95 -39.92 1.43
CA LEU I 168 0.66 -39.71 0.76
C LEU I 168 -0.50 -40.28 1.56
N THR I 169 -0.28 -41.39 2.28
CA THR I 169 -1.36 -41.98 3.06
C THR I 169 -1.75 -41.08 4.23
N GLN I 170 -0.75 -40.45 4.87
CA GLN I 170 -1.06 -39.46 5.91
C GLN I 170 -1.96 -38.36 5.36
N GLU I 171 -1.62 -37.81 4.19
CA GLU I 171 -2.45 -36.82 3.51
C GLU I 171 -3.61 -37.49 2.75
N MET J 1 -34.50 3.65 -36.19
CA MET J 1 -33.49 2.79 -35.60
C MET J 1 -32.61 3.58 -34.62
N ASP J 2 -32.52 3.09 -33.40
CA ASP J 2 -31.81 3.80 -32.34
C ASP J 2 -30.31 3.50 -32.37
N VAL J 3 -29.48 4.55 -32.31
CA VAL J 3 -28.03 4.42 -32.14
C VAL J 3 -27.65 5.01 -30.81
N PHE J 4 -26.66 4.42 -30.17
CA PHE J 4 -26.33 4.76 -28.79
C PHE J 4 -24.90 5.27 -28.73
N LEU J 5 -24.73 6.44 -28.12
CA LEU J 5 -23.56 7.27 -28.28
C LEU J 5 -22.99 7.66 -26.93
N MET J 6 -21.68 7.88 -26.92
CA MET J 6 -20.98 8.65 -25.89
C MET J 6 -20.43 9.88 -26.61
N ILE J 7 -20.90 11.06 -26.20
CA ILE J 7 -20.38 12.33 -26.72
C ILE J 7 -19.33 12.79 -25.72
N ARG J 8 -18.10 12.94 -26.18
CA ARG J 8 -17.03 13.02 -25.21
C ARG J 8 -16.18 14.25 -25.50
N ARG J 9 -15.91 15.03 -24.46
CA ARG J 9 -15.04 16.19 -24.55
C ARG J 9 -14.30 16.29 -23.22
N HIS J 10 -12.98 16.35 -23.31
CA HIS J 10 -12.13 16.51 -22.14
C HIS J 10 -12.46 15.39 -21.15
N LYS J 11 -13.02 15.75 -19.99
CA LYS J 11 -13.43 14.81 -18.96
C LYS J 11 -14.94 14.72 -18.85
N THR J 12 -15.65 15.04 -19.92
CA THR J 12 -17.10 14.99 -19.97
C THR J 12 -17.54 13.90 -20.93
N THR J 13 -18.56 13.15 -20.55
CA THR J 13 -19.12 12.14 -21.42
C THR J 13 -20.62 12.21 -21.31
N ILE J 14 -21.28 12.44 -22.43
CA ILE J 14 -22.74 12.43 -22.47
C ILE J 14 -23.20 11.10 -23.04
N PHE J 15 -23.99 10.36 -22.28
CA PHE J 15 -24.67 9.19 -22.81
C PHE J 15 -26.00 9.61 -23.41
N THR J 16 -26.19 9.35 -24.70
CA THR J 16 -27.48 9.66 -25.27
C THR J 16 -27.71 8.73 -26.46
N ASP J 17 -28.95 8.67 -26.88
CA ASP J 17 -29.35 7.89 -28.03
C ASP J 17 -29.99 8.84 -29.02
N ALA J 18 -30.09 8.41 -30.26
CA ALA J 18 -30.71 9.20 -31.30
C ALA J 18 -31.05 8.24 -32.43
N LYS J 19 -31.86 8.71 -33.36
CA LYS J 19 -32.18 7.90 -34.51
C LYS J 19 -31.02 7.85 -35.50
N GLU J 20 -30.87 6.70 -36.16
CA GLU J 20 -29.85 6.57 -37.19
C GLU J 20 -30.05 7.59 -38.30
N SER J 21 -31.30 7.92 -38.60
CA SER J 21 -31.62 8.93 -39.62
C SER J 21 -31.54 10.36 -39.09
N SER J 22 -31.44 10.55 -37.77
CA SER J 22 -31.28 11.90 -37.26
C SER J 22 -29.92 12.45 -37.69
N THR J 23 -29.77 13.76 -37.61
CA THR J 23 -28.61 14.42 -38.18
C THR J 23 -27.58 14.78 -37.12
N VAL J 24 -26.35 14.97 -37.61
CA VAL J 24 -25.29 15.55 -36.79
C VAL J 24 -25.75 16.84 -36.14
N PHE J 25 -26.50 17.67 -36.87
CA PHE J 25 -26.98 18.92 -36.28
C PHE J 25 -27.96 18.67 -35.15
N GLU J 26 -28.89 17.72 -35.33
CA GLU J 26 -29.84 17.43 -34.26
C GLU J 26 -29.13 16.95 -33.00
N LEU J 27 -28.00 16.26 -33.16
CA LEU J 27 -27.20 15.86 -32.02
C LEU J 27 -26.55 17.05 -31.32
N LYS J 28 -26.18 18.09 -32.09
CA LYS J 28 -25.66 19.27 -31.45
C LYS J 28 -26.73 19.95 -30.62
N ARG J 29 -27.98 19.85 -31.05
CA ARG J 29 -29.09 20.38 -30.26
C ARG J 29 -29.22 19.64 -28.93
N ILE J 30 -28.99 18.33 -28.94
CA ILE J 30 -28.95 17.57 -27.70
C ILE J 30 -27.80 18.07 -26.83
N VAL J 31 -26.61 18.20 -27.41
CA VAL J 31 -25.46 18.68 -26.65
C VAL J 31 -25.77 20.05 -26.08
N GLU J 32 -26.40 20.91 -26.91
CA GLU J 32 -26.67 22.27 -26.48
C GLU J 32 -27.61 22.29 -25.29
N GLY J 33 -28.63 21.42 -25.28
CA GLY J 33 -29.52 21.36 -24.15
C GLY J 33 -28.83 20.99 -22.86
N ILE J 34 -27.70 20.31 -22.94
CA ILE J 34 -27.03 19.77 -21.75
C ILE J 34 -25.86 20.65 -21.33
N LEU J 35 -24.99 20.99 -22.27
CA LEU J 35 -23.77 21.72 -21.95
C LEU J 35 -23.90 23.22 -22.22
N LYS J 36 -25.07 23.66 -22.71
CA LYS J 36 -25.41 25.08 -22.86
C LYS J 36 -24.46 25.80 -23.81
N ARG J 37 -24.13 25.15 -24.93
CA ARG J 37 -23.35 25.79 -25.96
C ARG J 37 -24.11 25.54 -27.26
N PRO J 38 -24.34 26.56 -28.07
CA PRO J 38 -25.20 26.39 -29.24
C PRO J 38 -24.51 25.58 -30.32
N PRO J 39 -25.27 25.03 -31.26
CA PRO J 39 -24.67 24.23 -32.35
C PRO J 39 -23.50 24.89 -33.06
N ASP J 40 -23.58 26.20 -33.33
CA ASP J 40 -22.49 26.86 -34.05
C ASP J 40 -21.20 26.95 -33.23
N GLU J 41 -21.25 26.70 -31.93
CA GLU J 41 -20.08 26.68 -31.07
C GLU J 41 -19.58 25.26 -30.79
N GLN J 42 -20.09 24.27 -31.51
CA GLN J 42 -19.72 22.88 -31.32
C GLN J 42 -19.18 22.30 -32.61
N ARG J 43 -18.15 21.46 -32.49
CA ARG J 43 -17.74 20.59 -33.57
C ARG J 43 -17.81 19.16 -33.08
N LEU J 44 -18.45 18.30 -33.87
CA LEU J 44 -18.59 16.90 -33.54
C LEU J 44 -17.69 16.09 -34.46
N TYR J 45 -17.01 15.09 -33.92
CA TYR J 45 -16.03 14.29 -34.63
C TYR J 45 -16.38 12.81 -34.53
N LYS J 46 -16.10 12.08 -35.58
CA LYS J 46 -15.93 10.65 -35.46
C LYS J 46 -14.46 10.34 -35.71
N ASP J 47 -13.78 9.86 -34.68
CA ASP J 47 -12.32 9.73 -34.65
C ASP J 47 -11.79 11.15 -34.82
N ASP J 48 -10.86 11.39 -35.73
CA ASP J 48 -10.30 12.71 -36.01
C ASP J 48 -11.07 13.45 -37.09
N GLN J 49 -12.12 12.84 -37.60
CA GLN J 49 -12.88 13.36 -38.74
C GLN J 49 -14.01 14.25 -38.26
N LEU J 50 -13.97 15.52 -38.66
CA LEU J 50 -15.08 16.44 -38.44
C LEU J 50 -16.33 15.98 -39.18
N LEU J 51 -17.49 16.17 -38.54
CA LEU J 51 -18.75 15.67 -39.06
C LEU J 51 -19.58 16.83 -39.57
N ASP J 52 -20.18 16.65 -40.75
CA ASP J 52 -21.01 17.69 -41.38
C ASP J 52 -22.38 17.73 -40.72
N ASP J 53 -22.83 18.94 -40.34
CA ASP J 53 -24.14 19.11 -39.71
C ASP J 53 -25.27 18.41 -40.45
N GLY J 54 -25.23 18.39 -41.77
CA GLY J 54 -26.39 17.84 -42.47
C GLY J 54 -26.40 16.33 -42.62
N LYS J 55 -25.31 15.66 -42.28
CA LYS J 55 -25.28 14.23 -42.47
C LYS J 55 -26.06 13.50 -41.38
N THR J 56 -26.68 12.39 -41.76
CA THR J 56 -27.31 11.56 -40.76
C THR J 56 -26.23 10.78 -40.00
N LEU J 57 -26.60 10.33 -38.80
CA LEU J 57 -25.67 9.58 -37.98
C LEU J 57 -25.22 8.31 -38.70
N GLY J 58 -26.15 7.66 -39.41
CA GLY J 58 -25.80 6.46 -40.15
C GLY J 58 -24.74 6.70 -41.21
N GLU J 59 -24.91 7.78 -41.98
CA GLU J 59 -23.91 8.16 -42.98
C GLU J 59 -22.59 8.50 -42.32
N CYS J 60 -22.59 8.86 -41.04
CA CYS J 60 -21.37 9.07 -40.30
C CYS J 60 -20.86 7.78 -39.69
N GLY J 61 -21.55 6.66 -39.95
CA GLY J 61 -21.09 5.37 -39.51
C GLY J 61 -21.62 4.92 -38.18
N PHE J 62 -22.63 5.61 -37.63
CA PHE J 62 -23.26 5.20 -36.38
C PHE J 62 -24.49 4.38 -36.71
N THR J 63 -24.42 3.07 -36.48
CA THR J 63 -25.45 2.10 -36.87
C THR J 63 -25.76 1.17 -35.69
N SER J 64 -26.84 0.39 -35.81
CA SER J 64 -27.13 -0.60 -34.78
C SER J 64 -25.97 -1.55 -34.55
N GLN J 65 -25.06 -1.71 -35.53
CA GLN J 65 -23.91 -2.59 -35.34
C GLN J 65 -22.77 -1.93 -34.56
N THR J 66 -22.59 -0.62 -34.71
CA THR J 66 -21.46 0.07 -34.10
C THR J 66 -21.82 0.93 -32.90
N ALA J 67 -23.09 1.18 -32.67
CA ALA J 67 -23.50 2.14 -31.64
C ALA J 67 -24.60 1.49 -30.84
N ARG J 68 -24.22 0.60 -30.01
CA ARG J 68 -25.13 -0.28 -29.29
C ARG J 68 -25.29 0.14 -27.84
N PRO J 69 -26.43 -0.18 -27.25
CA PRO J 69 -26.66 0.27 -25.87
C PRO J 69 -25.56 -0.18 -24.93
N GLN J 70 -25.15 -1.43 -25.01
CA GLN J 70 -24.10 -1.96 -24.15
C GLN J 70 -22.70 -1.62 -24.65
N ALA J 71 -22.57 -1.01 -25.84
CA ALA J 71 -21.27 -0.66 -26.43
C ALA J 71 -21.46 0.56 -27.32
N PRO J 72 -21.64 1.74 -26.72
CA PRO J 72 -21.97 2.93 -27.52
C PRO J 72 -20.79 3.44 -28.35
N ALA J 73 -21.11 4.08 -29.47
CA ALA J 73 -20.09 4.73 -30.28
C ALA J 73 -19.72 6.09 -29.68
N THR J 74 -18.47 6.49 -29.88
CA THR J 74 -17.94 7.74 -29.36
C THR J 74 -18.04 8.85 -30.41
N VAL J 75 -18.61 9.97 -30.02
CA VAL J 75 -18.61 11.18 -30.81
C VAL J 75 -17.71 12.17 -30.06
N GLY J 76 -16.65 12.62 -30.71
CA GLY J 76 -15.83 13.66 -30.10
C GLY J 76 -16.49 15.03 -30.23
N LEU J 77 -16.33 15.83 -29.18
CA LEU J 77 -16.91 17.17 -29.12
C LEU J 77 -15.83 18.20 -28.81
N ALA J 78 -15.84 19.30 -29.55
CA ALA J 78 -14.91 20.41 -29.33
C ALA J 78 -15.72 21.69 -29.32
N PHE J 79 -15.44 22.56 -28.34
CA PHE J 79 -16.15 23.81 -28.19
C PHE J 79 -15.31 24.95 -28.77
N ARG J 80 -15.98 26.02 -29.14
CA ARG J 80 -15.29 27.26 -29.52
C ARG J 80 -14.91 28.03 -28.26
N ALA J 81 -13.62 28.37 -28.12
CA ALA J 81 -13.10 29.13 -26.97
C ALA J 81 -12.43 30.41 -27.45
N ASP J 82 -13.15 31.54 -27.42
CA ASP J 82 -12.64 32.85 -27.85
C ASP J 82 -12.32 32.92 -29.35
N ASP J 83 -13.36 32.86 -30.18
CA ASP J 83 -13.28 32.96 -31.65
C ASP J 83 -12.77 31.69 -32.33
N THR J 84 -11.73 31.05 -31.78
CA THR J 84 -11.18 29.83 -32.37
C THR J 84 -11.65 28.58 -31.62
N PHE J 85 -11.96 27.54 -32.38
CA PHE J 85 -12.33 26.25 -31.80
C PHE J 85 -11.12 25.63 -31.13
N GLU J 86 -11.31 25.15 -29.91
CA GLU J 86 -10.27 24.36 -29.26
C GLU J 86 -10.04 23.08 -30.07
N ALA J 87 -8.88 22.48 -29.87
CA ALA J 87 -8.63 21.19 -30.49
C ALA J 87 -9.44 20.11 -29.76
N LEU J 88 -9.75 19.05 -30.48
CA LEU J 88 -10.45 17.91 -29.92
C LEU J 88 -9.55 17.23 -28.91
N CYS J 89 -9.92 17.27 -27.63
CA CYS J 89 -9.17 16.52 -26.63
C CYS J 89 -10.15 15.71 -25.81
N ILE J 90 -9.92 14.42 -25.74
CA ILE J 90 -10.73 13.54 -24.92
C ILE J 90 -9.82 12.84 -23.95
N GLU J 91 -10.10 13.01 -22.65
CA GLU J 91 -9.30 12.36 -21.63
C GLU J 91 -9.70 10.91 -21.56
N PRO J 92 -8.75 9.99 -21.60
CA PRO J 92 -9.12 8.59 -21.47
C PRO J 92 -9.66 8.33 -20.08
N PHE J 93 -10.48 7.28 -19.97
CA PHE J 93 -10.88 6.80 -18.67
C PHE J 93 -9.67 6.20 -17.97
N SER J 94 -9.79 5.99 -16.66
CA SER J 94 -8.72 5.43 -15.86
C SER J 94 -8.37 4.01 -16.33
N SER J 95 -7.17 3.56 -15.94
CA SER J 95 -6.91 2.21 -16.39
C SER J 95 -7.20 1.23 -15.26
N PRO J 96 -7.73 0.06 -15.59
CA PRO J 96 -8.02 -0.92 -14.56
C PRO J 96 -6.72 -1.50 -14.02
N PRO J 97 -6.73 -2.00 -12.78
CA PRO J 97 -5.54 -2.65 -12.24
C PRO J 97 -5.20 -3.91 -13.04
N GLU J 98 -4.00 -4.40 -12.82
CA GLU J 98 -3.60 -5.63 -13.49
C GLU J 98 -4.49 -6.78 -13.04
N LEU J 99 -4.77 -7.69 -13.95
CA LEU J 99 -5.65 -8.80 -13.65
C LEU J 99 -5.08 -9.62 -12.48
N PRO J 100 -5.87 -9.91 -11.45
CA PRO J 100 -5.40 -10.80 -10.39
C PRO J 100 -4.94 -12.13 -10.95
N ASP J 101 -3.96 -12.74 -10.27
CA ASP J 101 -3.41 -14.02 -10.74
C ASP J 101 -4.51 -15.06 -10.88
N VAL J 102 -5.45 -15.10 -9.92
CA VAL J 102 -6.55 -16.08 -9.91
C VAL J 102 -7.56 -15.85 -11.04
N MET J 103 -7.31 -14.86 -11.91
CA MET J 103 -8.16 -14.55 -13.07
C MET J 103 -7.47 -14.61 -14.44
N GLY K 2 -35.52 12.75 -20.84
CA GLY K 2 -35.48 14.18 -21.05
C GLY K 2 -34.43 14.88 -20.21
N MET K 3 -34.66 14.99 -18.90
CA MET K 3 -33.66 15.59 -18.03
C MET K 3 -32.49 14.63 -17.81
N TYR K 4 -31.34 15.21 -17.54
CA TYR K 4 -30.10 14.49 -17.33
C TYR K 4 -29.62 14.71 -15.90
N VAL K 5 -28.73 13.82 -15.47
CA VAL K 5 -28.03 13.95 -14.20
C VAL K 5 -26.56 13.71 -14.48
N LYS K 6 -25.72 14.14 -13.56
CA LYS K 6 -24.28 14.06 -13.74
C LYS K 6 -23.72 13.12 -12.68
N LEU K 7 -23.08 12.04 -13.13
CA LEU K 7 -22.40 11.11 -12.25
C LEU K 7 -20.90 11.32 -12.44
N ILE K 8 -20.21 11.58 -11.34
CA ILE K 8 -18.81 11.99 -11.41
C ILE K 8 -17.97 10.87 -10.83
N SER K 9 -16.96 10.44 -11.59
CA SER K 9 -16.20 9.29 -11.12
C SER K 9 -15.13 9.75 -10.13
N SER K 10 -14.51 8.76 -9.48
CA SER K 10 -13.49 9.06 -8.48
C SER K 10 -12.33 9.84 -9.09
N ASP K 11 -12.01 9.60 -10.35
CA ASP K 11 -10.95 10.33 -11.02
C ASP K 11 -11.47 11.57 -11.75
N GLY K 12 -12.68 12.02 -11.45
CA GLY K 12 -13.16 13.30 -11.92
C GLY K 12 -13.85 13.32 -13.27
N HIS K 13 -13.96 12.18 -13.95
CA HIS K 13 -14.74 12.14 -15.18
C HIS K 13 -16.20 12.39 -14.86
N GLU K 14 -16.85 13.16 -15.72
CA GLU K 14 -18.23 13.54 -15.54
C GLU K 14 -19.08 12.82 -16.58
N PHE K 15 -20.02 12.02 -16.12
CA PHE K 15 -20.87 11.21 -16.97
C PHE K 15 -22.27 11.79 -16.90
N ILE K 16 -22.80 12.15 -18.04
CA ILE K 16 -24.09 12.78 -18.09
C ILE K 16 -25.04 11.78 -18.74
N VAL K 17 -26.04 11.35 -17.98
CA VAL K 17 -26.94 10.28 -18.39
C VAL K 17 -28.37 10.76 -18.19
N LYS K 18 -29.28 10.21 -18.97
CA LYS K 18 -30.68 10.54 -18.76
C LYS K 18 -31.05 10.14 -17.34
N ARG K 19 -31.77 11.03 -16.65
CA ARG K 19 -32.18 10.75 -15.29
C ARG K 19 -32.93 9.42 -15.22
N GLU K 20 -33.86 9.20 -16.15
CA GLU K 20 -34.61 7.96 -16.20
C GLU K 20 -33.66 6.75 -16.24
N HIS K 21 -32.55 6.87 -16.95
CA HIS K 21 -31.59 5.76 -16.98
C HIS K 21 -30.86 5.61 -15.66
N ALA K 22 -30.53 6.73 -15.02
CA ALA K 22 -29.81 6.63 -13.76
C ALA K 22 -30.67 5.99 -12.71
N LEU K 23 -31.99 6.19 -12.79
CA LEU K 23 -32.89 5.62 -11.78
C LEU K 23 -32.91 4.09 -11.78
N THR K 24 -32.32 3.44 -12.78
CA THR K 24 -32.02 2.01 -12.70
C THR K 24 -31.27 1.66 -11.41
N SER K 25 -30.42 2.56 -10.96
CA SER K 25 -29.72 2.32 -9.71
C SER K 25 -30.62 2.71 -8.56
N GLY K 26 -30.93 1.75 -7.68
CA GLY K 26 -31.74 2.09 -6.53
C GLY K 26 -31.06 3.11 -5.63
N THR K 27 -29.74 2.96 -5.45
CA THR K 27 -28.98 3.95 -4.70
C THR K 27 -29.13 5.35 -5.31
N ILE K 28 -28.94 5.46 -6.63
CA ILE K 28 -29.05 6.75 -7.30
C ILE K 28 -30.47 7.28 -7.21
N LYS K 29 -31.47 6.40 -7.35
CA LYS K 29 -32.87 6.84 -7.36
C LYS K 29 -33.26 7.54 -6.06
N ALA K 30 -32.85 6.97 -4.92
CA ALA K 30 -33.13 7.58 -3.63
C ALA K 30 -32.26 8.81 -3.39
N MET K 31 -31.04 8.79 -3.90
CA MET K 31 -30.11 9.90 -3.73
C MET K 31 -30.64 11.17 -4.40
N LEU K 32 -31.30 11.03 -5.55
CA LEU K 32 -31.89 12.16 -6.23
C LEU K 32 -33.27 12.52 -5.67
N SER K 33 -33.93 11.57 -5.01
CA SER K 33 -35.23 11.80 -4.39
C SER K 33 -35.11 11.78 -2.87
N THR K 43 -29.57 16.16 -5.89
CA THR K 43 -30.80 16.23 -6.67
C THR K 43 -30.51 16.21 -8.18
N ASN K 44 -29.33 16.71 -8.58
CA ASN K 44 -28.97 16.77 -9.99
C ASN K 44 -27.60 16.17 -10.30
N GLU K 45 -26.62 16.30 -9.39
CA GLU K 45 -25.32 15.66 -9.56
C GLU K 45 -25.03 14.69 -8.44
N VAL K 46 -24.24 13.67 -8.75
CA VAL K 46 -23.79 12.65 -7.81
C VAL K 46 -22.30 12.44 -7.99
N ASN K 47 -21.55 12.44 -6.89
CA ASN K 47 -20.10 12.22 -6.88
C ASN K 47 -19.81 10.85 -6.28
N PHE K 48 -19.08 10.01 -7.01
CA PHE K 48 -18.77 8.66 -6.55
C PHE K 48 -17.27 8.66 -6.33
N ARG K 49 -16.88 8.95 -5.10
CA ARG K 49 -15.47 9.07 -4.81
C ARG K 49 -14.76 7.72 -4.79
N GLU K 50 -15.50 6.62 -4.94
N GLU K 50 -15.49 6.61 -4.93
CA GLU K 50 -14.96 5.28 -4.90
CA GLU K 50 -14.88 5.29 -4.92
C GLU K 50 -15.01 4.56 -6.24
C GLU K 50 -14.92 4.59 -6.28
N ILE K 51 -15.70 5.10 -7.23
CA ILE K 51 -15.92 4.41 -8.50
C ILE K 51 -15.06 5.10 -9.56
N PRO K 52 -14.00 4.47 -10.05
CA PRO K 52 -13.20 5.09 -11.10
C PRO K 52 -13.98 5.13 -12.39
N SER K 53 -13.45 5.90 -13.35
CA SER K 53 -14.18 6.20 -14.58
C SER K 53 -14.29 4.98 -15.49
N HIS K 54 -13.30 4.09 -15.48
CA HIS K 54 -13.38 2.90 -16.32
C HIS K 54 -14.46 1.94 -15.85
N VAL K 55 -14.87 2.07 -14.59
CA VAL K 55 -16.00 1.32 -14.06
C VAL K 55 -17.31 2.10 -14.27
N LEU K 56 -17.32 3.38 -13.90
CA LEU K 56 -18.55 4.16 -13.99
C LEU K 56 -19.05 4.29 -15.42
N SER K 57 -18.15 4.38 -16.40
CA SER K 57 -18.61 4.41 -17.79
C SER K 57 -19.34 3.14 -18.15
N LYS K 58 -18.85 2.00 -17.63
CA LYS K 58 -19.49 0.71 -17.86
C LYS K 58 -20.83 0.65 -17.15
N VAL K 59 -20.89 1.17 -15.93
CA VAL K 59 -22.16 1.30 -15.23
C VAL K 59 -23.18 2.03 -16.10
N CYS K 60 -22.75 3.15 -16.71
CA CYS K 60 -23.65 3.90 -17.58
C CYS K 60 -24.06 3.09 -18.79
N MET K 61 -23.11 2.38 -19.39
CA MET K 61 -23.51 1.52 -20.47
C MET K 61 -24.58 0.53 -19.99
N TYR K 62 -24.43 0.04 -18.75
CA TYR K 62 -25.40 -0.91 -18.24
C TYR K 62 -26.76 -0.26 -18.11
N PHE K 63 -26.83 0.97 -17.61
CA PHE K 63 -28.11 1.67 -17.56
C PHE K 63 -28.76 1.71 -18.94
N THR K 64 -28.02 2.19 -19.94
CA THR K 64 -28.56 2.23 -21.28
C THR K 64 -29.08 0.86 -21.70
N TYR K 65 -28.26 -0.16 -21.49
CA TYR K 65 -28.62 -1.53 -21.84
C TYR K 65 -29.89 -1.97 -21.12
N LYS K 66 -29.95 -1.72 -19.81
CA LYS K 66 -31.12 -2.16 -19.06
C LYS K 66 -32.39 -1.49 -19.54
N VAL K 67 -32.37 -0.16 -19.69
CA VAL K 67 -33.57 0.53 -20.14
C VAL K 67 -33.99 0.08 -21.53
N ARG K 68 -33.02 -0.20 -22.40
CA ARG K 68 -33.37 -0.59 -23.77
C ARG K 68 -34.06 -1.96 -23.84
N TYR K 69 -33.59 -2.94 -23.08
CA TYR K 69 -34.01 -4.34 -23.28
C TYR K 69 -35.02 -4.97 -22.26
N ILE K 76 -32.18 -10.14 -27.13
CA ILE K 76 -31.39 -9.45 -26.09
C ILE K 76 -29.94 -9.92 -26.15
N PRO K 77 -29.00 -9.02 -26.40
CA PRO K 77 -27.59 -9.42 -26.44
C PRO K 77 -26.97 -9.49 -25.06
N GLU K 78 -25.84 -10.18 -24.99
CA GLU K 78 -25.11 -10.26 -23.73
C GLU K 78 -24.56 -8.90 -23.35
N PHE K 79 -24.64 -8.55 -22.07
CA PHE K 79 -23.91 -7.40 -21.59
C PHE K 79 -22.45 -7.80 -21.39
N PRO K 80 -21.50 -7.21 -22.13
CA PRO K 80 -20.11 -7.68 -22.08
C PRO K 80 -19.31 -7.02 -20.97
N ILE K 81 -18.45 -7.81 -20.34
CA ILE K 81 -17.66 -7.29 -19.23
C ILE K 81 -16.26 -7.85 -19.38
N ALA K 82 -15.29 -6.98 -19.66
CA ALA K 82 -13.92 -7.41 -19.75
C ALA K 82 -13.44 -7.88 -18.38
N PRO K 83 -12.69 -8.99 -18.32
CA PRO K 83 -12.19 -9.48 -17.02
C PRO K 83 -11.52 -8.43 -16.15
N GLU K 84 -10.79 -7.48 -16.75
CA GLU K 84 -10.01 -6.51 -15.99
C GLU K 84 -10.88 -5.57 -15.13
N ILE K 85 -12.13 -5.35 -15.51
CA ILE K 85 -12.98 -4.46 -14.71
C ILE K 85 -14.02 -5.24 -13.92
N ALA K 86 -14.04 -6.57 -14.03
CA ALA K 86 -15.11 -7.38 -13.47
C ALA K 86 -15.24 -7.17 -11.96
N LEU K 87 -14.13 -7.22 -11.25
CA LEU K 87 -14.19 -7.09 -9.80
C LEU K 87 -14.67 -5.71 -9.38
N GLU K 88 -14.09 -4.66 -9.93
CA GLU K 88 -14.55 -3.34 -9.51
C GLU K 88 -15.99 -3.09 -9.96
N LEU K 89 -16.35 -3.55 -11.16
CA LEU K 89 -17.73 -3.40 -11.60
C LEU K 89 -18.67 -4.13 -10.67
N LEU K 90 -18.26 -5.30 -10.16
CA LEU K 90 -19.06 -6.02 -9.17
C LEU K 90 -19.26 -5.18 -7.90
N MET K 91 -18.18 -4.56 -7.41
CA MET K 91 -18.26 -3.73 -6.21
C MET K 91 -19.11 -2.49 -6.46
N ALA K 92 -18.95 -1.88 -7.63
CA ALA K 92 -19.82 -0.75 -7.98
C ALA K 92 -21.27 -1.20 -8.06
N ALA K 93 -21.52 -2.32 -8.75
CA ALA K 93 -22.89 -2.80 -8.89
C ALA K 93 -23.48 -3.14 -7.53
N ASN K 94 -22.67 -3.73 -6.64
CA ASN K 94 -23.16 -4.06 -5.31
C ASN K 94 -23.62 -2.81 -4.58
N PHE K 95 -22.80 -1.74 -4.63
CA PHE K 95 -23.17 -0.49 -3.95
C PHE K 95 -24.35 0.20 -4.64
N LEU K 96 -24.38 0.19 -5.97
CA LEU K 96 -25.40 0.92 -6.71
C LEU K 96 -26.75 0.22 -6.72
N ASP K 97 -26.83 -1.04 -6.28
CA ASP K 97 -28.08 -1.79 -6.28
C ASP K 97 -28.72 -1.78 -7.68
N CYS K 98 -28.01 -2.35 -8.64
CA CYS K 98 -28.56 -2.48 -10.00
C CYS K 98 -28.04 -3.73 -10.71
N VAL L 29 -45.39 -29.48 -5.68
CA VAL L 29 -46.29 -28.39 -6.08
C VAL L 29 -45.98 -27.96 -7.51
N LEU L 30 -44.72 -27.66 -7.83
CA LEU L 30 -44.30 -27.36 -9.20
C LEU L 30 -43.90 -28.66 -9.89
N ARG L 31 -44.83 -29.26 -10.61
CA ARG L 31 -44.56 -30.51 -11.27
C ARG L 31 -45.30 -30.54 -12.59
N SER L 32 -44.85 -31.41 -13.49
CA SER L 32 -45.64 -31.68 -14.67
C SER L 32 -46.88 -32.47 -14.26
N VAL L 33 -48.02 -32.12 -14.84
CA VAL L 33 -49.20 -32.96 -14.68
C VAL L 33 -49.13 -34.05 -15.74
N ASN L 34 -49.45 -35.28 -15.33
CA ASN L 34 -49.35 -36.44 -16.23
C ASN L 34 -50.61 -36.50 -17.10
N SER L 35 -50.66 -35.61 -18.10
CA SER L 35 -51.83 -35.46 -18.95
C SER L 35 -51.94 -36.58 -19.97
N ARG L 36 -50.81 -37.14 -20.40
CA ARG L 36 -50.74 -38.12 -21.47
C ARG L 36 -51.25 -37.54 -22.80
N GLU L 37 -51.51 -36.24 -22.87
CA GLU L 37 -51.98 -35.61 -24.09
C GLU L 37 -50.85 -34.83 -24.78
N PRO L 38 -50.33 -35.31 -25.90
CA PRO L 38 -49.14 -34.71 -26.52
C PRO L 38 -49.29 -33.24 -26.91
N SER L 39 -48.15 -32.55 -26.91
CA SER L 39 -48.06 -31.17 -27.34
C SER L 39 -46.75 -30.95 -28.07
N GLN L 40 -46.87 -30.44 -29.28
CA GLN L 40 -45.78 -30.11 -30.17
C GLN L 40 -45.14 -28.78 -29.75
N VAL L 41 -43.82 -28.77 -29.58
CA VAL L 41 -43.10 -27.60 -29.08
C VAL L 41 -41.82 -27.42 -29.88
N ILE L 42 -41.44 -26.18 -30.16
CA ILE L 42 -40.13 -25.87 -30.71
C ILE L 42 -39.33 -25.17 -29.62
N PHE L 43 -38.20 -25.75 -29.24
CA PHE L 43 -37.25 -25.02 -28.40
C PHE L 43 -36.43 -24.15 -29.30
N ASN L 45 -33.52 -21.30 -29.34
CA ASN L 45 -32.53 -20.66 -28.49
C ASN L 45 -32.14 -19.29 -29.08
N ARG L 46 -32.87 -18.25 -28.69
CA ARG L 46 -32.55 -16.88 -29.08
C ARG L 46 -31.68 -16.19 -28.03
N SER L 47 -30.60 -16.86 -27.65
CA SER L 47 -29.67 -16.38 -26.64
C SER L 47 -28.28 -16.80 -27.08
N PRO L 48 -27.24 -16.16 -26.54
CA PRO L 48 -25.86 -16.58 -26.85
C PRO L 48 -25.30 -17.69 -25.98
N ARG L 49 -26.12 -18.30 -25.11
CA ARG L 49 -25.66 -19.35 -24.23
C ARG L 49 -26.00 -20.71 -24.82
N VAL L 50 -25.19 -21.72 -24.50
CA VAL L 50 -25.66 -23.10 -24.68
C VAL L 50 -26.78 -23.32 -23.67
N VAL L 51 -27.95 -23.73 -24.17
CA VAL L 51 -29.13 -23.82 -23.33
C VAL L 51 -29.37 -25.26 -22.88
N LEU L 52 -29.63 -25.44 -21.57
CA LEU L 52 -30.04 -26.75 -21.05
C LEU L 52 -31.54 -26.72 -20.81
N PRO L 53 -32.35 -27.38 -21.62
CA PRO L 53 -33.77 -27.50 -21.26
C PRO L 53 -33.88 -28.46 -20.09
N VAL L 54 -34.77 -28.13 -19.17
CA VAL L 54 -34.93 -28.90 -17.94
C VAL L 54 -36.41 -29.19 -17.76
N TRP L 55 -36.78 -30.47 -17.77
CA TRP L 55 -38.17 -30.86 -17.58
C TRP L 55 -38.42 -31.18 -16.11
N LEU L 56 -39.47 -30.58 -15.55
CA LEU L 56 -39.88 -30.95 -14.19
C LEU L 56 -40.75 -32.21 -14.25
N ASN L 57 -40.28 -33.30 -13.65
CA ASN L 57 -41.00 -34.56 -13.80
C ASN L 57 -42.23 -34.54 -12.91
N PHE L 58 -42.92 -35.69 -12.82
CA PHE L 58 -44.21 -35.72 -12.13
C PHE L 58 -44.05 -35.59 -10.63
N ASP L 59 -42.86 -35.90 -10.10
CA ASP L 59 -42.53 -35.62 -8.71
C ASP L 59 -41.93 -34.24 -8.51
N GLY L 60 -41.80 -33.43 -9.56
CA GLY L 60 -41.11 -32.16 -9.46
C GLY L 60 -39.59 -32.23 -9.57
N GLU L 61 -39.02 -33.39 -9.87
CA GLU L 61 -37.57 -33.49 -9.97
C GLU L 61 -37.08 -32.93 -11.32
N PRO L 62 -36.10 -32.04 -11.32
CA PRO L 62 -35.62 -31.49 -12.60
C PRO L 62 -34.92 -32.56 -13.42
N GLN L 63 -35.34 -32.71 -14.67
CA GLN L 63 -34.73 -33.69 -15.54
C GLN L 63 -34.12 -33.03 -16.77
N PRO L 64 -32.81 -33.15 -16.95
CA PRO L 64 -32.14 -32.49 -18.08
C PRO L 64 -32.40 -33.17 -19.41
N TYR L 65 -32.54 -32.34 -20.45
CA TYR L 65 -32.67 -32.79 -21.82
C TYR L 65 -31.47 -32.29 -22.61
N PRO L 66 -31.24 -32.80 -23.82
CA PRO L 66 -30.04 -32.41 -24.57
C PRO L 66 -29.97 -30.92 -24.81
N THR L 67 -28.74 -30.40 -24.79
CA THR L 67 -28.54 -28.95 -24.85
C THR L 67 -28.76 -28.42 -26.26
N LEU L 68 -29.12 -27.12 -26.34
CA LEU L 68 -29.25 -26.41 -27.59
C LEU L 68 -28.05 -25.47 -27.75
N PRO L 69 -27.25 -25.57 -28.80
CA PRO L 69 -26.23 -24.56 -29.02
C PRO L 69 -26.86 -23.21 -29.27
N PRO L 70 -26.08 -22.12 -29.12
CA PRO L 70 -26.60 -20.79 -29.41
C PRO L 70 -27.21 -20.73 -30.81
N GLY L 71 -28.32 -20.00 -30.92
CA GLY L 71 -28.95 -19.73 -32.20
C GLY L 71 -29.68 -20.90 -32.86
N THR L 72 -29.73 -22.08 -32.23
CA THR L 72 -30.40 -23.21 -32.85
C THR L 72 -31.79 -23.43 -32.28
N GLY L 73 -32.60 -24.16 -33.05
CA GLY L 73 -33.92 -24.55 -32.63
C GLY L 73 -34.06 -26.06 -32.65
N ARG L 74 -35.07 -26.58 -31.98
CA ARG L 74 -35.27 -28.02 -31.92
C ARG L 74 -36.73 -28.29 -31.70
N ARG L 75 -37.25 -29.17 -32.54
CA ARG L 75 -38.61 -29.67 -32.38
C ARG L 75 -38.61 -30.76 -31.31
N ILE L 76 -39.53 -30.68 -30.35
CA ILE L 76 -39.56 -31.65 -29.27
C ILE L 76 -41.01 -32.06 -29.03
N HIS L 77 -41.20 -33.33 -28.70
CA HIS L 77 -42.52 -33.84 -28.37
C HIS L 77 -42.67 -33.78 -26.86
N SER L 78 -43.64 -33.01 -26.39
CA SER L 78 -43.90 -32.87 -24.96
C SER L 78 -45.40 -33.13 -24.79
N TYR L 79 -45.96 -32.66 -23.68
CA TYR L 79 -47.33 -32.99 -23.32
C TYR L 79 -47.98 -31.78 -22.69
N ARG L 80 -49.30 -31.68 -22.82
CA ARG L 80 -49.98 -30.57 -22.20
C ARG L 80 -49.76 -30.59 -20.70
N GLY L 81 -49.58 -29.41 -20.13
CA GLY L 81 -49.39 -29.36 -18.70
C GLY L 81 -48.04 -29.82 -18.20
N HIS L 82 -47.11 -30.18 -19.08
CA HIS L 82 -45.76 -30.46 -18.60
C HIS L 82 -45.04 -29.15 -18.32
N LEU L 83 -43.98 -29.24 -17.52
CA LEU L 83 -43.32 -28.05 -16.99
C LEU L 83 -41.86 -28.05 -17.42
N TRP L 84 -41.43 -26.96 -18.03
CA TRP L 84 -40.08 -26.78 -18.51
C TRP L 84 -39.49 -25.48 -18.02
N LEU L 85 -38.17 -25.49 -17.86
CA LEU L 85 -37.44 -24.27 -17.61
C LEU L 85 -36.10 -24.45 -18.29
N PHE L 86 -35.35 -23.35 -18.42
CA PHE L 86 -34.16 -23.36 -19.26
C PHE L 86 -33.01 -22.65 -18.58
N ARG L 87 -31.82 -23.24 -18.68
CA ARG L 87 -30.63 -22.76 -17.99
C ARG L 87 -29.47 -22.81 -18.96
N ASP L 88 -28.51 -21.93 -18.72
CA ASP L 88 -27.20 -22.06 -19.32
C ASP L 88 -26.60 -23.41 -18.93
N ALA L 89 -26.22 -24.21 -19.93
CA ALA L 89 -25.78 -25.57 -19.64
C ALA L 89 -24.46 -25.61 -18.87
N GLY L 90 -23.61 -24.59 -19.02
CA GLY L 90 -22.35 -24.58 -18.33
C GLY L 90 -22.40 -24.05 -16.91
N THR L 91 -23.24 -23.05 -16.67
CA THR L 91 -23.22 -22.28 -15.44
C THR L 91 -24.51 -22.35 -14.66
N HIS L 92 -25.58 -22.83 -15.27
CA HIS L 92 -26.92 -22.87 -14.69
C HIS L 92 -27.54 -21.48 -14.49
N ASP L 93 -26.98 -20.42 -15.09
CA ASP L 93 -27.68 -19.15 -15.12
C ASP L 93 -29.10 -19.37 -15.62
N GLY L 94 -30.05 -18.66 -15.00
CA GLY L 94 -31.42 -18.76 -15.43
C GLY L 94 -31.62 -18.06 -16.75
N LEU L 95 -32.53 -18.62 -17.54
CA LEU L 95 -32.90 -18.02 -18.81
C LEU L 95 -34.40 -17.84 -18.86
N LEU L 96 -34.85 -16.98 -19.74
CA LEU L 96 -36.28 -16.78 -19.92
C LEU L 96 -36.77 -17.60 -21.09
N VAL L 97 -38.02 -18.05 -21.00
CA VAL L 97 -38.70 -18.74 -22.08
C VAL L 97 -40.04 -18.03 -22.27
N ASN L 98 -40.24 -17.44 -23.44
CA ASN L 98 -41.39 -16.58 -23.69
C ASN L 98 -41.50 -15.52 -22.57
N GLN L 99 -40.35 -14.94 -22.21
CA GLN L 99 -40.23 -13.86 -21.24
C GLN L 99 -40.60 -14.24 -19.82
N THR L 100 -40.77 -15.52 -19.51
CA THR L 100 -41.04 -15.88 -18.12
C THR L 100 -40.16 -17.03 -17.65
N GLU L 101 -40.41 -17.52 -16.45
CA GLU L 101 -39.54 -18.49 -15.83
C GLU L 101 -39.80 -19.87 -16.38
N LEU L 102 -41.08 -20.23 -16.51
CA LEU L 102 -41.50 -21.58 -16.81
C LEU L 102 -42.29 -21.64 -18.11
N PHE L 103 -42.12 -22.74 -18.84
CA PHE L 103 -42.87 -22.96 -20.07
C PHE L 103 -43.74 -24.19 -19.90
N VAL L 104 -45.03 -24.04 -20.17
CA VAL L 104 -45.98 -25.14 -20.04
C VAL L 104 -46.61 -25.39 -21.41
N PRO L 105 -46.28 -26.49 -22.08
CA PRO L 105 -46.88 -26.81 -23.39
C PRO L 105 -48.40 -26.81 -23.33
N SER L 106 -49.03 -26.19 -24.31
CA SER L 106 -50.47 -26.13 -24.40
C SER L 106 -50.97 -27.00 -25.57
N LEU L 107 -52.26 -26.85 -25.90
CA LEU L 107 -52.84 -27.52 -27.06
C LEU L 107 -52.34 -26.91 -28.37
N ASN L 108 -51.93 -27.77 -29.30
CA ASN L 108 -51.51 -27.34 -30.63
C ASN L 108 -52.71 -26.94 -31.46
N VAL L 109 -52.78 -25.67 -31.83
CA VAL L 109 -53.89 -25.18 -32.64
C VAL L 109 -53.53 -25.25 -34.12
N ASP L 110 -54.44 -25.83 -34.91
CA ASP L 110 -54.27 -25.94 -36.36
C ASP L 110 -52.94 -26.61 -36.72
N GLY L 111 -52.54 -27.58 -35.91
CA GLY L 111 -51.30 -28.28 -36.16
C GLY L 111 -50.05 -27.43 -36.03
N GLN L 112 -50.14 -26.26 -35.36
CA GLN L 112 -48.93 -25.48 -35.15
C GLN L 112 -48.20 -25.93 -33.88
N PRO L 113 -46.89 -26.12 -33.93
CA PRO L 113 -46.13 -26.29 -32.69
C PRO L 113 -46.15 -25.03 -31.85
N ILE L 114 -46.06 -25.21 -30.53
CA ILE L 114 -45.91 -24.10 -29.62
C ILE L 114 -44.43 -23.72 -29.58
N PHE L 115 -44.16 -22.43 -29.70
CA PHE L 115 -42.78 -21.97 -29.64
C PHE L 115 -42.40 -21.62 -28.20
N ALA L 116 -41.23 -22.13 -27.78
CA ALA L 116 -40.60 -21.81 -26.50
C ALA L 116 -39.38 -20.96 -26.85
N ASN L 117 -39.56 -19.65 -26.84
CA ASN L 117 -38.50 -18.73 -27.19
C ASN L 117 -37.64 -18.47 -25.96
N ILE L 118 -36.42 -18.99 -25.99
CA ILE L 118 -35.50 -18.95 -24.86
C ILE L 118 -34.61 -17.75 -25.09
N THR L 119 -34.61 -16.81 -24.15
CA THR L 119 -33.78 -15.62 -24.28
C THR L 119 -33.04 -15.38 -22.98
N LEU L 120 -31.94 -14.65 -23.13
CA LEU L 120 -31.27 -14.02 -22.00
C LEU L 120 -32.24 -13.08 -21.29
N PRO L 121 -32.32 -13.12 -19.97
CA PRO L 121 -32.93 -11.99 -19.26
C PRO L 121 -31.97 -10.81 -19.26
N VAL L 122 -32.50 -9.65 -18.87
CA VAL L 122 -31.66 -8.53 -18.46
C VAL L 122 -31.21 -8.85 -17.05
N TYR L 123 -30.05 -9.46 -16.92
CA TYR L 123 -29.55 -9.67 -15.57
C TYR L 123 -29.28 -8.32 -14.94
N THR L 124 -29.43 -8.26 -13.62
CA THR L 124 -28.87 -7.14 -12.90
C THR L 124 -27.39 -7.06 -13.20
N LEU L 125 -26.84 -5.86 -13.10
CA LEU L 125 -25.40 -5.72 -13.27
C LEU L 125 -24.63 -6.54 -12.23
N LYS L 126 -25.17 -6.65 -11.02
CA LYS L 126 -24.49 -7.44 -10.00
C LYS L 126 -24.43 -8.91 -10.41
N GLU L 127 -25.59 -9.49 -10.80
CA GLU L 127 -25.59 -10.89 -11.21
C GLU L 127 -24.69 -11.11 -12.42
N ARG L 128 -24.64 -10.14 -13.33
CA ARG L 128 -23.81 -10.28 -14.50
C ARG L 128 -22.33 -10.28 -14.15
N CYS L 129 -21.89 -9.39 -13.25
CA CYS L 129 -20.49 -9.41 -12.81
C CYS L 129 -20.17 -10.72 -12.10
N LEU L 130 -21.05 -11.16 -11.20
CA LEU L 130 -20.83 -12.43 -10.53
C LEU L 130 -20.64 -13.55 -11.55
N GLN L 131 -21.44 -13.53 -12.63
CA GLN L 131 -21.30 -14.54 -13.68
C GLN L 131 -19.92 -14.51 -14.31
N VAL L 132 -19.44 -13.31 -14.64
CA VAL L 132 -18.15 -13.16 -15.32
C VAL L 132 -16.99 -13.60 -14.42
N VAL L 133 -17.03 -13.21 -13.15
CA VAL L 133 -15.97 -13.56 -12.21
C VAL L 133 -15.94 -15.07 -11.99
N ARG L 134 -17.10 -15.69 -11.74
CA ARG L 134 -17.19 -17.15 -11.67
C ARG L 134 -16.61 -17.82 -12.90
N SER L 135 -16.81 -17.22 -14.08
CA SER L 135 -16.27 -17.83 -15.28
C SER L 135 -14.76 -17.71 -15.37
N LEU L 136 -14.16 -16.84 -14.57
CA LEU L 136 -12.72 -16.60 -14.61
C LEU L 136 -12.01 -17.10 -13.37
N VAL L 137 -12.70 -17.22 -12.24
CA VAL L 137 -12.09 -17.62 -10.99
C VAL L 137 -12.64 -18.99 -10.63
N LYS L 138 -11.75 -19.97 -10.48
CA LYS L 138 -12.15 -21.28 -9.99
C LYS L 138 -12.58 -21.18 -8.52
N PRO L 139 -13.63 -21.91 -8.12
CA PRO L 139 -14.22 -21.67 -6.80
C PRO L 139 -13.26 -21.88 -5.64
N GLU L 140 -12.19 -22.65 -5.83
CA GLU L 140 -11.18 -22.80 -4.79
C GLU L 140 -10.45 -21.48 -4.51
N ASN L 141 -10.52 -20.52 -5.45
CA ASN L 141 -9.77 -19.28 -5.37
C ASN L 141 -10.64 -18.04 -5.13
N TYR L 142 -11.95 -18.21 -4.88
CA TYR L 142 -12.79 -17.03 -4.62
C TYR L 142 -12.24 -16.23 -3.45
N ARG L 143 -11.80 -16.92 -2.40
CA ARG L 143 -11.28 -16.26 -1.22
C ARG L 143 -9.98 -15.53 -1.48
N ARG L 144 -9.26 -15.86 -2.56
CA ARG L 144 -8.07 -15.11 -2.94
C ARG L 144 -8.37 -13.79 -3.66
N LEU L 145 -9.62 -13.33 -3.64
CA LEU L 145 -10.03 -12.09 -4.29
C LEU L 145 -10.22 -11.00 -3.24
N ASP L 146 -9.75 -9.79 -3.52
CA ASP L 146 -9.81 -8.71 -2.54
C ASP L 146 -11.19 -8.05 -2.62
N ILE L 147 -12.15 -8.64 -1.90
CA ILE L 147 -13.53 -8.17 -1.86
C ILE L 147 -14.13 -8.45 -0.48
N VAL L 148 -15.26 -7.78 -0.20
CA VAL L 148 -15.94 -7.95 1.07
C VAL L 148 -16.45 -9.38 1.19
N ARG L 149 -16.71 -9.80 2.43
CA ARG L 149 -17.15 -11.17 2.65
C ARG L 149 -18.52 -11.42 2.03
N SER L 150 -19.42 -10.42 2.06
CA SER L 150 -20.73 -10.68 1.49
C SER L 150 -20.65 -10.96 0.00
N LEU L 151 -19.71 -10.32 -0.71
CA LEU L 151 -19.55 -10.63 -2.13
C LEU L 151 -18.95 -12.02 -2.34
N TYR L 152 -18.05 -12.45 -1.44
CA TYR L 152 -17.58 -13.83 -1.47
C TYR L 152 -18.75 -14.80 -1.46
N GLU L 153 -19.68 -14.59 -0.52
CA GLU L 153 -20.85 -15.44 -0.38
C GLU L 153 -21.71 -15.36 -1.63
N ASP L 154 -21.77 -14.17 -2.25
CA ASP L 154 -22.48 -14.04 -3.51
C ASP L 154 -21.80 -14.86 -4.61
N LEU L 155 -20.47 -14.83 -4.68
CA LEU L 155 -19.76 -15.63 -5.68
C LEU L 155 -20.06 -17.11 -5.51
N GLU L 156 -20.08 -17.59 -4.26
CA GLU L 156 -20.28 -19.01 -3.97
C GLU L 156 -21.72 -19.45 -4.13
N ASP L 157 -22.69 -18.54 -4.00
CA ASP L 157 -24.09 -18.88 -4.19
C ASP L 157 -24.44 -19.02 -5.68
N HIS L 158 -23.84 -20.07 -6.32
CA HIS L 158 -24.01 -20.43 -7.72
C HIS L 158 -25.49 -20.56 -8.06
N PRO L 159 -25.89 -20.15 -9.26
CA PRO L 159 -27.27 -20.39 -9.69
C PRO L 159 -27.54 -21.88 -9.65
N ASN L 160 -28.75 -22.23 -9.24
CA ASN L 160 -28.99 -23.61 -8.88
C ASN L 160 -30.45 -23.91 -9.15
N VAL L 161 -30.74 -24.98 -9.88
CA VAL L 161 -32.12 -25.20 -10.31
C VAL L 161 -32.99 -25.55 -9.13
N GLN L 162 -32.51 -26.45 -8.25
CA GLN L 162 -33.28 -26.83 -7.07
C GLN L 162 -33.59 -25.62 -6.21
N LYS L 163 -32.58 -24.78 -5.95
CA LYS L 163 -32.77 -23.56 -5.18
C LYS L 163 -33.75 -22.61 -5.86
N ASP L 164 -33.59 -22.37 -7.18
CA ASP L 164 -34.56 -21.55 -7.91
C ASP L 164 -35.95 -22.16 -7.83
N LEU L 165 -36.05 -23.49 -7.95
CA LEU L 165 -37.36 -24.12 -7.87
C LEU L 165 -37.96 -23.92 -6.47
N GLU L 166 -37.12 -23.97 -5.43
CA GLU L 166 -37.63 -23.69 -4.09
C GLU L 166 -38.09 -22.24 -3.98
N ARG L 167 -37.38 -21.33 -4.64
CA ARG L 167 -37.78 -19.93 -4.63
C ARG L 167 -39.15 -19.74 -5.26
N LEU L 168 -39.33 -20.26 -6.48
CA LEU L 168 -40.61 -20.11 -7.18
C LEU L 168 -41.78 -20.67 -6.38
N THR L 169 -41.57 -21.81 -5.70
CA THR L 169 -42.67 -22.45 -4.99
C THR L 169 -43.17 -21.59 -3.84
N GLN L 170 -42.30 -20.79 -3.23
CA GLN L 170 -42.74 -19.85 -2.20
C GLN L 170 -43.73 -18.82 -2.74
N GLU L 171 -43.66 -18.50 -4.03
CA GLU L 171 -44.61 -17.58 -4.65
C GLU L 171 -45.69 -18.34 -5.43
#